data_9NQ9
#
_entry.id   9NQ9
#
_cell.length_a   1.00
_cell.length_b   1.00
_cell.length_c   1.00
_cell.angle_alpha   90.00
_cell.angle_beta   90.00
_cell.angle_gamma   90.00
#
_symmetry.space_group_name_H-M   'P 1'
#
loop_
_entity.id
_entity.type
_entity.pdbx_description
1 polymer 'Transient receptor potential cation channel subfamily V member 6'
2 non-polymer 'CHOLESTEROL HEMISUCCINATE'
3 non-polymer '(2S)-3-(hexadecanoyloxy)-2-[(9Z)-octadec-9-enoyloxy]propyl 2-(trimethylammonio)ethyl phosphate'
4 non-polymer 'MAGNESIUM ION'
#
_entity_poly.entity_id   1
_entity_poly.type   'polypeptide(L)'
_entity_poly.pdbx_seq_one_letter_code
;ESWAQSRDEQNLLQQKRIWESPLLLAAKDNDVQALNKLLKYEDCKVHQRGAMGETALHIAALYDNLEAAMVLMEAAPELV
FEPMTSELYEGQTALHIAVVNQNMNLVRALLARRASVSARATGTAFRRSPCNLIYFGEHPLSFAACVNSEEIVRLLIEHG
ADIRAQDSLGNTVLHILILQPNKTFACQMYNLLLSYDRHGDHLQPLDLVPNHQGLTPFKLAGVEGNTVMFQHLMQKRKHT
QWTYGPLTSTLYDLTEIDSSGDEQSLLELIITTKKREARQILDQTPVKELVSLKWKRYGRPYFCMLGAIYLLYIICFTMC
CIYRPLKPRTNNRTSPRDNTLLQQKLLQEAYMTPKDDIRLVGELVTVIGAIIILLVEVPDIFRMGVTRFFGQTILGGPFH
VLIITYAFMVLVTMVMRLISASGEVVPMSFALVLGWCNVMYFARGFQMLGPFTIMIQKMIFGDLMRFCWLMAVVILGFAS
AFYIIFQTEDPEELGHFYDYPMALFSTFELFLTIIDGPANYNVDLPFMYSITYAAFAIIATLLMLNLLIAMMGDTHWRVA
HERDELWRAQIVATTVMLERKLPRCLWPRSGICGREYGLGDRWFLRVEDRQD
;
_entity_poly.pdbx_strand_id   A,B,C,D
#
loop_
_chem_comp.id
_chem_comp.type
_chem_comp.name
_chem_comp.formula
MG non-polymer 'MAGNESIUM ION' 'Mg 2'
POV non-polymer '(2S)-3-(hexadecanoyloxy)-2-[(9Z)-octadec-9-enoyloxy]propyl 2-(trimethylammonio)ethyl phosphate' 'C42 H82 N O8 P'
Y01 non-polymer 'CHOLESTEROL HEMISUCCINATE' 'C31 H50 O4'
#
# COMPACT_ATOMS: atom_id res chain seq x y z
N GLU A 1 -30.02 25.04 11.81
CA GLU A 1 -30.80 25.04 10.60
C GLU A 1 -31.79 26.20 10.59
N SER A 2 -32.68 26.18 11.59
CA SER A 2 -33.67 27.24 11.73
C SER A 2 -33.02 28.58 12.05
N TRP A 3 -31.95 28.57 12.85
CA TRP A 3 -31.24 29.81 13.13
C TRP A 3 -30.51 30.32 11.90
N ALA A 4 -29.90 29.40 11.15
CA ALA A 4 -29.26 29.76 9.88
C ALA A 4 -30.27 30.27 8.87
N GLN A 5 -31.49 29.73 8.91
CA GLN A 5 -32.59 30.25 8.10
C GLN A 5 -32.92 31.69 8.47
N SER A 6 -32.98 31.98 9.77
CA SER A 6 -33.39 33.30 10.25
C SER A 6 -32.35 34.36 9.91
N ARG A 7 -31.06 34.02 10.03
CA ARG A 7 -29.98 34.98 9.76
C ARG A 7 -30.04 35.45 8.32
N ASP A 8 -30.27 34.52 7.40
CA ASP A 8 -30.32 34.84 6.00
C ASP A 8 -31.51 35.72 5.68
N GLU A 9 -32.67 35.40 6.27
CA GLU A 9 -33.87 36.22 6.11
C GLU A 9 -33.67 37.60 6.68
N GLN A 10 -32.99 37.68 7.83
CA GLN A 10 -32.65 38.98 8.41
C GLN A 10 -31.67 39.74 7.52
N ASN A 11 -30.76 39.02 6.88
CA ASN A 11 -29.84 39.65 5.94
C ASN A 11 -30.54 40.05 4.65
N LEU A 12 -31.53 39.27 4.22
CA LEU A 12 -32.35 39.70 3.09
C LEU A 12 -33.36 40.77 3.51
N LEU A 13 -33.80 40.76 4.78
CA LEU A 13 -34.61 41.87 5.28
C LEU A 13 -33.83 43.17 5.27
N GLN A 14 -32.52 43.11 5.57
CA GLN A 14 -31.73 44.33 5.65
C GLN A 14 -31.55 44.98 4.29
N GLN A 15 -31.44 44.18 3.24
CA GLN A 15 -31.29 44.71 1.88
C GLN A 15 -32.57 45.40 1.41
N LYS A 16 -33.73 44.94 1.90
CA LYS A 16 -34.97 45.66 1.63
C LYS A 16 -35.01 47.00 2.35
N ARG A 17 -34.60 47.01 3.63
CA ARG A 17 -34.66 48.23 4.44
C ARG A 17 -33.75 49.31 3.89
N ILE A 18 -32.65 48.93 3.23
CA ILE A 18 -31.81 49.90 2.55
C ILE A 18 -32.54 50.51 1.36
N TRP A 19 -33.28 49.69 0.62
CA TRP A 19 -33.92 50.17 -0.61
C TRP A 19 -35.10 51.09 -0.34
N GLU A 20 -35.81 50.86 0.77
CA GLU A 20 -36.99 51.66 1.08
C GLU A 20 -36.63 53.11 1.37
N SER A 21 -35.63 53.34 2.21
CA SER A 21 -35.22 54.70 2.52
C SER A 21 -34.26 55.17 1.45
N PRO A 22 -34.57 56.26 0.74
CA PRO A 22 -33.60 56.80 -0.24
C PRO A 22 -32.32 57.29 0.41
N LEU A 23 -32.40 57.75 1.66
CA LEU A 23 -31.21 58.18 2.39
C LEU A 23 -30.32 56.98 2.72
N LEU A 24 -30.92 55.88 3.18
CA LEU A 24 -30.17 54.65 3.41
C LEU A 24 -29.67 54.06 2.11
N LEU A 25 -30.41 54.24 1.01
CA LEU A 25 -29.93 53.80 -0.28
C LEU A 25 -28.72 54.63 -0.72
N ALA A 26 -28.76 55.94 -0.46
CA ALA A 26 -27.64 56.82 -0.80
C ALA A 26 -26.41 56.48 0.03
N ALA A 27 -26.62 56.01 1.26
CA ALA A 27 -25.51 55.57 2.10
C ALA A 27 -24.85 54.32 1.54
N LYS A 28 -25.62 53.46 0.88
CA LYS A 28 -25.09 52.23 0.31
C LYS A 28 -24.10 52.49 -0.83
N ASP A 29 -24.24 53.61 -1.54
CA ASP A 29 -23.32 53.95 -2.61
C ASP A 29 -22.69 55.32 -2.46
N HIS A 47 -32.46 59.32 11.21
CA HIS A 47 -32.81 58.67 12.46
C HIS A 47 -33.46 57.32 12.22
N GLN A 48 -33.70 57.03 10.95
CA GLN A 48 -34.33 55.77 10.57
C GLN A 48 -33.39 54.59 10.79
N ARG A 49 -33.96 53.45 11.18
CA ARG A 49 -33.16 52.25 11.41
C ARG A 49 -33.70 51.09 10.60
N GLY A 50 -32.80 50.19 10.22
CA GLY A 50 -33.13 49.06 9.39
C GLY A 50 -33.54 47.83 10.20
N ALA A 51 -33.50 46.69 9.53
CA ALA A 51 -33.87 45.42 10.17
C ALA A 51 -32.86 45.00 11.22
N MET A 52 -31.58 45.25 10.97
CA MET A 52 -30.52 44.98 11.93
C MET A 52 -30.36 46.07 12.98
N GLY A 53 -31.20 47.08 12.98
CA GLY A 53 -31.00 48.20 13.86
C GLY A 53 -29.92 49.16 13.39
N GLU A 54 -29.42 48.97 12.18
CA GLU A 54 -28.33 49.78 11.66
C GLU A 54 -28.83 51.18 11.32
N THR A 55 -27.89 52.06 11.04
CA THR A 55 -28.20 53.41 10.60
C THR A 55 -27.51 53.64 9.26
N ALA A 56 -27.64 54.87 8.75
CA ALA A 56 -26.97 55.22 7.50
C ALA A 56 -25.45 55.26 7.68
N LEU A 57 -25.00 55.66 8.86
CA LEU A 57 -23.57 55.66 9.15
C LEU A 57 -23.01 54.24 9.18
N HIS A 58 -23.81 53.29 9.67
CA HIS A 58 -23.40 51.89 9.70
C HIS A 58 -23.26 51.33 8.29
N ILE A 59 -24.22 51.63 7.41
CA ILE A 59 -24.22 51.11 6.04
C ILE A 59 -23.10 51.76 5.24
N ALA A 60 -22.84 53.05 5.46
CA ALA A 60 -21.73 53.71 4.78
C ALA A 60 -20.39 53.13 5.24
N ALA A 61 -20.26 52.85 6.54
CA ALA A 61 -19.08 52.17 7.06
C ALA A 61 -19.00 50.74 6.53
N LEU A 62 -20.15 50.10 6.30
CA LEU A 62 -20.18 48.70 5.89
C LEU A 62 -19.61 48.52 4.49
N TYR A 63 -20.02 49.38 3.56
CA TYR A 63 -19.58 49.30 2.18
C TYR A 63 -18.39 50.22 1.91
N ASP A 64 -17.77 50.75 2.97
CA ASP A 64 -16.65 51.71 2.91
C ASP A 64 -17.02 52.96 2.13
N ASN A 65 -18.17 53.56 2.47
CA ASN A 65 -18.60 54.82 1.86
C ASN A 65 -18.20 55.97 2.77
N LEU A 66 -17.01 56.50 2.50
CA LEU A 66 -16.44 57.55 3.34
C LEU A 66 -17.24 58.85 3.23
N GLU A 67 -17.56 59.25 2.00
CA GLU A 67 -18.20 60.53 1.77
C GLU A 67 -19.64 60.53 2.28
N ALA A 68 -20.32 59.38 2.21
CA ALA A 68 -21.65 59.27 2.78
C ALA A 68 -21.60 59.31 4.30
N ALA A 69 -20.55 58.71 4.88
CA ALA A 69 -20.38 58.70 6.33
C ALA A 69 -20.12 60.10 6.86
N MET A 70 -19.31 60.88 6.15
CA MET A 70 -18.96 62.21 6.60
C MET A 70 -20.18 63.14 6.58
N VAL A 71 -20.97 63.08 5.51
CA VAL A 71 -22.15 63.92 5.38
C VAL A 71 -23.20 63.55 6.43
N LEU A 72 -23.34 62.25 6.71
CA LEU A 72 -24.26 61.81 7.75
C LEU A 72 -23.77 62.18 9.14
N MET A 73 -22.45 62.12 9.39
CA MET A 73 -21.99 62.46 10.72
C MET A 73 -21.97 63.97 10.95
N GLU A 74 -21.94 64.77 9.88
CA GLU A 74 -22.12 66.21 10.04
C GLU A 74 -23.53 66.53 10.51
N ALA A 75 -24.52 65.85 9.93
CA ALA A 75 -25.91 66.12 10.29
C ALA A 75 -26.22 65.56 11.67
N ALA A 76 -26.10 64.24 11.84
CA ALA A 76 -26.12 63.56 13.12
C ALA A 76 -24.72 63.23 13.65
N PRO A 77 -24.17 63.98 14.59
CA PRO A 77 -22.99 63.49 15.33
C PRO A 77 -23.34 62.58 16.49
N GLU A 78 -24.63 62.50 16.83
CA GLU A 78 -25.12 61.52 17.79
C GLU A 78 -25.18 60.12 17.19
N LEU A 79 -25.12 60.04 15.86
CA LEU A 79 -25.24 58.76 15.17
C LEU A 79 -24.03 57.88 15.40
N VAL A 80 -22.88 58.52 15.68
CA VAL A 80 -21.64 57.79 15.99
C VAL A 80 -21.78 56.99 17.27
N PHE A 81 -22.45 57.57 18.27
CA PHE A 81 -22.62 56.90 19.55
C PHE A 81 -23.59 55.72 19.45
N GLU A 82 -24.51 55.75 18.48
CA GLU A 82 -25.64 54.84 18.48
C GLU A 82 -25.20 53.42 18.09
N PRO A 83 -25.61 52.41 18.87
CA PRO A 83 -25.29 51.03 18.51
C PRO A 83 -26.38 50.38 17.67
N MET A 84 -26.04 49.32 16.95
CA MET A 84 -27.06 48.47 16.34
C MET A 84 -27.92 47.83 17.42
N THR A 85 -29.20 47.68 17.14
CA THR A 85 -30.16 47.19 18.13
C THR A 85 -30.62 45.76 17.89
N SER A 86 -30.07 45.06 16.90
CA SER A 86 -30.52 43.70 16.63
C SER A 86 -29.97 42.72 17.66
N GLU A 87 -30.55 41.53 17.69
CA GLU A 87 -29.94 40.45 18.48
C GLU A 87 -28.67 39.95 17.83
N LEU A 88 -28.61 40.01 16.50
CA LEU A 88 -27.48 39.44 15.77
C LEU A 88 -26.24 40.32 15.89
N TYR A 89 -26.42 41.64 15.92
CA TYR A 89 -25.30 42.57 15.97
C TYR A 89 -25.38 43.52 17.16
N GLU A 90 -25.82 43.03 18.32
CA GLU A 90 -26.09 43.87 19.49
C GLU A 90 -24.84 44.58 20.01
N GLY A 91 -24.97 45.88 20.21
CA GLY A 91 -23.91 46.69 20.76
C GLY A 91 -22.93 47.20 19.75
N GLN A 92 -23.03 46.78 18.50
CA GLN A 92 -22.05 47.17 17.51
C GLN A 92 -22.31 48.59 17.05
N THR A 93 -21.24 49.38 17.01
CA THR A 93 -21.32 50.73 16.50
C THR A 93 -20.59 50.80 15.17
N ALA A 94 -20.62 51.99 14.57
CA ALA A 94 -19.93 52.21 13.29
C ALA A 94 -18.42 52.06 13.42
N LEU A 95 -17.88 52.30 14.63
CA LEU A 95 -16.45 52.17 14.84
C LEU A 95 -16.00 50.73 14.68
N HIS A 96 -16.80 49.77 15.16
CA HIS A 96 -16.52 48.36 14.92
C HIS A 96 -16.47 48.03 13.44
N ILE A 97 -17.39 48.60 12.66
CA ILE A 97 -17.50 48.27 11.24
C ILE A 97 -16.32 48.83 10.45
N ALA A 98 -15.97 50.08 10.73
CA ALA A 98 -14.88 50.73 10.03
C ALA A 98 -13.54 50.11 10.40
N VAL A 99 -13.43 49.59 11.63
CA VAL A 99 -12.21 48.92 12.07
C VAL A 99 -11.98 47.62 11.28
N VAL A 100 -13.00 46.76 11.17
CA VAL A 100 -12.81 45.48 10.49
C VAL A 100 -12.70 45.67 8.98
N ASN A 101 -13.31 46.73 8.45
CA ASN A 101 -13.20 47.02 7.03
C ASN A 101 -11.94 47.79 6.70
N GLN A 102 -11.21 48.24 7.73
CA GLN A 102 -9.88 48.82 7.63
C GLN A 102 -9.88 50.12 6.84
N ASN A 103 -10.95 50.89 6.97
CA ASN A 103 -11.02 52.23 6.42
C ASN A 103 -10.36 53.15 7.44
N MET A 104 -9.11 53.50 7.17
CA MET A 104 -8.33 54.30 8.12
C MET A 104 -8.91 55.69 8.29
N ASN A 105 -9.26 56.34 7.18
CA ASN A 105 -9.70 57.72 7.21
C ASN A 105 -11.07 57.86 7.87
N LEU A 106 -11.91 56.82 7.77
CA LEU A 106 -13.15 56.80 8.52
C LEU A 106 -12.91 56.61 10.01
N VAL A 107 -11.94 55.76 10.36
CA VAL A 107 -11.64 55.51 11.78
C VAL A 107 -11.11 56.78 12.45
N ARG A 108 -10.26 57.52 11.74
CA ARG A 108 -9.82 58.83 12.21
C ARG A 108 -10.99 59.78 12.37
N ALA A 109 -11.88 59.80 11.37
CA ALA A 109 -13.03 60.69 11.42
C ALA A 109 -14.02 60.28 12.51
N LEU A 110 -14.15 58.98 12.77
CA LEU A 110 -15.05 58.54 13.83
C LEU A 110 -14.50 58.87 15.21
N LEU A 111 -13.18 58.72 15.40
CA LEU A 111 -12.57 59.10 16.68
C LEU A 111 -12.62 60.60 16.91
N ALA A 112 -12.55 61.38 15.83
CA ALA A 112 -12.64 62.83 15.93
C ALA A 112 -14.02 63.27 16.44
N ARG A 113 -15.04 62.46 16.20
CA ARG A 113 -16.39 62.74 16.69
C ARG A 113 -16.67 62.02 18.01
N ARG A 114 -15.61 61.73 18.79
CA ARG A 114 -15.69 61.17 20.15
C ARG A 114 -16.36 59.80 20.18
N ALA A 115 -15.93 58.90 19.29
CA ALA A 115 -16.44 57.53 19.31
C ALA A 115 -15.96 56.79 20.54
N SER A 116 -16.83 55.97 21.11
CA SER A 116 -16.44 55.10 22.20
C SER A 116 -15.50 54.01 21.70
N VAL A 117 -14.28 53.97 22.26
CA VAL A 117 -13.36 52.88 21.98
C VAL A 117 -13.57 51.70 22.90
N SER A 118 -14.46 51.82 23.87
CA SER A 118 -14.69 50.79 24.87
C SER A 118 -16.06 50.13 24.73
N ALA A 119 -16.75 50.35 23.61
CA ALA A 119 -18.06 49.75 23.40
C ALA A 119 -17.95 48.24 23.20
N ARG A 120 -18.93 47.51 23.72
CA ARG A 120 -18.91 46.06 23.68
C ARG A 120 -19.99 45.58 22.72
N ALA A 121 -19.60 44.76 21.75
CA ALA A 121 -20.52 44.18 20.80
C ALA A 121 -20.97 42.81 21.30
N THR A 122 -22.11 42.74 21.96
CA THR A 122 -22.61 41.52 22.56
C THR A 122 -23.50 40.74 21.62
N GLY A 123 -23.37 40.96 20.31
CA GLY A 123 -24.22 40.27 19.36
C GLY A 123 -23.86 38.81 19.23
N THR A 124 -24.85 38.02 18.79
CA THR A 124 -24.66 36.59 18.62
C THR A 124 -23.70 36.27 17.47
N ALA A 125 -23.65 37.13 16.46
CA ALA A 125 -22.72 36.93 15.35
C ALA A 125 -21.27 37.09 15.81
N PHE A 126 -21.05 37.85 16.88
CA PHE A 126 -19.69 38.04 17.36
C PHE A 126 -19.25 36.96 18.33
N ARG A 127 -20.20 36.29 18.99
CA ARG A 127 -19.86 35.34 20.03
C ARG A 127 -19.15 34.12 19.44
N ARG A 128 -18.30 33.49 20.26
CA ARG A 128 -17.53 32.35 19.80
C ARG A 128 -18.45 31.15 19.70
N SER A 129 -18.68 30.69 18.48
CA SER A 129 -19.59 29.60 18.22
C SER A 129 -19.22 28.99 16.87
N PRO A 130 -19.45 27.70 16.65
CA PRO A 130 -19.14 27.10 15.35
C PRO A 130 -19.99 27.62 14.22
N CYS A 131 -21.13 28.23 14.53
CA CYS A 131 -21.98 28.82 13.50
C CYS A 131 -21.36 30.09 12.93
N ASN A 132 -20.60 30.82 13.73
CA ASN A 132 -19.97 32.07 13.31
C ASN A 132 -18.57 31.78 12.85
N LEU A 133 -18.21 32.28 11.67
CA LEU A 133 -16.90 31.97 11.12
C LEU A 133 -15.80 32.79 11.76
N ILE A 134 -16.12 33.99 12.26
CA ILE A 134 -15.14 34.86 12.90
C ILE A 134 -15.43 34.90 14.40
N TYR A 135 -14.37 34.89 15.20
CA TYR A 135 -14.43 35.33 16.59
C TYR A 135 -13.44 36.46 16.75
N PHE A 136 -13.95 37.67 16.91
CA PHE A 136 -13.10 38.84 17.03
C PHE A 136 -13.17 39.48 18.40
N GLY A 137 -13.94 38.93 19.33
CA GLY A 137 -14.12 39.60 20.60
C GLY A 137 -15.29 40.57 20.58
N GLU A 138 -15.21 41.60 21.43
CA GLU A 138 -16.28 42.58 21.58
C GLU A 138 -15.84 44.03 21.47
N HIS A 139 -14.55 44.30 21.50
CA HIS A 139 -14.02 45.65 21.58
C HIS A 139 -13.28 45.99 20.30
N PRO A 140 -13.22 47.29 19.93
CA PRO A 140 -12.55 47.66 18.68
C PRO A 140 -11.05 47.35 18.63
N LEU A 141 -10.37 47.35 19.79
CA LEU A 141 -9.00 46.84 19.86
C LEU A 141 -8.94 45.38 19.42
N SER A 142 -9.86 44.57 19.92
CA SER A 142 -9.85 43.15 19.60
C SER A 142 -10.23 42.94 18.14
N PHE A 143 -11.08 43.79 17.58
CA PHE A 143 -11.41 43.66 16.17
C PHE A 143 -10.23 44.07 15.30
N ALA A 144 -9.52 45.12 15.70
CA ALA A 144 -8.44 45.66 14.88
C ALA A 144 -7.24 44.74 14.84
N ALA A 145 -6.90 44.14 15.98
CA ALA A 145 -5.77 43.22 16.02
C ALA A 145 -6.07 41.96 15.24
N CYS A 146 -7.32 41.52 15.22
CA CYS A 146 -7.67 40.29 14.52
C CYS A 146 -7.65 40.46 13.01
N VAL A 147 -8.02 41.64 12.51
CA VAL A 147 -7.98 41.90 11.07
C VAL A 147 -6.59 42.35 10.66
N ASN A 148 -5.67 42.37 11.63
CA ASN A 148 -4.24 42.68 11.46
C ASN A 148 -4.03 44.11 10.96
N SER A 149 -4.53 45.09 11.69
CA SER A 149 -4.21 46.48 11.44
C SER A 149 -3.39 46.99 12.62
N GLU A 150 -2.08 47.15 12.42
CA GLU A 150 -1.24 47.69 13.48
C GLU A 150 -1.57 49.14 13.75
N GLU A 151 -1.87 49.90 12.70
CA GLU A 151 -2.01 51.35 12.82
C GLU A 151 -3.24 51.73 13.64
N ILE A 152 -4.38 51.05 13.41
CA ILE A 152 -5.58 51.29 14.19
C ILE A 152 -5.35 50.94 15.66
N VAL A 153 -4.62 49.85 15.92
CA VAL A 153 -4.22 49.52 17.28
C VAL A 153 -3.30 50.59 17.85
N ARG A 154 -2.38 51.10 17.02
CA ARG A 154 -1.60 52.25 17.42
C ARG A 154 -2.43 53.52 17.51
N LEU A 155 -3.61 53.56 16.88
CA LEU A 155 -4.46 54.74 16.94
C LEU A 155 -5.50 54.65 18.04
N LEU A 156 -6.06 53.46 18.28
CA LEU A 156 -7.13 53.33 19.27
C LEU A 156 -6.62 53.46 20.70
N ILE A 157 -5.40 52.98 20.96
CA ILE A 157 -4.81 53.11 22.29
C ILE A 157 -4.52 54.57 22.58
N GLU A 158 -4.18 55.35 21.56
CA GLU A 158 -4.04 56.79 21.68
C GLU A 158 -5.35 57.51 22.05
N HIS A 159 -6.49 56.84 21.99
CA HIS A 159 -7.76 57.43 22.34
C HIS A 159 -8.40 56.80 23.57
N GLY A 160 -7.62 56.05 24.35
CA GLY A 160 -8.11 55.56 25.63
C GLY A 160 -8.56 54.12 25.65
N ALA A 161 -8.28 53.36 24.60
CA ALA A 161 -8.70 51.96 24.55
C ALA A 161 -7.90 51.12 25.52
N ASP A 162 -8.61 50.27 26.26
CA ASP A 162 -8.02 49.47 27.31
C ASP A 162 -7.68 48.10 26.76
N ILE A 163 -6.40 47.73 26.89
CA ILE A 163 -5.96 46.43 26.42
C ILE A 163 -6.46 45.32 27.34
N ARG A 164 -6.71 45.64 28.61
CA ARG A 164 -7.12 44.65 29.60
C ARG A 164 -8.61 44.33 29.54
N ALA A 165 -9.29 44.70 28.45
CA ALA A 165 -10.71 44.42 28.30
C ALA A 165 -10.98 42.93 28.18
N GLN A 166 -12.04 42.47 28.83
CA GLN A 166 -12.40 41.07 28.88
C GLN A 166 -13.79 40.89 28.29
N ASP A 167 -14.05 39.71 27.73
CA ASP A 167 -15.31 39.45 27.05
C ASP A 167 -16.30 38.75 27.98
N SER A 168 -17.43 38.33 27.41
CA SER A 168 -18.33 37.43 28.11
C SER A 168 -17.68 36.06 28.30
N LEU A 169 -16.82 35.65 27.37
CA LEU A 169 -15.98 34.48 27.61
C LEU A 169 -14.82 34.78 28.55
N GLY A 170 -14.54 36.05 28.81
CA GLY A 170 -13.44 36.43 29.66
C GLY A 170 -12.13 36.63 28.94
N ASN A 171 -12.11 36.42 27.63
CA ASN A 171 -10.89 36.54 26.86
C ASN A 171 -10.45 37.99 26.76
N THR A 172 -9.17 38.22 26.94
CA THR A 172 -8.61 39.50 26.56
C THR A 172 -8.12 39.37 25.13
N VAL A 173 -7.58 40.47 24.60
CA VAL A 173 -7.10 40.49 23.22
C VAL A 173 -5.93 39.53 23.03
N LEU A 174 -5.21 39.24 24.11
CA LEU A 174 -4.14 38.26 24.08
C LEU A 174 -4.69 36.87 23.83
N HIS A 175 -5.79 36.55 24.50
CA HIS A 175 -6.46 35.28 24.29
C HIS A 175 -7.07 35.18 22.91
N ILE A 176 -7.60 36.30 22.40
CA ILE A 176 -8.34 36.27 21.14
C ILE A 176 -7.42 36.00 19.97
N LEU A 177 -6.21 36.59 20.01
CA LEU A 177 -5.24 36.43 18.92
C LEU A 177 -4.78 34.98 18.77
N ILE A 178 -4.74 34.25 19.88
CA ILE A 178 -4.43 32.83 19.85
C ILE A 178 -5.52 32.05 19.14
N LEU A 179 -6.74 32.56 19.15
CA LEU A 179 -7.88 31.88 18.55
C LEU A 179 -8.10 32.28 17.11
N GLN A 180 -7.04 32.66 16.39
CA GLN A 180 -7.19 33.18 15.05
C GLN A 180 -6.49 32.27 14.05
N PRO A 181 -7.08 32.07 12.87
CA PRO A 181 -6.57 31.04 11.95
C PRO A 181 -5.24 31.38 11.29
N ASN A 182 -4.87 32.65 11.21
CA ASN A 182 -3.58 33.02 10.63
C ASN A 182 -2.62 33.26 11.78
N LYS A 183 -1.88 32.20 12.12
CA LYS A 183 -1.08 32.13 13.34
C LYS A 183 0.15 33.02 13.26
N THR A 184 0.65 33.29 12.06
CA THR A 184 1.84 34.15 11.92
C THR A 184 1.51 35.61 12.24
N PHE A 185 0.39 36.12 11.72
CA PHE A 185 -0.03 37.48 12.05
C PHE A 185 -0.43 37.59 13.51
N ALA A 186 -0.90 36.48 14.08
CA ALA A 186 -1.23 36.43 15.49
C ALA A 186 -0.01 36.68 16.37
N CYS A 187 1.17 36.27 15.89
CA CYS A 187 2.39 36.44 16.68
C CYS A 187 2.77 37.91 16.80
N GLN A 188 2.73 38.64 15.68
CA GLN A 188 3.14 40.04 15.69
C GLN A 188 2.20 40.90 16.52
N MET A 189 0.90 40.66 16.40
CA MET A 189 -0.06 41.46 17.16
C MET A 189 -0.03 41.11 18.64
N TYR A 190 0.35 39.87 18.97
CA TYR A 190 0.62 39.53 20.36
C TYR A 190 1.80 40.33 20.86
N ASN A 191 2.82 40.51 20.02
CA ASN A 191 3.99 41.29 20.38
C ASN A 191 3.64 42.76 20.58
N LEU A 192 2.80 43.31 19.71
CA LEU A 192 2.51 44.74 19.71
C LEU A 192 1.70 45.14 20.93
N LEU A 193 0.63 44.40 21.24
CA LEU A 193 -0.23 44.76 22.35
C LEU A 193 0.46 44.54 23.69
N LEU A 194 1.30 43.51 23.78
CA LEU A 194 1.99 43.22 25.03
C LEU A 194 3.03 44.29 25.33
N SER A 195 3.66 44.84 24.28
CA SER A 195 4.57 45.97 24.42
C SER A 195 3.87 47.26 24.79
N TYR A 196 2.56 47.32 24.74
CA TYR A 196 1.81 48.53 25.07
C TYR A 196 1.22 48.50 26.47
N ASP A 197 1.44 47.43 27.24
CA ASP A 197 0.90 47.40 28.60
C ASP A 197 1.59 48.42 29.50
N ARG A 198 2.88 48.21 29.77
CA ARG A 198 3.73 49.11 30.56
C ARG A 198 3.14 49.41 31.94
N HIS A 199 2.60 48.38 32.60
CA HIS A 199 2.05 48.52 33.94
C HIS A 199 2.68 47.49 34.86
N GLY A 200 3.09 47.94 36.05
CA GLY A 200 3.51 47.03 37.10
C GLY A 200 2.54 47.05 38.26
N ASP A 201 1.71 48.09 38.31
CA ASP A 201 0.78 48.28 39.41
C ASP A 201 -0.33 47.22 39.42
N HIS A 202 -0.73 46.77 38.24
CA HIS A 202 -1.75 45.72 38.15
C HIS A 202 -1.20 44.40 38.68
N LEU A 203 -2.06 43.68 39.41
CA LEU A 203 -1.64 42.48 40.11
C LEU A 203 -1.28 41.36 39.13
N GLN A 204 -1.97 41.32 37.99
CA GLN A 204 -1.62 40.41 36.92
C GLN A 204 -1.21 41.21 35.69
N PRO A 205 -0.02 40.98 35.14
CA PRO A 205 0.26 41.43 33.77
C PRO A 205 -0.60 40.68 32.76
N LEU A 206 -0.61 41.21 31.53
CA LEU A 206 -1.55 40.78 30.51
C LEU A 206 -1.31 39.34 30.04
N ASP A 207 -0.04 38.92 30.02
CA ASP A 207 0.25 37.52 29.73
C ASP A 207 -0.21 36.60 30.86
N LEU A 208 -0.37 37.14 32.06
CA LEU A 208 -0.78 36.35 33.21
C LEU A 208 -2.26 36.47 33.54
N VAL A 209 -3.01 37.30 32.83
CA VAL A 209 -4.45 37.43 33.14
C VAL A 209 -5.18 36.18 32.68
N PRO A 210 -5.84 35.45 33.57
CA PRO A 210 -6.61 34.29 33.12
C PRO A 210 -7.96 34.73 32.58
N ASN A 211 -8.51 33.89 31.71
CA ASN A 211 -9.90 34.08 31.33
C ASN A 211 -10.80 33.41 32.37
N HIS A 212 -12.08 33.30 32.04
CA HIS A 212 -13.04 32.71 32.97
C HIS A 212 -12.81 31.23 33.17
N GLN A 213 -12.31 30.55 32.13
CA GLN A 213 -11.94 29.14 32.26
C GLN A 213 -10.68 28.93 33.09
N GLY A 214 -9.93 29.99 33.37
CA GLY A 214 -8.71 29.86 34.15
C GLY A 214 -7.47 29.69 33.33
N LEU A 215 -7.56 29.81 32.01
CA LEU A 215 -6.45 29.57 31.11
C LEU A 215 -5.77 30.91 30.87
N THR A 216 -4.45 30.92 30.96
CA THR A 216 -3.64 32.08 30.56
C THR A 216 -3.46 32.03 29.05
N PRO A 217 -2.88 33.05 28.40
CA PRO A 217 -2.49 32.89 26.99
C PRO A 217 -1.52 31.76 26.71
N PHE A 218 -0.62 31.45 27.64
CA PHE A 218 0.26 30.30 27.45
C PHE A 218 -0.52 28.99 27.53
N LYS A 219 -1.44 28.89 28.48
CA LYS A 219 -2.26 27.68 28.59
C LYS A 219 -3.22 27.56 27.43
N LEU A 220 -3.73 28.69 26.93
CA LEU A 220 -4.71 28.66 25.85
C LEU A 220 -4.08 28.18 24.55
N ALA A 221 -2.83 28.56 24.30
CA ALA A 221 -2.14 28.09 23.10
C ALA A 221 -1.90 26.59 23.15
N GLY A 222 -1.68 26.05 24.35
CA GLY A 222 -1.57 24.61 24.49
C GLY A 222 -2.87 23.88 24.22
N VAL A 223 -3.97 24.37 24.80
CA VAL A 223 -5.27 23.71 24.69
C VAL A 223 -5.77 23.76 23.26
N GLU A 224 -5.55 24.86 22.56
CA GLU A 224 -6.01 25.00 21.19
C GLU A 224 -5.07 24.38 20.18
N GLY A 225 -3.90 23.91 20.62
CA GLY A 225 -2.89 23.41 19.70
C GLY A 225 -2.34 24.47 18.78
N ASN A 226 -2.16 25.68 19.29
CA ASN A 226 -1.55 26.77 18.54
C ASN A 226 -0.05 26.65 18.75
N THR A 227 0.62 25.96 17.83
CA THR A 227 2.00 25.54 18.04
C THR A 227 2.97 26.71 18.03
N VAL A 228 2.83 27.63 17.09
CA VAL A 228 3.79 28.73 17.02
C VAL A 228 3.54 29.73 18.12
N MET A 229 2.31 29.84 18.61
CA MET A 229 2.07 30.67 19.78
C MET A 229 2.52 29.97 21.05
N PHE A 230 2.58 28.64 21.03
CA PHE A 230 3.21 27.93 22.12
C PHE A 230 4.71 28.21 22.14
N GLN A 231 5.34 28.21 20.96
CA GLN A 231 6.79 28.39 20.87
C GLN A 231 7.22 29.80 21.23
N HIS A 232 6.48 30.81 20.76
CA HIS A 232 6.83 32.19 21.10
C HIS A 232 6.64 32.48 22.57
N LEU A 233 5.58 31.93 23.17
CA LEU A 233 5.40 32.13 24.60
C LEU A 233 6.41 31.34 25.41
N MET A 234 6.99 30.29 24.83
CA MET A 234 7.94 29.48 25.57
C MET A 234 9.30 30.18 25.67
N GLN A 235 9.65 31.01 24.67
CA GLN A 235 10.89 31.78 24.74
C GLN A 235 10.94 32.73 25.93
N LYS A 236 9.79 33.22 26.37
CA LYS A 236 9.75 34.02 27.59
C LYS A 236 10.07 33.16 28.81
N ARG A 237 9.73 31.87 28.75
CA ARG A 237 9.98 30.95 29.85
C ARG A 237 11.25 30.13 29.66
N LYS A 238 12.18 30.58 28.83
CA LYS A 238 13.48 29.92 28.64
C LYS A 238 14.57 30.80 29.21
N HIS A 239 15.47 30.19 29.98
CA HIS A 239 16.69 30.85 30.41
C HIS A 239 17.86 29.99 29.95
N THR A 240 18.77 30.58 29.18
CA THR A 240 19.92 29.86 28.65
C THR A 240 21.10 30.00 29.60
N GLN A 241 21.54 28.89 30.18
CA GLN A 241 22.55 28.94 31.22
C GLN A 241 23.93 29.20 30.65
N TRP A 242 24.38 28.35 29.75
CA TRP A 242 25.66 28.50 29.10
C TRP A 242 25.60 27.89 27.70
N THR A 243 26.58 28.26 26.88
CA THR A 243 26.70 27.76 25.52
C THR A 243 28.14 27.33 25.28
N TYR A 244 28.34 26.07 24.89
CA TYR A 244 29.67 25.47 24.84
C TYR A 244 29.89 24.97 23.42
N GLY A 245 30.27 25.89 22.55
CA GLY A 245 30.34 25.62 21.13
C GLY A 245 29.00 25.19 20.59
N PRO A 246 28.93 23.93 20.14
CA PRO A 246 27.64 23.38 19.71
C PRO A 246 26.68 23.09 20.85
N LEU A 247 27.18 22.77 22.03
CA LEU A 247 26.28 22.52 23.14
C LEU A 247 25.77 23.81 23.73
N THR A 248 24.53 23.75 24.20
CA THR A 248 23.94 24.82 24.99
C THR A 248 23.05 24.20 26.04
N SER A 249 22.92 24.88 27.16
CA SER A 249 22.07 24.42 28.26
C SER A 249 20.95 25.40 28.45
N THR A 250 19.71 24.90 28.39
CA THR A 250 18.53 25.73 28.49
C THR A 250 17.71 25.27 29.67
N LEU A 251 17.25 26.21 30.48
CA LEU A 251 16.47 25.94 31.67
C LEU A 251 15.05 26.45 31.43
N TYR A 252 14.07 25.58 31.64
CA TYR A 252 12.68 25.88 31.31
C TYR A 252 11.88 26.13 32.58
N ASP A 253 10.94 27.08 32.53
CA ASP A 253 10.25 27.53 33.74
C ASP A 253 9.40 26.42 34.34
N LEU A 254 8.65 25.71 33.49
CA LEU A 254 7.92 24.49 33.82
C LEU A 254 6.81 24.75 34.84
N THR A 255 6.39 26.01 35.00
CA THR A 255 5.41 26.36 36.02
C THR A 255 4.01 25.92 35.62
N GLU A 256 3.61 26.27 34.41
CA GLU A 256 2.24 25.97 33.99
C GLU A 256 2.11 24.64 33.29
N ILE A 257 3.17 24.16 32.64
CA ILE A 257 3.10 22.85 32.02
C ILE A 257 3.18 21.72 33.02
N ASP A 258 3.54 21.99 34.27
CA ASP A 258 3.42 20.97 35.32
C ASP A 258 2.84 21.54 36.62
N SER A 259 1.82 22.39 36.55
CA SER A 259 1.16 22.84 37.76
C SER A 259 0.37 21.70 38.40
N SER A 260 0.73 21.35 39.63
CA SER A 260 0.11 20.21 40.27
C SER A 260 0.16 20.40 41.78
N GLY A 261 -0.78 19.75 42.46
CA GLY A 261 -1.00 19.95 43.88
C GLY A 261 -1.99 21.04 44.21
N ASP A 262 -2.20 21.99 43.30
CA ASP A 262 -3.15 23.08 43.50
C ASP A 262 -4.12 23.26 42.35
N GLU A 263 -3.78 22.82 41.14
CA GLU A 263 -4.58 23.15 39.96
C GLU A 263 -4.25 22.13 38.88
N GLN A 264 -5.08 22.10 37.84
CA GLN A 264 -4.85 21.23 36.69
C GLN A 264 -3.58 21.64 35.95
N SER A 265 -2.86 20.65 35.44
CA SER A 265 -1.69 20.99 34.66
C SER A 265 -2.09 21.34 33.24
N LEU A 266 -1.15 21.93 32.50
CA LEU A 266 -1.34 22.11 31.07
C LEU A 266 -1.38 20.76 30.37
N LEU A 267 -0.62 19.80 30.89
CA LEU A 267 -0.72 18.43 30.39
C LEU A 267 -2.09 17.85 30.65
N GLU A 268 -2.68 18.20 31.80
CA GLU A 268 -4.01 17.70 32.12
C GLU A 268 -5.09 18.33 31.24
N LEU A 269 -4.93 19.61 30.91
CA LEU A 269 -5.88 20.28 30.00
C LEU A 269 -5.84 19.70 28.60
N ILE A 270 -4.67 19.32 28.12
CA ILE A 270 -4.56 18.78 26.76
C ILE A 270 -5.23 17.42 26.66
N ILE A 271 -5.12 16.61 27.71
CA ILE A 271 -5.73 15.28 27.69
C ILE A 271 -7.24 15.38 27.73
N THR A 272 -7.78 16.23 28.61
CA THR A 272 -9.22 16.31 28.77
C THR A 272 -9.91 17.03 27.62
N THR A 273 -9.18 17.85 26.87
CA THR A 273 -9.82 18.57 25.78
C THR A 273 -10.03 17.64 24.60
N LYS A 274 -10.95 18.03 23.73
CA LYS A 274 -11.40 17.20 22.62
C LYS A 274 -10.73 17.55 21.31
N LYS A 275 -9.57 18.22 21.37
CA LYS A 275 -8.89 18.71 20.18
C LYS A 275 -7.71 17.81 19.85
N ARG A 276 -7.69 17.30 18.61
CA ARG A 276 -6.55 16.51 18.18
C ARG A 276 -5.34 17.39 17.90
N GLU A 277 -5.57 18.67 17.65
CA GLU A 277 -4.47 19.60 17.43
C GLU A 277 -3.69 19.88 18.70
N ALA A 278 -4.32 19.71 19.87
CA ALA A 278 -3.66 19.97 21.14
C ALA A 278 -2.53 18.99 21.41
N ARG A 279 -2.62 17.78 20.86
CA ARG A 279 -1.63 16.75 21.17
C ARG A 279 -0.32 16.94 20.42
N GLN A 280 -0.26 17.84 19.44
CA GLN A 280 1.04 18.21 18.88
C GLN A 280 1.89 18.98 19.88
N ILE A 281 1.24 19.66 20.85
CA ILE A 281 1.97 20.37 21.90
C ILE A 281 2.73 19.40 22.79
N LEU A 282 2.31 18.14 22.84
CA LEU A 282 3.07 17.08 23.50
C LEU A 282 4.42 16.81 22.83
N ASP A 283 4.64 17.28 21.61
CA ASP A 283 5.90 17.07 20.92
C ASP A 283 6.79 18.31 20.89
N GLN A 284 6.47 19.31 21.71
CA GLN A 284 7.27 20.51 21.86
C GLN A 284 8.26 20.29 23.00
N THR A 285 9.39 21.01 22.93
CA THR A 285 10.57 20.54 23.66
C THR A 285 10.49 20.53 25.19
N PRO A 286 10.03 21.58 25.92
CA PRO A 286 9.95 21.39 27.38
C PRO A 286 8.90 20.37 27.81
N VAL A 287 7.82 20.23 27.04
CA VAL A 287 6.78 19.25 27.34
C VAL A 287 7.32 17.83 27.16
N LYS A 288 8.06 17.59 26.08
CA LYS A 288 8.45 16.24 25.70
C LYS A 288 9.44 15.62 26.69
N GLU A 289 10.47 16.36 27.07
CA GLU A 289 11.42 15.83 28.04
C GLU A 289 10.83 15.78 29.43
N LEU A 290 9.85 16.64 29.73
CA LEU A 290 9.18 16.55 31.03
C LEU A 290 8.41 15.25 31.15
N VAL A 291 7.66 14.89 30.11
CA VAL A 291 6.83 13.69 30.15
C VAL A 291 7.70 12.45 30.18
N SER A 292 8.75 12.43 29.35
CA SER A 292 9.66 11.28 29.31
C SER A 292 10.42 11.11 30.61
N LEU A 293 10.76 12.22 31.27
CA LEU A 293 11.46 12.12 32.55
C LEU A 293 10.53 11.57 33.63
N LYS A 294 9.34 12.15 33.79
CA LYS A 294 8.45 11.71 34.86
C LYS A 294 7.91 10.31 34.61
N TRP A 295 7.88 9.89 33.33
CA TRP A 295 7.54 8.50 33.04
C TRP A 295 8.64 7.54 33.46
N LYS A 296 9.89 7.85 33.13
CA LYS A 296 10.97 6.93 33.47
C LYS A 296 11.31 6.97 34.96
N ARG A 297 11.17 8.13 35.61
CA ARG A 297 11.53 8.22 37.02
C ARG A 297 10.53 7.50 37.91
N TYR A 298 9.26 7.83 37.80
CA TYR A 298 8.30 7.29 38.74
C TYR A 298 7.09 6.72 38.02
N GLY A 299 6.90 7.13 36.77
CA GLY A 299 5.77 6.66 36.00
C GLY A 299 5.78 5.18 35.68
N ARG A 300 6.88 4.66 35.16
CA ARG A 300 6.93 3.23 34.86
C ARG A 300 6.94 2.33 36.10
N PRO A 301 7.87 2.48 37.09
CA PRO A 301 7.98 1.42 38.10
C PRO A 301 6.77 1.29 39.01
N TYR A 302 5.98 2.36 39.15
CA TYR A 302 4.70 2.21 39.82
C TYR A 302 3.70 1.50 38.95
N PHE A 303 3.64 1.86 37.67
CA PHE A 303 2.62 1.32 36.76
C PHE A 303 2.85 -0.16 36.51
N CYS A 304 4.11 -0.59 36.41
CA CYS A 304 4.41 -2.02 36.35
C CYS A 304 4.16 -2.70 37.68
N MET A 305 4.36 -1.98 38.79
CA MET A 305 3.97 -2.52 40.08
C MET A 305 2.46 -2.59 40.22
N LEU A 306 1.75 -1.55 39.76
CA LEU A 306 0.28 -1.59 39.74
C LEU A 306 -0.22 -2.63 38.75
N GLY A 307 0.59 -2.96 37.75
CA GLY A 307 0.21 -4.02 36.83
C GLY A 307 0.35 -5.41 37.43
N ALA A 308 1.45 -5.65 38.15
CA ALA A 308 1.71 -6.98 38.70
C ALA A 308 0.75 -7.31 39.83
N ILE A 309 0.36 -6.31 40.62
CA ILE A 309 -0.63 -6.50 41.67
C ILE A 309 -1.98 -6.87 41.06
N TYR A 310 -2.35 -6.22 39.96
CA TYR A 310 -3.62 -6.52 39.31
C TYR A 310 -3.60 -7.89 38.65
N LEU A 311 -2.43 -8.32 38.16
CA LEU A 311 -2.32 -9.61 37.52
C LEU A 311 -2.49 -10.75 38.54
N LEU A 312 -1.84 -10.62 39.70
CA LEU A 312 -2.00 -11.62 40.75
C LEU A 312 -3.41 -11.62 41.33
N TYR A 313 -4.09 -10.48 41.28
CA TYR A 313 -5.48 -10.41 41.69
C TYR A 313 -6.39 -11.18 40.75
N ILE A 314 -6.20 -11.04 39.44
CA ILE A 314 -7.03 -11.72 38.46
C ILE A 314 -6.72 -13.22 38.44
N ILE A 315 -5.48 -13.59 38.69
CA ILE A 315 -5.16 -15.01 38.87
C ILE A 315 -5.83 -15.56 40.14
N CYS A 316 -5.90 -14.75 41.19
CA CYS A 316 -6.61 -15.17 42.39
C CYS A 316 -8.12 -15.23 42.16
N PHE A 317 -8.64 -14.32 41.34
CA PHE A 317 -10.06 -14.40 40.99
C PHE A 317 -10.34 -15.59 40.09
N THR A 318 -9.40 -15.96 39.24
CA THR A 318 -9.59 -17.11 38.37
C THR A 318 -9.67 -18.40 39.15
N MET A 319 -8.74 -18.61 40.10
CA MET A 319 -8.69 -19.83 40.87
C MET A 319 -9.93 -20.01 41.75
N CYS A 320 -10.52 -18.92 42.22
CA CYS A 320 -11.76 -19.02 42.97
C CYS A 320 -12.91 -19.43 42.06
N CYS A 321 -12.83 -19.06 40.78
CA CYS A 321 -13.84 -19.47 39.82
C CYS A 321 -13.60 -20.87 39.29
N ILE A 322 -12.34 -21.32 39.26
CA ILE A 322 -12.08 -22.70 38.86
C ILE A 322 -12.59 -23.66 39.90
N TYR A 323 -12.53 -23.28 41.17
CA TYR A 323 -12.86 -24.15 42.29
C TYR A 323 -14.18 -23.76 42.94
N ARG A 324 -15.11 -23.22 42.17
CA ARG A 324 -16.39 -22.75 42.71
C ARG A 324 -17.20 -23.94 43.23
N PRO A 325 -18.01 -23.74 44.27
CA PRO A 325 -18.70 -24.88 44.93
C PRO A 325 -19.75 -25.50 44.02
N LEU A 326 -19.60 -26.78 43.75
CA LEU A 326 -20.52 -27.49 42.88
C LEU A 326 -20.74 -28.90 43.44
N LYS A 327 -21.97 -29.37 43.34
CA LYS A 327 -22.38 -30.67 43.83
C LYS A 327 -23.16 -31.39 42.74
N PRO A 328 -23.20 -32.72 42.77
CA PRO A 328 -24.10 -33.46 41.87
C PRO A 328 -25.56 -33.08 42.07
N ARG A 329 -26.29 -33.05 40.97
CA ARG A 329 -27.67 -32.59 40.97
C ARG A 329 -28.58 -33.54 41.74
N THR A 330 -29.48 -32.98 42.55
CA THR A 330 -30.44 -33.79 43.28
C THR A 330 -31.59 -34.22 42.39
N ASN A 331 -31.94 -33.39 41.42
CA ASN A 331 -33.05 -33.65 40.54
C ASN A 331 -32.68 -34.73 39.51
N ASN A 332 -33.70 -35.27 38.85
CA ASN A 332 -33.48 -36.11 37.69
C ASN A 332 -33.40 -35.27 36.42
N ARG A 333 -32.99 -35.92 35.34
CA ARG A 333 -32.88 -35.24 34.05
C ARG A 333 -34.27 -34.93 33.50
N THR A 334 -34.48 -33.69 33.09
CA THR A 334 -35.83 -33.21 32.78
C THR A 334 -36.20 -33.38 31.31
N SER A 335 -35.23 -33.68 30.45
CA SER A 335 -35.46 -33.86 29.03
C SER A 335 -34.33 -34.72 28.48
N PRO A 336 -34.49 -35.30 27.29
CA PRO A 336 -33.32 -35.91 26.64
C PRO A 336 -32.30 -34.89 26.18
N ARG A 337 -32.69 -33.62 26.04
CA ARG A 337 -31.79 -32.53 25.67
C ARG A 337 -31.20 -31.82 26.88
N ASP A 338 -31.24 -32.42 28.06
CA ASP A 338 -30.71 -31.79 29.26
C ASP A 338 -29.32 -32.32 29.56
N ASN A 339 -28.33 -31.44 29.59
CA ASN A 339 -26.95 -31.85 29.70
C ASN A 339 -26.37 -31.59 31.08
N THR A 340 -27.15 -31.03 31.99
CA THR A 340 -26.64 -30.65 33.29
C THR A 340 -26.37 -31.87 34.15
N LEU A 341 -25.18 -31.91 34.74
CA LEU A 341 -24.82 -32.94 35.70
C LEU A 341 -24.60 -32.40 37.10
N LEU A 342 -24.23 -31.15 37.24
CA LEU A 342 -23.80 -30.61 38.51
C LEU A 342 -24.59 -29.34 38.76
N GLN A 343 -24.75 -28.98 40.02
CA GLN A 343 -25.46 -27.77 40.34
C GLN A 343 -24.69 -27.04 41.42
N GLN A 344 -25.11 -25.81 41.69
CA GLN A 344 -24.46 -25.00 42.71
C GLN A 344 -24.80 -25.53 44.09
N LYS A 345 -23.84 -25.46 44.99
CA LYS A 345 -24.12 -25.77 46.38
C LYS A 345 -24.89 -24.65 47.03
N LEU A 346 -25.48 -24.95 48.18
CA LEU A 346 -26.02 -23.93 49.06
C LEU A 346 -24.88 -23.27 49.82
N LEU A 347 -25.21 -22.22 50.57
CA LEU A 347 -24.18 -21.45 51.27
C LEU A 347 -23.49 -22.27 52.36
N GLN A 348 -24.27 -23.00 53.17
CA GLN A 348 -23.67 -23.80 54.23
C GLN A 348 -22.87 -24.98 53.66
N GLU A 349 -23.34 -25.56 52.56
CA GLU A 349 -22.59 -26.60 51.87
C GLU A 349 -21.32 -26.06 51.24
N ALA A 350 -21.34 -24.79 50.83
CA ALA A 350 -20.21 -24.20 50.12
C ALA A 350 -18.97 -24.10 51.00
N TYR A 351 -19.14 -23.96 52.31
CA TYR A 351 -17.99 -23.77 53.21
C TYR A 351 -18.11 -24.73 54.39
N MET A 352 -17.55 -25.94 54.26
CA MET A 352 -17.45 -26.84 55.39
C MET A 352 -16.20 -27.71 55.35
N THR A 353 -15.14 -27.29 54.66
CA THR A 353 -13.97 -28.14 54.51
C THR A 353 -12.75 -27.24 54.40
N PRO A 354 -11.53 -27.76 54.62
CA PRO A 354 -10.32 -26.91 54.46
C PRO A 354 -10.11 -26.30 53.08
N LYS A 355 -10.41 -27.02 51.99
CA LYS A 355 -10.33 -26.43 50.66
C LYS A 355 -11.34 -25.30 50.49
N ASP A 356 -12.51 -25.44 51.11
CA ASP A 356 -13.51 -24.38 51.08
C ASP A 356 -13.06 -23.16 51.86
N ASP A 357 -12.25 -23.35 52.90
CA ASP A 357 -11.71 -22.21 53.65
C ASP A 357 -10.59 -21.51 52.90
N ILE A 358 -9.78 -22.28 52.16
CA ILE A 358 -8.71 -21.69 51.36
C ILE A 358 -9.29 -20.86 50.21
N ARG A 359 -10.35 -21.37 49.58
CA ARG A 359 -11.08 -20.59 48.58
C ARG A 359 -11.73 -19.36 49.20
N LEU A 360 -12.21 -19.49 50.45
CA LEU A 360 -12.88 -18.39 51.13
C LEU A 360 -11.93 -17.22 51.36
N VAL A 361 -10.65 -17.51 51.57
CA VAL A 361 -9.63 -16.46 51.65
C VAL A 361 -9.53 -15.73 50.33
N GLY A 362 -9.40 -16.46 49.23
CA GLY A 362 -9.24 -15.84 47.93
C GLY A 362 -10.47 -15.10 47.47
N GLU A 363 -11.65 -15.62 47.81
CA GLU A 363 -12.89 -14.92 47.49
C GLU A 363 -13.04 -13.65 48.30
N LEU A 364 -12.55 -13.66 49.54
CA LEU A 364 -12.58 -12.45 50.35
C LEU A 364 -11.57 -11.43 49.82
N VAL A 365 -10.41 -11.89 49.37
CA VAL A 365 -9.44 -11.05 48.68
C VAL A 365 -10.05 -10.44 47.43
N THR A 366 -10.83 -11.23 46.70
CA THR A 366 -11.46 -10.77 45.46
C THR A 366 -12.47 -9.66 45.72
N VAL A 367 -13.33 -9.85 46.72
CA VAL A 367 -14.36 -8.86 47.02
C VAL A 367 -13.75 -7.59 47.59
N ILE A 368 -12.79 -7.73 48.52
CA ILE A 368 -12.07 -6.58 49.06
C ILE A 368 -11.32 -5.85 47.95
N GLY A 369 -10.79 -6.59 46.97
CA GLY A 369 -10.19 -5.96 45.80
C GLY A 369 -11.20 -5.22 44.94
N ALA A 370 -12.40 -5.78 44.81
CA ALA A 370 -13.42 -5.14 43.98
C ALA A 370 -14.03 -3.92 44.65
N ILE A 371 -14.06 -3.92 45.98
CA ILE A 371 -14.54 -2.74 46.70
C ILE A 371 -13.54 -1.59 46.57
N ILE A 372 -12.24 -1.92 46.67
CA ILE A 372 -11.17 -0.92 46.52
C ILE A 372 -11.18 -0.32 45.12
N ILE A 373 -11.54 -1.11 44.11
CA ILE A 373 -11.68 -0.59 42.75
C ILE A 373 -12.78 0.45 42.69
N LEU A 374 -13.93 0.16 43.27
CA LEU A 374 -15.06 1.10 43.28
C LEU A 374 -14.72 2.37 44.02
N LEU A 375 -13.95 2.28 45.11
CA LEU A 375 -13.58 3.45 45.89
C LEU A 375 -12.67 4.39 45.11
N VAL A 376 -11.68 3.83 44.41
CA VAL A 376 -10.79 4.65 43.62
C VAL A 376 -11.33 5.00 42.24
N GLU A 377 -12.55 4.57 41.91
CA GLU A 377 -13.12 4.91 40.61
C GLU A 377 -14.45 5.65 40.66
N VAL A 378 -15.40 5.20 41.47
CA VAL A 378 -16.78 5.70 41.42
C VAL A 378 -16.93 7.07 42.09
N PRO A 379 -16.42 7.35 43.36
CA PRO A 379 -16.49 8.73 43.86
C PRO A 379 -15.80 9.78 42.98
N ASP A 380 -14.86 9.34 42.13
CA ASP A 380 -14.20 10.28 41.22
C ASP A 380 -15.15 10.84 40.16
N ILE A 381 -16.04 10.00 39.62
CA ILE A 381 -16.90 10.46 38.52
C ILE A 381 -18.02 11.33 39.07
N GLY A 397 -11.48 6.34 30.37
CA GLY A 397 -12.49 6.30 29.32
C GLY A 397 -13.14 4.95 29.27
N PRO A 398 -12.67 4.10 28.37
CA PRO A 398 -13.17 2.72 28.29
C PRO A 398 -12.67 1.81 29.41
N PHE A 399 -11.38 1.86 29.75
CA PHE A 399 -10.87 1.01 30.82
C PHE A 399 -11.36 1.48 32.19
N HIS A 400 -11.82 2.73 32.29
CA HIS A 400 -12.67 3.08 33.41
C HIS A 400 -13.91 2.20 33.45
N VAL A 401 -14.61 2.08 32.31
CA VAL A 401 -15.87 1.36 32.25
C VAL A 401 -15.66 -0.14 32.47
N LEU A 402 -14.58 -0.69 31.91
CA LEU A 402 -14.32 -2.12 32.00
C LEU A 402 -14.02 -2.57 33.42
N ILE A 403 -13.26 -1.79 34.16
CA ILE A 403 -12.90 -2.24 35.50
C ILE A 403 -14.04 -1.99 36.49
N ILE A 404 -14.87 -0.96 36.24
CA ILE A 404 -16.02 -0.74 37.10
C ILE A 404 -17.06 -1.82 36.86
N THR A 405 -17.23 -2.23 35.60
CA THR A 405 -18.12 -3.34 35.28
C THR A 405 -17.59 -4.64 35.86
N TYR A 406 -16.27 -4.85 35.84
CA TYR A 406 -15.69 -6.02 36.46
C TYR A 406 -15.91 -6.03 37.97
N ALA A 407 -15.70 -4.87 38.63
CA ALA A 407 -15.95 -4.79 40.07
C ALA A 407 -17.42 -4.94 40.38
N PHE A 408 -18.30 -4.50 39.47
CA PHE A 408 -19.73 -4.68 39.68
C PHE A 408 -20.14 -6.14 39.53
N MET A 409 -19.57 -6.85 38.56
CA MET A 409 -19.91 -8.26 38.36
C MET A 409 -19.37 -9.14 39.48
N VAL A 410 -18.29 -8.72 40.13
CA VAL A 410 -17.81 -9.43 41.30
C VAL A 410 -18.80 -9.32 42.46
N LEU A 411 -19.36 -8.13 42.68
CA LEU A 411 -20.26 -7.94 43.81
C LEU A 411 -21.57 -8.68 43.62
N VAL A 412 -22.04 -8.78 42.38
CA VAL A 412 -23.22 -9.58 42.06
C VAL A 412 -22.96 -11.05 42.36
N THR A 413 -21.72 -11.51 42.12
CA THR A 413 -21.36 -12.89 42.38
C THR A 413 -21.42 -13.19 43.87
N MET A 414 -20.96 -12.25 44.70
CA MET A 414 -21.04 -12.41 46.15
C MET A 414 -22.48 -12.39 46.64
N VAL A 415 -23.28 -11.46 46.11
CA VAL A 415 -24.69 -11.32 46.50
C VAL A 415 -25.45 -12.60 46.21
N MET A 416 -25.25 -13.15 45.02
CA MET A 416 -25.88 -14.42 44.66
C MET A 416 -25.29 -15.58 45.47
N ARG A 417 -24.02 -15.47 45.87
CA ARG A 417 -23.43 -16.50 46.72
C ARG A 417 -24.05 -16.50 48.11
N LEU A 418 -24.34 -15.31 48.64
CA LEU A 418 -24.85 -15.20 49.99
C LEU A 418 -26.31 -15.63 50.07
N ILE A 419 -27.13 -15.27 49.08
CA ILE A 419 -28.53 -15.62 49.11
C ILE A 419 -28.80 -16.94 48.39
N SER A 420 -27.75 -17.64 47.95
CA SER A 420 -27.80 -18.92 47.25
C SER A 420 -28.59 -18.84 45.94
N ALA A 421 -28.54 -17.68 45.28
CA ALA A 421 -29.22 -17.52 44.00
C ALA A 421 -28.48 -18.26 42.91
N SER A 422 -29.22 -19.00 42.10
CA SER A 422 -28.62 -19.78 41.03
C SER A 422 -28.39 -18.91 39.81
N GLY A 423 -27.38 -19.30 39.03
CA GLY A 423 -26.98 -18.53 37.88
C GLY A 423 -25.69 -17.75 38.06
N GLU A 424 -24.85 -18.12 39.04
CA GLU A 424 -23.59 -17.45 39.30
C GLU A 424 -22.59 -17.58 38.16
N VAL A 425 -22.84 -18.48 37.20
CA VAL A 425 -21.99 -18.56 36.03
C VAL A 425 -22.17 -17.34 35.14
N VAL A 426 -23.30 -16.65 35.24
CA VAL A 426 -23.49 -15.44 34.45
C VAL A 426 -22.66 -14.28 34.95
N PRO A 427 -22.63 -13.91 36.25
CA PRO A 427 -21.71 -12.83 36.67
C PRO A 427 -20.25 -13.17 36.54
N MET A 428 -19.87 -14.42 36.82
CA MET A 428 -18.46 -14.81 36.73
C MET A 428 -17.93 -14.72 35.31
N SER A 429 -18.70 -15.22 34.33
CA SER A 429 -18.21 -15.27 32.96
C SER A 429 -18.03 -13.89 32.36
N PHE A 430 -18.92 -12.95 32.70
CA PHE A 430 -18.65 -11.56 32.42
C PHE A 430 -17.40 -11.09 33.14
N ALA A 431 -17.22 -11.48 34.39
CA ALA A 431 -16.11 -10.98 35.18
C ALA A 431 -14.79 -11.61 34.75
N LEU A 432 -14.78 -12.88 34.32
CA LEU A 432 -13.54 -13.49 33.85
C LEU A 432 -13.08 -12.87 32.55
N VAL A 433 -14.01 -12.60 31.63
CA VAL A 433 -13.66 -11.95 30.38
C VAL A 433 -13.28 -10.49 30.60
N LEU A 434 -14.08 -9.76 31.38
CA LEU A 434 -13.78 -8.36 31.65
C LEU A 434 -12.54 -8.22 32.53
N GLY A 435 -12.35 -9.15 33.46
CA GLY A 435 -11.21 -9.05 34.36
C GLY A 435 -9.88 -9.30 33.68
N TRP A 436 -9.83 -10.26 32.78
CA TRP A 436 -8.58 -10.49 32.06
C TRP A 436 -8.33 -9.45 31.00
N CYS A 437 -9.36 -8.94 30.34
CA CYS A 437 -9.13 -7.95 29.29
C CYS A 437 -8.70 -6.60 29.86
N ASN A 438 -8.88 -6.38 31.15
CA ASN A 438 -8.27 -5.24 31.83
C ASN A 438 -6.76 -5.37 31.94
N VAL A 439 -6.23 -6.59 31.88
CA VAL A 439 -4.77 -6.77 31.96
C VAL A 439 -4.11 -6.21 30.70
N MET A 440 -4.87 -6.14 29.61
CA MET A 440 -4.38 -5.48 28.40
C MET A 440 -4.18 -3.97 28.57
N TYR A 441 -4.82 -3.35 29.58
CA TYR A 441 -4.57 -1.94 29.87
C TYR A 441 -3.11 -1.66 30.20
N PHE A 442 -2.41 -2.61 30.77
CA PHE A 442 -1.04 -2.42 31.19
C PHE A 442 -0.03 -2.67 30.07
N ALA A 443 -0.50 -2.84 28.84
CA ALA A 443 0.39 -2.89 27.70
C ALA A 443 1.02 -1.53 27.38
N ARG A 444 0.38 -0.45 27.78
CA ARG A 444 0.85 0.89 27.42
C ARG A 444 2.15 1.27 28.11
N GLY A 445 2.50 0.57 29.19
CA GLY A 445 3.80 0.78 29.80
C GLY A 445 4.93 0.43 28.85
N PHE A 446 4.75 -0.62 28.06
CA PHE A 446 5.69 -0.95 27.02
C PHE A 446 5.39 -0.13 25.78
N GLN A 447 6.44 0.38 25.14
CA GLN A 447 6.27 1.40 24.11
C GLN A 447 5.66 0.81 22.84
N MET A 448 6.08 -0.39 22.44
CA MET A 448 5.50 -1.02 21.26
C MET A 448 4.09 -1.52 21.51
N LEU A 449 3.78 -1.94 22.73
CA LEU A 449 2.52 -2.61 22.99
C LEU A 449 1.34 -1.64 23.09
N GLY A 450 1.59 -0.39 23.49
CA GLY A 450 0.55 0.57 23.76
C GLY A 450 -0.32 0.98 22.57
N PRO A 451 0.26 1.32 21.43
CA PRO A 451 -0.58 1.56 20.24
C PRO A 451 -1.35 0.35 19.73
N PHE A 452 -0.98 -0.87 20.14
CA PHE A 452 -1.79 -2.02 19.77
C PHE A 452 -3.14 -1.98 20.44
N THR A 453 -3.19 -1.47 21.68
CA THR A 453 -4.47 -1.27 22.34
C THR A 453 -5.28 -0.16 21.69
N ILE A 454 -4.59 0.83 21.10
CA ILE A 454 -5.24 1.87 20.29
C ILE A 454 -5.94 1.24 19.08
N MET A 455 -5.26 0.31 18.41
CA MET A 455 -5.80 -0.40 17.26
C MET A 455 -7.10 -1.12 17.59
N ILE A 456 -7.12 -1.79 18.75
CA ILE A 456 -8.27 -2.57 19.17
C ILE A 456 -9.49 -1.67 19.38
N GLN A 457 -9.28 -0.48 19.96
CA GLN A 457 -10.39 0.45 20.18
C GLN A 457 -10.91 1.02 18.87
N LYS A 458 -10.02 1.45 17.99
CA LYS A 458 -10.44 2.09 16.75
C LYS A 458 -11.08 1.10 15.79
N MET A 459 -10.64 -0.16 15.81
CA MET A 459 -11.28 -1.17 14.98
C MET A 459 -12.66 -1.53 15.50
N ILE A 460 -12.87 -1.48 16.81
CA ILE A 460 -14.17 -1.90 17.34
C ILE A 460 -15.18 -0.75 17.33
N PHE A 461 -14.74 0.48 17.58
CA PHE A 461 -15.66 1.61 17.59
C PHE A 461 -15.65 2.38 16.29
N GLY A 462 -14.83 1.96 15.35
CA GLY A 462 -14.87 2.46 14.01
C GLY A 462 -15.45 1.36 13.17
N ASP A 463 -14.56 0.57 12.54
CA ASP A 463 -14.92 -0.35 11.47
C ASP A 463 -15.92 -1.40 11.91
N LEU A 464 -15.89 -1.81 13.17
CA LEU A 464 -16.87 -2.79 13.62
C LEU A 464 -18.24 -2.16 13.83
N MET A 465 -18.30 -0.99 14.51
CA MET A 465 -19.58 -0.34 14.79
C MET A 465 -20.26 0.13 13.51
N ARG A 466 -19.48 0.44 12.48
CA ARG A 466 -20.05 0.69 11.16
C ARG A 466 -20.58 -0.60 10.54
N PHE A 467 -19.68 -1.54 10.28
CA PHE A 467 -19.96 -2.67 9.39
C PHE A 467 -20.86 -3.73 10.01
N CYS A 468 -21.06 -3.72 11.34
CA CYS A 468 -21.96 -4.68 11.97
C CYS A 468 -23.41 -4.50 11.55
N TRP A 469 -23.80 -3.31 11.12
CA TRP A 469 -25.17 -3.07 10.69
C TRP A 469 -25.43 -3.68 9.33
N LEU A 470 -24.42 -3.65 8.47
CA LEU A 470 -24.50 -4.35 7.19
C LEU A 470 -24.40 -5.85 7.42
N MET A 471 -23.60 -6.26 8.40
CA MET A 471 -23.27 -7.66 8.58
C MET A 471 -24.37 -8.44 9.29
N ALA A 472 -25.02 -7.84 10.29
CA ALA A 472 -26.11 -8.52 11.00
C ALA A 472 -27.33 -8.67 10.13
N VAL A 473 -27.54 -7.70 9.24
CA VAL A 473 -28.68 -7.70 8.35
C VAL A 473 -28.60 -8.85 7.34
N VAL A 474 -27.39 -9.12 6.84
CA VAL A 474 -27.16 -10.30 6.00
C VAL A 474 -27.38 -11.58 6.80
N ILE A 475 -26.94 -11.59 8.06
CA ILE A 475 -27.14 -12.75 8.93
C ILE A 475 -28.62 -12.97 9.19
N LEU A 476 -29.38 -11.90 9.45
CA LEU A 476 -30.82 -12.02 9.69
C LEU A 476 -31.55 -12.51 8.44
N GLY A 477 -31.09 -12.13 7.27
CA GLY A 477 -31.75 -12.57 6.06
C GLY A 477 -31.54 -14.03 5.76
N PHE A 478 -30.31 -14.50 5.94
CA PHE A 478 -30.03 -15.89 5.62
C PHE A 478 -30.42 -16.83 6.73
N ALA A 479 -30.36 -16.40 8.00
CA ALA A 479 -30.78 -17.27 9.08
C ALA A 479 -32.27 -17.53 9.03
N SER A 480 -33.02 -16.52 8.62
CA SER A 480 -34.45 -16.69 8.38
C SER A 480 -34.68 -17.63 7.21
N ALA A 481 -33.87 -17.51 6.16
CA ALA A 481 -33.98 -18.39 5.02
C ALA A 481 -33.58 -19.81 5.39
N PHE A 482 -32.49 -19.96 6.14
CA PHE A 482 -32.01 -21.28 6.55
C PHE A 482 -32.96 -21.96 7.51
N TYR A 483 -33.68 -21.18 8.32
CA TYR A 483 -34.62 -21.76 9.27
C TYR A 483 -35.79 -22.43 8.56
N ILE A 484 -36.41 -21.73 7.63
CA ILE A 484 -37.63 -22.25 7.02
C ILE A 484 -37.33 -23.37 6.03
N ILE A 485 -36.10 -23.43 5.51
CA ILE A 485 -35.70 -24.53 4.63
C ILE A 485 -35.64 -25.84 5.42
N PHE A 486 -35.18 -25.80 6.66
CA PHE A 486 -35.08 -26.98 7.50
C PHE A 486 -36.22 -27.05 8.49
N GLN A 487 -37.25 -26.24 8.30
CA GLN A 487 -38.37 -26.26 9.22
C GLN A 487 -39.19 -27.54 9.03
N THR A 488 -39.28 -28.02 7.79
CA THR A 488 -39.94 -29.29 7.53
C THR A 488 -39.05 -30.49 7.86
N GLU A 489 -37.74 -30.35 7.66
CA GLU A 489 -36.81 -31.46 7.77
C GLU A 489 -36.65 -31.88 9.23
N ASP A 490 -36.11 -33.07 9.45
CA ASP A 490 -35.89 -33.57 10.81
C ASP A 490 -34.60 -33.01 11.41
N PRO A 491 -34.64 -32.46 12.63
CA PRO A 491 -33.43 -31.81 13.17
C PRO A 491 -32.32 -32.76 13.59
N GLU A 492 -32.59 -34.06 13.72
CA GLU A 492 -31.56 -34.99 14.20
C GLU A 492 -30.42 -35.12 13.22
N GLU A 493 -30.70 -35.06 11.93
CA GLU A 493 -29.65 -35.08 10.93
C GLU A 493 -28.91 -33.75 10.87
N LEU A 494 -29.65 -32.64 10.79
CA LEU A 494 -29.05 -31.32 10.63
C LEU A 494 -29.76 -30.38 11.59
N GLY A 495 -29.18 -30.21 12.77
CA GLY A 495 -29.77 -29.40 13.80
C GLY A 495 -29.12 -28.05 13.96
N HIS A 496 -28.48 -27.55 12.91
CA HIS A 496 -27.94 -26.21 12.92
C HIS A 496 -29.04 -25.18 13.11
N PHE A 497 -30.23 -25.48 12.59
CA PHE A 497 -31.30 -24.51 12.47
C PHE A 497 -32.60 -24.99 13.12
N TYR A 498 -32.52 -25.73 14.23
CA TYR A 498 -33.70 -26.42 14.76
C TYR A 498 -34.72 -25.45 15.35
N ASP A 499 -34.27 -24.36 15.95
CA ASP A 499 -35.16 -23.25 16.25
C ASP A 499 -34.51 -21.96 15.77
N TYR A 500 -35.29 -20.89 15.81
CA TYR A 500 -34.82 -19.62 15.26
C TYR A 500 -33.68 -18.95 16.03
N PRO A 501 -33.57 -19.01 17.37
CA PRO A 501 -32.34 -18.50 17.98
C PRO A 501 -31.08 -19.27 17.63
N MET A 502 -31.16 -20.59 17.44
CA MET A 502 -29.98 -21.32 17.03
C MET A 502 -29.67 -21.08 15.56
N ALA A 503 -30.69 -20.85 14.75
CA ALA A 503 -30.46 -20.55 13.34
C ALA A 503 -29.75 -19.22 13.17
N LEU A 504 -30.04 -18.25 14.05
CA LEU A 504 -29.29 -17.01 14.07
C LEU A 504 -27.84 -17.24 14.48
N PHE A 505 -27.64 -18.03 15.52
CA PHE A 505 -26.29 -18.24 16.02
C PHE A 505 -25.46 -19.07 15.07
N SER A 506 -26.06 -20.07 14.43
CA SER A 506 -25.31 -20.86 13.45
C SER A 506 -24.93 -20.04 12.23
N THR A 507 -25.82 -19.18 11.76
CA THR A 507 -25.54 -18.39 10.57
C THR A 507 -24.49 -17.33 10.86
N PHE A 508 -24.48 -16.82 12.08
CA PHE A 508 -23.37 -16.01 12.55
C PHE A 508 -22.06 -16.77 12.52
N GLU A 509 -22.07 -18.03 12.96
CA GLU A 509 -20.86 -18.85 12.93
C GLU A 509 -20.47 -19.24 11.51
N LEU A 510 -21.46 -19.45 10.64
CA LEU A 510 -21.15 -19.72 9.24
C LEU A 510 -20.61 -18.48 8.55
N PHE A 511 -20.99 -17.29 9.02
CA PHE A 511 -20.49 -16.05 8.43
C PHE A 511 -19.00 -15.90 8.70
N LEU A 512 -18.58 -16.17 9.93
CA LEU A 512 -17.18 -16.03 10.30
C LEU A 512 -16.36 -17.27 9.96
N THR A 513 -17.01 -18.31 9.43
CA THR A 513 -16.41 -19.60 9.04
C THR A 513 -15.70 -20.26 10.21
N ILE A 514 -16.34 -20.23 11.38
CA ILE A 514 -15.79 -20.86 12.56
C ILE A 514 -16.44 -22.20 12.87
N ILE A 515 -17.54 -22.53 12.21
CA ILE A 515 -18.05 -23.90 12.19
C ILE A 515 -18.18 -24.29 10.74
N ASP A 516 -18.23 -25.59 10.48
CA ASP A 516 -18.31 -26.08 9.11
C ASP A 516 -19.69 -25.88 8.52
N GLY A 517 -19.73 -25.88 7.20
CA GLY A 517 -20.97 -25.89 6.47
C GLY A 517 -21.74 -27.14 6.78
N PRO A 518 -23.04 -26.98 7.06
CA PRO A 518 -23.88 -28.13 7.37
C PRO A 518 -23.99 -29.09 6.19
N ALA A 519 -23.78 -30.37 6.47
CA ALA A 519 -23.81 -31.39 5.45
C ALA A 519 -24.10 -32.72 6.12
N ASN A 520 -24.87 -33.57 5.46
CA ASN A 520 -25.10 -34.90 5.98
C ASN A 520 -24.51 -35.97 5.08
N TYR A 521 -24.84 -35.95 3.78
CA TYR A 521 -24.37 -36.82 2.69
C TYR A 521 -24.99 -38.21 2.76
N ASN A 522 -25.70 -38.49 3.84
CA ASN A 522 -26.43 -39.72 4.03
C ASN A 522 -27.93 -39.51 3.91
N VAL A 523 -28.36 -38.29 3.61
CA VAL A 523 -29.76 -37.96 3.48
C VAL A 523 -29.87 -36.87 2.42
N ASP A 524 -31.06 -36.66 1.90
CA ASP A 524 -31.28 -35.60 0.93
C ASP A 524 -31.61 -34.31 1.66
N LEU A 525 -30.74 -33.33 1.53
CA LEU A 525 -31.04 -31.99 1.99
C LEU A 525 -31.98 -31.33 0.99
N PRO A 526 -32.68 -30.27 1.38
CA PRO A 526 -33.47 -29.52 0.40
C PRO A 526 -32.59 -28.87 -0.65
N PHE A 527 -33.13 -28.78 -1.87
CA PHE A 527 -32.35 -28.18 -2.95
C PHE A 527 -32.24 -26.69 -2.79
N MET A 528 -33.17 -26.10 -2.06
CA MET A 528 -33.11 -24.68 -1.79
C MET A 528 -32.00 -24.35 -0.80
N TYR A 529 -31.56 -25.35 -0.01
CA TYR A 529 -30.42 -25.14 0.89
C TYR A 529 -29.13 -24.91 0.11
N SER A 530 -28.87 -25.75 -0.89
CA SER A 530 -27.60 -25.68 -1.61
C SER A 530 -27.49 -24.37 -2.39
N ILE A 531 -28.60 -23.86 -2.90
CA ILE A 531 -28.60 -22.57 -3.57
C ILE A 531 -28.38 -21.45 -2.56
N THR A 532 -29.07 -21.51 -1.42
CA THR A 532 -28.99 -20.45 -0.43
C THR A 532 -27.61 -20.43 0.23
N TYR A 533 -27.07 -21.60 0.54
CA TYR A 533 -25.79 -21.62 1.22
C TYR A 533 -24.65 -21.25 0.29
N ALA A 534 -24.77 -21.57 -0.98
CA ALA A 534 -23.78 -21.10 -1.94
C ALA A 534 -23.90 -19.59 -2.15
N ALA A 535 -25.13 -19.06 -2.13
CA ALA A 535 -25.30 -17.61 -2.15
C ALA A 535 -24.76 -16.98 -0.87
N PHE A 536 -24.95 -17.65 0.26
CA PHE A 536 -24.43 -17.15 1.53
C PHE A 536 -22.92 -17.18 1.57
N ALA A 537 -22.31 -18.24 1.05
CA ALA A 537 -20.88 -18.45 1.16
C ALA A 537 -20.10 -17.43 0.35
N ILE A 538 -20.65 -17.02 -0.79
CA ILE A 538 -20.00 -15.99 -1.59
C ILE A 538 -20.06 -14.64 -0.87
N ILE A 539 -21.24 -14.27 -0.37
CA ILE A 539 -21.42 -12.99 0.31
C ILE A 539 -20.61 -12.93 1.59
N ALA A 540 -20.60 -14.03 2.34
CA ALA A 540 -19.87 -14.07 3.61
C ALA A 540 -18.36 -13.95 3.40
N THR A 541 -17.80 -14.54 2.33
CA THR A 541 -16.39 -14.28 2.06
C THR A 541 -16.18 -12.86 1.54
N LEU A 542 -17.10 -12.38 0.71
CA LEU A 542 -16.99 -11.03 0.16
C LEU A 542 -17.08 -9.97 1.25
N LEU A 543 -18.07 -10.09 2.15
CA LEU A 543 -18.21 -9.13 3.22
C LEU A 543 -17.09 -9.23 4.25
N MET A 544 -16.55 -10.43 4.47
CA MET A 544 -15.53 -10.57 5.51
C MET A 544 -14.17 -10.06 5.04
N LEU A 545 -13.87 -10.19 3.74
CA LEU A 545 -12.65 -9.56 3.22
C LEU A 545 -12.80 -8.04 3.19
N ASN A 546 -14.02 -7.55 3.00
CA ASN A 546 -14.29 -6.13 3.07
C ASN A 546 -14.01 -5.58 4.47
N LEU A 547 -14.33 -6.36 5.50
CA LEU A 547 -14.01 -5.95 6.86
C LEU A 547 -12.51 -5.97 7.10
N LEU A 548 -11.78 -6.80 6.35
CA LEU A 548 -10.32 -6.84 6.46
C LEU A 548 -9.69 -5.61 5.84
N ILE A 549 -10.17 -5.18 4.68
CA ILE A 549 -9.62 -3.98 4.05
C ILE A 549 -9.99 -2.74 4.86
N ALA A 550 -11.17 -2.75 5.47
CA ALA A 550 -11.55 -1.65 6.35
C ALA A 550 -10.63 -1.60 7.57
N MET A 551 -10.40 -2.74 8.20
CA MET A 551 -9.42 -2.80 9.28
C MET A 551 -7.98 -2.69 8.78
N MET A 552 -7.75 -2.81 7.48
CA MET A 552 -6.43 -2.51 6.93
C MET A 552 -6.14 -1.02 6.96
N GLY A 553 -7.08 -0.21 6.46
CA GLY A 553 -6.88 1.23 6.44
C GLY A 553 -6.82 1.83 7.83
N ASP A 554 -7.45 1.17 8.80
CA ASP A 554 -7.45 1.67 10.17
C ASP A 554 -6.08 1.54 10.81
N THR A 555 -5.61 0.31 10.99
CA THR A 555 -4.46 0.08 11.84
C THR A 555 -3.17 0.51 11.17
N HIS A 556 -3.13 0.51 9.83
CA HIS A 556 -1.91 0.89 9.13
C HIS A 556 -1.59 2.37 9.30
N TRP A 557 -2.52 3.23 8.89
CA TRP A 557 -2.23 4.65 8.75
C TRP A 557 -2.65 5.47 9.96
N ARG A 558 -3.79 5.15 10.57
CA ARG A 558 -4.27 5.95 11.67
C ARG A 558 -3.44 5.71 12.93
N VAL A 559 -2.94 4.48 13.12
CA VAL A 559 -2.31 4.09 14.37
C VAL A 559 -0.84 3.74 14.19
N ALA A 560 -0.52 2.82 13.28
CA ALA A 560 0.86 2.34 13.16
C ALA A 560 1.77 3.40 12.53
N HIS A 561 1.21 4.29 11.72
CA HIS A 561 1.98 5.43 11.25
C HIS A 561 2.23 6.42 12.39
N GLU A 562 1.29 6.54 13.32
CA GLU A 562 1.38 7.49 14.42
C GLU A 562 1.54 6.79 15.78
N ARG A 563 2.37 5.75 15.84
CA ARG A 563 2.45 4.96 17.06
C ARG A 563 3.16 5.72 18.18
N ASP A 564 4.15 6.55 17.85
CA ASP A 564 4.86 7.27 18.89
C ASP A 564 4.02 8.40 19.47
N GLU A 565 3.22 9.06 18.63
CA GLU A 565 2.31 10.09 19.13
C GLU A 565 1.22 9.51 20.01
N LEU A 566 0.66 8.38 19.61
CA LEU A 566 -0.41 7.77 20.38
C LEU A 566 0.10 7.21 21.70
N TRP A 567 1.31 6.67 21.71
CA TRP A 567 1.85 6.14 22.95
C TRP A 567 2.22 7.25 23.92
N ARG A 568 2.66 8.39 23.40
CA ARG A 568 3.00 9.51 24.26
C ARG A 568 1.75 10.09 24.90
N ALA A 569 0.66 10.15 24.14
CA ALA A 569 -0.61 10.61 24.69
C ALA A 569 -1.17 9.62 25.71
N GLN A 570 -0.80 8.35 25.59
CA GLN A 570 -1.15 7.37 26.62
C GLN A 570 -0.40 7.61 27.91
N ILE A 571 0.87 8.02 27.82
CA ILE A 571 1.67 8.26 29.02
C ILE A 571 1.13 9.42 29.82
N VAL A 572 0.84 10.53 29.14
CA VAL A 572 0.34 11.73 29.82
C VAL A 572 -1.00 11.45 30.48
N ALA A 573 -1.84 10.66 29.80
CA ALA A 573 -3.11 10.26 30.40
C ALA A 573 -2.89 9.34 31.59
N THR A 574 -1.94 8.42 31.49
CA THR A 574 -1.67 7.48 32.57
C THR A 574 -1.05 8.19 33.77
N THR A 575 -0.13 9.12 33.50
CA THR A 575 0.61 9.78 34.57
C THR A 575 -0.28 10.76 35.34
N VAL A 576 -1.11 11.52 34.63
CA VAL A 576 -2.04 12.44 35.26
C VAL A 576 -3.04 11.68 36.12
N MET A 577 -3.45 10.51 35.66
CA MET A 577 -4.26 9.62 36.50
C MET A 577 -3.47 9.14 37.72
N LEU A 578 -2.19 8.81 37.52
CA LEU A 578 -1.35 8.38 38.63
C LEU A 578 -1.17 9.49 39.66
N GLU A 579 -1.00 10.73 39.20
CA GLU A 579 -0.76 11.84 40.11
C GLU A 579 -1.96 12.12 41.00
N ARG A 580 -3.17 12.01 40.44
CA ARG A 580 -4.38 12.24 41.22
C ARG A 580 -4.59 11.14 42.26
N LYS A 581 -4.18 9.92 41.97
CA LYS A 581 -4.50 8.76 42.80
C LYS A 581 -3.30 8.20 43.54
N LEU A 582 -2.33 9.05 43.88
CA LEU A 582 -1.18 8.54 44.59
C LEU A 582 -0.81 9.56 45.65
N PRO A 583 -0.26 9.12 46.79
CA PRO A 583 0.17 10.08 47.81
C PRO A 583 1.42 10.83 47.37
N ARG A 584 1.71 11.90 48.11
CA ARG A 584 2.81 12.80 47.77
C ARG A 584 4.16 12.13 47.99
N CYS A 585 4.24 11.21 48.96
CA CYS A 585 5.49 10.52 49.27
C CYS A 585 5.99 9.70 48.10
N LEU A 586 5.09 9.14 47.30
CA LEU A 586 5.47 8.29 46.19
C LEU A 586 5.88 9.11 44.97
N TRP A 587 5.27 10.27 44.78
CA TRP A 587 5.45 11.08 43.58
C TRP A 587 6.17 12.39 43.87
N PRO A 588 7.48 12.47 43.72
CA PRO A 588 8.16 13.77 43.82
C PRO A 588 7.90 14.65 42.61
N ARG A 589 7.89 15.95 42.88
CA ARG A 589 7.71 16.95 41.84
C ARG A 589 8.88 16.93 40.87
N SER A 590 8.57 17.07 39.58
CA SER A 590 9.60 16.95 38.56
C SER A 590 10.35 18.26 38.36
N GLY A 591 11.53 18.15 37.77
CA GLY A 591 12.39 19.31 37.64
C GLY A 591 13.34 19.46 38.82
N ILE A 592 13.91 20.66 38.91
CA ILE A 592 14.82 21.05 39.99
C ILE A 592 14.31 22.35 40.61
N CYS A 593 14.10 22.34 41.92
CA CYS A 593 13.58 23.53 42.58
C CYS A 593 14.67 24.58 42.75
N GLY A 594 14.28 25.84 42.62
CA GLY A 594 15.11 26.95 42.98
C GLY A 594 15.10 27.18 44.48
N ARG A 595 15.64 28.35 44.88
CA ARG A 595 15.81 28.89 46.24
C ARG A 595 16.92 28.16 46.99
N GLU A 596 17.34 27.01 46.48
CA GLU A 596 18.66 26.48 46.76
C GLU A 596 19.61 26.81 45.65
N TYR A 597 19.10 27.43 44.58
CA TYR A 597 19.89 27.92 43.45
C TYR A 597 19.51 29.33 43.05
N GLY A 598 18.66 30.00 43.81
CA GLY A 598 18.37 31.42 43.61
C GLY A 598 17.62 31.75 42.34
N LEU A 599 16.66 30.93 41.96
CA LEU A 599 15.91 31.13 40.73
C LEU A 599 14.45 31.48 40.96
N GLY A 600 14.01 31.52 42.21
CA GLY A 600 12.60 31.54 42.55
C GLY A 600 12.23 30.27 43.28
N ASP A 601 10.95 30.18 43.64
CA ASP A 601 10.46 28.95 44.24
C ASP A 601 9.95 27.99 43.17
N ARG A 602 10.10 28.35 41.91
CA ARG A 602 9.58 27.59 40.79
C ARG A 602 10.44 26.35 40.53
N TRP A 603 9.83 25.35 39.87
CA TRP A 603 10.50 24.09 39.58
C TRP A 603 10.96 24.10 38.14
N PHE A 604 12.27 24.08 37.94
CA PHE A 604 12.88 24.28 36.64
C PHE A 604 13.37 22.96 36.07
N LEU A 605 13.22 22.80 34.76
CA LEU A 605 13.73 21.65 34.04
C LEU A 605 14.87 22.07 33.12
N ARG A 606 16.02 21.44 33.28
CA ARG A 606 17.19 21.76 32.48
C ARG A 606 17.34 20.79 31.32
N VAL A 607 17.49 21.31 30.10
CA VAL A 607 17.65 20.50 28.90
C VAL A 607 18.92 20.92 28.18
N GLU A 608 19.85 19.98 27.98
CA GLU A 608 21.07 20.22 27.21
C GLU A 608 20.93 19.62 25.81
N ASP A 609 21.08 20.46 24.79
CA ASP A 609 20.86 20.04 23.41
C ASP A 609 21.97 20.56 22.53
N ARG A 610 22.09 19.97 21.34
CA ARG A 610 23.11 20.34 20.36
C ARG A 610 22.47 21.17 19.25
N GLN A 611 22.93 22.43 19.12
CA GLN A 611 22.29 23.39 18.23
C GLN A 611 22.59 23.11 16.76
N ASP A 612 23.64 22.35 16.48
CA ASP A 612 24.03 22.00 15.10
C ASP A 612 22.95 21.34 14.28
N GLU B 1 19.58 8.43 34.60
CA GLU B 1 18.55 9.24 35.26
C GLU B 1 19.15 10.02 36.41
N SER B 2 19.70 9.28 37.38
CA SER B 2 20.34 9.91 38.53
C SER B 2 21.58 10.69 38.14
N TRP B 3 22.34 10.18 37.16
CA TRP B 3 23.51 10.92 36.69
C TRP B 3 23.08 12.17 35.93
N ALA B 4 22.04 12.07 35.11
CA ALA B 4 21.49 13.22 34.42
C ALA B 4 20.91 14.23 35.40
N GLN B 5 20.37 13.75 36.52
CA GLN B 5 19.94 14.64 37.60
C GLN B 5 21.12 15.41 38.19
N SER B 6 22.23 14.72 38.42
CA SER B 6 23.39 15.33 39.06
C SER B 6 24.05 16.37 38.18
N ARG B 7 24.14 16.11 36.87
CA ARG B 7 24.77 17.05 35.94
C ARG B 7 24.05 18.38 35.94
N ASP B 8 22.72 18.32 35.93
CA ASP B 8 21.92 19.51 35.90
C ASP B 8 22.06 20.31 37.17
N GLU B 9 22.06 19.62 38.32
CA GLU B 9 22.29 20.26 39.60
C GLU B 9 23.67 20.88 39.68
N GLN B 10 24.67 20.18 39.14
CA GLN B 10 26.02 20.75 39.08
C GLN B 10 26.07 21.95 38.15
N ASN B 11 25.28 21.91 37.06
CA ASN B 11 25.18 23.06 36.17
C ASN B 11 24.41 24.20 36.81
N LEU B 12 23.40 23.88 37.61
CA LEU B 12 22.73 24.93 38.37
C LEU B 12 23.57 25.36 39.57
N LEU B 13 24.40 24.46 40.13
CA LEU B 13 25.36 24.89 41.14
C LEU B 13 26.36 25.88 40.58
N GLN B 14 26.77 25.69 39.32
CA GLN B 14 27.79 26.55 38.74
C GLN B 14 27.28 27.98 38.54
N GLN B 15 26.01 28.12 38.20
CA GLN B 15 25.42 29.45 38.02
C GLN B 15 25.31 30.20 39.33
N LYS B 16 25.15 29.48 40.45
CA LYS B 16 25.21 30.12 41.76
C LYS B 16 26.63 30.59 42.07
N ARG B 17 27.62 29.75 41.79
CA ARG B 17 29.01 30.07 42.13
C ARG B 17 29.51 31.27 41.34
N ILE B 18 28.97 31.50 40.14
CA ILE B 18 29.29 32.71 39.40
C ILE B 18 28.71 33.94 40.10
N TRP B 19 27.50 33.82 40.63
CA TRP B 19 26.82 34.98 41.21
C TRP B 19 27.42 35.40 42.55
N GLU B 20 27.95 34.44 43.32
CA GLU B 20 28.49 34.75 44.64
C GLU B 20 29.73 35.62 44.55
N SER B 21 30.67 35.26 43.67
CA SER B 21 31.87 36.04 43.51
C SER B 21 31.61 37.17 42.54
N PRO B 22 31.76 38.44 42.95
CA PRO B 22 31.60 39.55 41.99
C PRO B 22 32.62 39.51 40.87
N LEU B 23 33.81 38.98 41.14
CA LEU B 23 34.84 38.85 40.11
C LEU B 23 34.43 37.80 39.08
N LEU B 24 33.91 36.65 39.54
CA LEU B 24 33.39 35.65 38.63
C LEU B 24 32.14 36.13 37.91
N LEU B 25 31.34 36.98 38.57
CA LEU B 25 30.20 37.58 37.89
C LEU B 25 30.66 38.55 36.81
N ALA B 26 31.72 39.31 37.07
CA ALA B 26 32.26 40.23 36.08
C ALA B 26 32.85 39.48 34.89
N ALA B 27 33.39 38.29 35.14
CA ALA B 27 33.90 37.44 34.07
C ALA B 27 32.77 36.96 33.16
N LYS B 28 31.57 36.76 33.73
CA LYS B 28 30.44 36.28 32.95
C LYS B 28 29.96 37.29 31.92
N ASP B 29 30.18 38.58 32.16
CA ASP B 29 29.81 39.61 31.21
C ASP B 29 30.95 40.54 30.83
N HIS B 47 41.73 33.54 42.37
CA HIS B 47 42.13 32.19 42.73
C HIS B 47 40.93 31.35 43.13
N GLN B 48 39.78 32.00 43.19
CA GLN B 48 38.55 31.32 43.59
C GLN B 48 38.09 30.36 42.49
N ARG B 49 37.50 29.24 42.90
CA ARG B 49 37.00 28.25 41.97
C ARG B 49 35.54 27.95 42.23
N GLY B 50 34.82 27.59 41.16
CA GLY B 50 33.40 27.34 41.23
C GLY B 50 33.09 25.87 41.51
N ALA B 51 31.84 25.51 41.23
CA ALA B 51 31.39 24.13 41.46
C ALA B 51 32.05 23.15 40.50
N MET B 52 32.27 23.57 39.26
CA MET B 52 32.96 22.77 38.26
C MET B 52 34.47 22.84 38.37
N GLY B 53 35.00 23.52 39.37
CA GLY B 53 36.42 23.74 39.42
C GLY B 53 36.91 24.81 38.48
N GLU B 54 36.02 25.54 37.83
CA GLU B 54 36.38 26.53 36.85
C GLU B 54 36.99 27.75 37.52
N THR B 55 37.54 28.64 36.70
CA THR B 55 38.08 29.90 37.18
C THR B 55 37.39 31.02 36.42
N ALA B 56 37.83 32.25 36.69
CA ALA B 56 37.28 33.40 35.97
C ALA B 56 37.70 33.38 34.50
N LEU B 57 38.90 32.87 34.22
CA LEU B 57 39.37 32.74 32.85
C LEU B 57 38.53 31.73 32.09
N HIS B 58 38.11 30.67 32.76
CA HIS B 58 37.26 29.66 32.15
C HIS B 58 35.90 30.22 31.78
N ILE B 59 35.30 30.99 32.69
CA ILE B 59 33.97 31.57 32.47
C ILE B 59 34.02 32.65 31.40
N ALA B 60 35.09 33.43 31.37
CA ALA B 60 35.25 34.42 30.32
C ALA B 60 35.42 33.76 28.95
N ALA B 61 36.19 32.67 28.91
CA ALA B 61 36.31 31.88 27.68
C ALA B 61 34.99 31.21 27.33
N LEU B 62 34.20 30.86 28.34
CA LEU B 62 32.96 30.12 28.11
C LEU B 62 31.93 30.99 27.38
N TYR B 63 31.76 32.22 27.83
CA TYR B 63 30.81 33.14 27.26
C TYR B 63 31.43 34.05 26.21
N ASP B 64 32.66 33.72 25.79
CA ASP B 64 33.47 34.51 24.83
C ASP B 64 33.68 35.95 25.32
N ASN B 65 34.12 36.10 26.56
CA ASN B 65 34.44 37.41 27.14
C ASN B 65 35.95 37.63 27.01
N LEU B 66 36.32 38.26 25.89
CA LEU B 66 37.74 38.47 25.58
C LEU B 66 38.38 39.44 26.57
N GLU B 67 37.71 40.57 26.82
CA GLU B 67 38.29 41.62 27.64
C GLU B 67 38.40 41.20 29.10
N ALA B 68 37.46 40.38 29.57
CA ALA B 68 37.56 39.84 30.93
C ALA B 68 38.68 38.81 31.02
N ALA B 69 38.87 38.04 29.96
CA ALA B 69 39.95 37.05 29.93
C ALA B 69 41.32 37.70 29.94
N MET B 70 41.47 38.80 29.20
CA MET B 70 42.77 39.47 29.12
C MET B 70 43.15 40.10 30.45
N VAL B 71 42.19 40.75 31.11
CA VAL B 71 42.46 41.39 32.41
C VAL B 71 42.78 40.35 33.47
N LEU B 72 42.08 39.21 33.42
CA LEU B 72 42.37 38.13 34.36
C LEU B 72 43.71 37.47 34.08
N MET B 73 44.08 37.31 32.80
CA MET B 73 45.35 36.66 32.53
C MET B 73 46.53 37.60 32.77
N GLU B 74 46.30 38.91 32.76
CA GLU B 74 47.35 39.84 33.18
C GLU B 74 47.65 39.69 34.66
N ALA B 75 46.60 39.54 35.47
CA ALA B 75 46.79 39.41 36.91
C ALA B 75 47.36 38.05 37.26
N ALA B 76 46.62 36.99 36.95
CA ALA B 76 47.08 35.62 36.99
C ALA B 76 47.48 35.08 35.61
N PRO B 77 48.77 35.00 35.27
CA PRO B 77 49.18 34.19 34.11
C PRO B 77 49.34 32.72 34.43
N GLU B 78 49.29 32.35 35.71
CA GLU B 78 49.25 30.96 36.13
C GLU B 78 47.86 30.37 35.92
N LEU B 79 46.86 31.22 35.71
CA LEU B 79 45.48 30.77 35.56
C LEU B 79 45.27 30.03 34.24
N VAL B 80 46.10 30.35 33.25
CA VAL B 80 46.06 29.69 31.94
C VAL B 80 46.42 28.21 32.08
N PHE B 81 47.41 27.91 32.93
CA PHE B 81 47.84 26.53 33.12
C PHE B 81 46.81 25.70 33.87
N GLU B 82 45.98 26.35 34.68
CA GLU B 82 45.16 25.62 35.64
C GLU B 82 44.01 24.88 34.95
N PRO B 83 43.82 23.60 35.27
CA PRO B 83 42.68 22.87 34.70
C PRO B 83 41.45 22.93 35.59
N MET B 84 40.28 22.67 35.02
CA MET B 84 39.10 22.43 35.83
C MET B 84 39.28 21.17 36.68
N THR B 85 38.75 21.19 37.89
CA THR B 85 38.96 20.12 38.85
C THR B 85 37.75 19.21 39.05
N SER B 86 36.66 19.42 38.32
CA SER B 86 35.47 18.60 38.51
C SER B 86 35.67 17.22 37.92
N GLU B 87 34.77 16.30 38.29
CA GLU B 87 34.73 15.01 37.60
C GLU B 87 34.14 15.16 36.21
N LEU B 88 33.24 16.12 36.03
CA LEU B 88 32.54 16.26 34.77
C LEU B 88 33.44 16.88 33.70
N TYR B 89 34.31 17.79 34.08
CA TYR B 89 35.17 18.50 33.14
C TYR B 89 36.66 18.36 33.47
N GLU B 90 37.07 17.18 33.94
CA GLU B 90 38.44 16.97 34.45
C GLU B 90 39.51 17.19 33.40
N GLY B 91 40.51 17.99 33.75
CA GLY B 91 41.64 18.24 32.89
C GLY B 91 41.43 19.35 31.90
N GLN B 92 40.23 19.91 31.82
CA GLN B 92 39.94 20.92 30.82
C GLN B 92 40.53 22.26 31.25
N THR B 93 41.22 22.91 30.33
CA THR B 93 41.76 24.24 30.56
C THR B 93 40.96 25.23 29.73
N ALA B 94 41.32 26.51 29.88
CA ALA B 94 40.68 27.58 29.13
C ALA B 94 40.95 27.46 27.63
N LEU B 95 42.06 26.83 27.26
CA LEU B 95 42.39 26.66 25.85
C LEU B 95 41.39 25.74 25.16
N HIS B 96 40.94 24.69 25.85
CA HIS B 96 39.88 23.83 25.32
C HIS B 96 38.59 24.62 25.07
N ILE B 97 38.25 25.52 26.00
CA ILE B 97 36.99 26.26 25.92
C ILE B 97 37.01 27.26 24.78
N ALA B 98 38.12 27.99 24.66
CA ALA B 98 38.24 29.01 23.61
C ALA B 98 38.33 28.37 22.24
N VAL B 99 38.89 27.15 22.17
CA VAL B 99 38.96 26.41 20.91
C VAL B 99 37.56 26.04 20.39
N VAL B 100 36.73 25.44 21.25
CA VAL B 100 35.42 24.99 20.80
C VAL B 100 34.48 26.17 20.57
N ASN B 101 34.69 27.27 21.30
CA ASN B 101 33.89 28.47 21.09
C ASN B 101 34.39 29.31 19.94
N GLN B 102 35.56 28.97 19.39
CA GLN B 102 36.12 29.51 18.16
C GLN B 102 36.43 31.00 18.30
N ASN B 103 36.84 31.41 19.49
CA ASN B 103 37.33 32.77 19.71
C ASN B 103 38.80 32.76 19.31
N MET B 104 39.07 33.26 18.10
CA MET B 104 40.42 33.23 17.56
C MET B 104 41.38 34.09 18.37
N ASN B 105 40.95 35.31 18.71
CA ASN B 105 41.83 36.26 19.37
C ASN B 105 42.14 35.83 20.79
N LEU B 106 41.23 35.11 21.44
CA LEU B 106 41.54 34.53 22.73
C LEU B 106 42.51 33.36 22.60
N VAL B 107 42.39 32.56 21.54
CA VAL B 107 43.28 31.42 21.35
C VAL B 107 44.70 31.90 21.11
N ARG B 108 44.86 32.97 20.31
CA ARG B 108 46.14 33.62 20.12
C ARG B 108 46.70 34.13 21.45
N ALA B 109 45.84 34.79 22.23
CA ALA B 109 46.26 35.34 23.51
C ALA B 109 46.59 34.25 24.51
N LEU B 110 45.88 33.13 24.47
CA LEU B 110 46.18 32.03 25.38
C LEU B 110 47.50 31.34 25.02
N LEU B 111 47.78 31.17 23.72
CA LEU B 111 49.05 30.60 23.31
C LEU B 111 50.21 31.53 23.62
N ALA B 112 49.97 32.84 23.57
CA ALA B 112 51.01 33.81 23.90
C ALA B 112 51.44 33.71 25.36
N ARG B 113 50.53 33.24 26.22
CA ARG B 113 50.83 33.03 27.63
C ARG B 113 51.25 31.59 27.92
N ARG B 114 51.79 30.91 26.91
CA ARG B 114 52.38 29.57 27.03
C ARG B 114 51.37 28.51 27.48
N ALA B 115 50.19 28.49 26.84
CA ALA B 115 49.20 27.47 27.12
C ALA B 115 49.67 26.10 26.64
N SER B 116 49.38 25.07 27.43
CA SER B 116 49.65 23.70 27.00
C SER B 116 48.72 23.31 25.86
N VAL B 117 49.30 22.96 24.72
CA VAL B 117 48.53 22.41 23.61
C VAL B 117 48.38 20.91 23.72
N SER B 118 49.00 20.28 24.71
CA SER B 118 48.99 18.83 24.87
C SER B 118 48.19 18.39 26.08
N ALA B 119 47.41 19.29 26.69
CA ALA B 119 46.62 18.94 27.86
C ALA B 119 45.49 17.99 27.50
N ARG B 120 45.20 17.05 28.40
CA ARG B 120 44.20 16.03 28.15
C ARG B 120 42.99 16.28 29.04
N ALA B 121 41.81 16.38 28.43
CA ALA B 121 40.57 16.58 29.17
C ALA B 121 39.94 15.21 29.42
N THR B 122 40.17 14.66 30.61
CA THR B 122 39.69 13.33 30.96
C THR B 122 38.33 13.37 31.62
N GLY B 123 37.56 14.43 31.40
CA GLY B 123 36.26 14.56 32.03
C GLY B 123 35.24 13.60 31.45
N THR B 124 34.22 13.30 32.25
CA THR B 124 33.17 12.37 31.82
C THR B 124 32.31 12.98 30.72
N ALA B 125 32.17 14.30 30.70
CA ALA B 125 31.40 14.97 29.65
C ALA B 125 32.09 14.84 28.30
N PHE B 126 33.41 14.67 28.30
CA PHE B 126 34.13 14.54 27.05
C PHE B 126 34.18 13.11 26.53
N ARG B 127 34.03 12.12 27.42
CA ARG B 127 34.20 10.74 27.03
C ARG B 127 33.09 10.28 26.10
N ARG B 128 33.41 9.32 25.24
CA ARG B 128 32.45 8.83 24.25
C ARG B 128 31.40 8.00 24.96
N SER B 129 30.18 8.49 25.00
CA SER B 129 29.08 7.84 25.70
C SER B 129 27.79 8.35 25.10
N PRO B 130 26.72 7.54 25.10
CA PRO B 130 25.44 8.03 24.57
C PRO B 130 24.81 9.14 25.40
N CYS B 131 25.25 9.32 26.64
CA CYS B 131 24.75 10.41 27.46
C CYS B 131 25.30 11.75 27.00
N ASN B 132 26.51 11.76 26.45
CA ASN B 132 27.17 12.99 26.00
C ASN B 132 26.88 13.16 24.51
N LEU B 133 26.44 14.35 24.14
CA LEU B 133 26.06 14.57 22.74
C LEU B 133 27.28 14.78 21.84
N ILE B 134 28.37 15.29 22.40
CA ILE B 134 29.60 15.52 21.64
C ILE B 134 30.65 14.51 22.07
N TYR B 135 31.41 14.01 21.12
CA TYR B 135 32.70 13.36 21.38
C TYR B 135 33.73 14.12 20.59
N PHE B 136 34.58 14.86 21.29
CA PHE B 136 35.60 15.67 20.66
C PHE B 136 37.02 15.18 20.96
N GLY B 137 37.16 14.10 21.72
CA GLY B 137 38.50 13.71 22.12
C GLY B 137 38.92 14.37 23.43
N GLU B 138 40.24 14.53 23.58
CA GLU B 138 40.81 15.08 24.81
C GLU B 138 41.79 16.23 24.60
N HIS B 139 42.23 16.47 23.37
CA HIS B 139 43.29 17.42 23.07
C HIS B 139 42.73 18.59 22.28
N PRO B 140 43.35 19.78 22.39
CA PRO B 140 42.81 20.94 21.67
C PRO B 140 42.84 20.82 20.15
N LEU B 141 43.78 20.06 19.59
CA LEU B 141 43.73 19.71 18.17
C LEU B 141 42.46 18.96 17.84
N SER B 142 42.11 17.98 18.66
CA SER B 142 40.93 17.19 18.39
C SER B 142 39.67 18.00 18.59
N PHE B 143 39.70 18.97 19.51
CA PHE B 143 38.52 19.83 19.68
C PHE B 143 38.38 20.78 18.50
N ALA B 144 39.50 21.29 18.00
CA ALA B 144 39.48 22.31 16.95
C ALA B 144 39.04 21.74 15.63
N ALA B 145 39.51 20.54 15.30
CA ALA B 145 39.14 19.90 14.06
C ALA B 145 37.66 19.51 14.07
N CYS B 146 37.13 19.13 15.23
CA CYS B 146 35.73 18.71 15.31
C CYS B 146 34.77 19.88 15.18
N VAL B 147 35.14 21.06 15.67
CA VAL B 147 34.28 22.22 15.54
C VAL B 147 34.54 22.91 14.21
N ASN B 148 35.42 22.30 13.39
CA ASN B 148 35.77 22.72 12.02
C ASN B 148 36.39 24.10 11.99
N SER B 149 37.49 24.27 12.71
CA SER B 149 38.30 25.48 12.59
C SER B 149 39.63 25.08 11.98
N GLU B 150 39.83 25.40 10.70
CA GLU B 150 41.11 25.10 10.06
C GLU B 150 42.22 25.95 10.63
N GLU B 151 41.93 27.20 10.96
CA GLU B 151 42.96 28.16 11.34
C GLU B 151 43.59 27.81 12.68
N ILE B 152 42.76 27.42 13.66
CA ILE B 152 43.27 27.00 14.96
C ILE B 152 44.13 25.76 14.83
N VAL B 153 43.71 24.82 13.96
CA VAL B 153 44.54 23.66 13.64
C VAL B 153 45.83 24.09 12.97
N ARG B 154 45.74 25.07 12.06
CA ARG B 154 46.95 25.67 11.51
C ARG B 154 47.71 26.50 12.54
N LEU B 155 47.07 26.89 13.64
CA LEU B 155 47.76 27.67 14.66
C LEU B 155 48.31 26.79 15.79
N LEU B 156 47.57 25.74 16.18
CA LEU B 156 48.01 24.90 17.29
C LEU B 156 49.21 24.05 16.95
N ILE B 157 49.29 23.57 15.70
CA ILE B 157 50.45 22.79 15.27
C ILE B 157 51.70 23.65 15.24
N GLU B 158 51.54 24.95 14.93
CA GLU B 158 52.63 25.91 15.05
C GLU B 158 53.13 26.10 16.48
N HIS B 159 52.43 25.61 17.49
CA HIS B 159 52.87 25.74 18.86
C HIS B 159 53.20 24.39 19.50
N GLY B 160 53.41 23.35 18.70
CA GLY B 160 53.90 22.10 19.21
C GLY B 160 52.87 21.02 19.44
N ALA B 161 51.65 21.20 18.94
CA ALA B 161 50.61 20.21 19.13
C ALA B 161 50.89 18.97 18.31
N ASP B 162 50.72 17.81 18.94
CA ASP B 162 51.04 16.53 18.34
C ASP B 162 49.79 15.93 17.72
N ILE B 163 49.85 15.63 16.43
CA ILE B 163 48.72 15.04 15.74
C ILE B 163 48.55 13.59 16.15
N ARG B 164 49.64 12.93 16.57
CA ARG B 164 49.62 11.52 16.91
C ARG B 164 49.09 11.25 18.32
N ALA B 165 48.43 12.23 18.94
CA ALA B 165 47.89 12.07 20.28
C ALA B 165 46.74 11.05 20.28
N GLN B 166 46.71 10.23 21.32
CA GLN B 166 45.75 9.15 21.47
C GLN B 166 44.95 9.36 22.75
N ASP B 167 43.71 8.89 22.76
CA ASP B 167 42.83 9.10 23.88
C ASP B 167 42.84 7.91 24.84
N SER B 168 41.95 7.95 25.83
CA SER B 168 41.68 6.76 26.64
C SER B 168 41.03 5.67 25.81
N LEU B 169 40.24 6.05 24.81
CA LEU B 169 39.77 5.10 23.81
C LEU B 169 40.86 4.72 22.82
N GLY B 170 41.95 5.47 22.77
CA GLY B 170 43.01 5.21 21.83
C GLY B 170 42.86 5.92 20.51
N ASN B 171 41.78 6.67 20.33
CA ASN B 171 41.53 7.35 19.07
C ASN B 171 42.50 8.48 18.85
N THR B 172 43.02 8.59 17.65
CA THR B 172 43.71 9.80 17.26
C THR B 172 42.68 10.71 16.63
N VAL B 173 43.12 11.90 16.22
CA VAL B 173 42.23 12.90 15.61
C VAL B 173 41.66 12.38 14.30
N LEU B 174 42.38 11.47 13.65
CA LEU B 174 41.90 10.84 12.43
C LEU B 174 40.68 9.98 12.74
N HIS B 175 40.75 9.22 13.83
CA HIS B 175 39.62 8.41 14.28
C HIS B 175 38.45 9.27 14.73
N ILE B 176 38.74 10.40 15.36
CA ILE B 176 37.68 11.20 15.97
C ILE B 176 36.83 11.87 14.91
N LEU B 177 37.46 12.32 13.81
CA LEU B 177 36.74 13.00 12.74
C LEU B 177 35.76 12.08 12.04
N ILE B 178 36.07 10.78 12.00
CA ILE B 178 35.15 9.80 11.45
C ILE B 178 33.91 9.67 12.34
N LEU B 179 34.05 9.98 13.62
CA LEU B 179 32.95 9.84 14.58
C LEU B 179 32.15 11.11 14.72
N GLN B 180 32.08 11.93 13.67
CA GLN B 180 31.43 13.22 13.76
C GLN B 180 30.22 13.28 12.84
N PRO B 181 29.13 13.93 13.27
CA PRO B 181 27.87 13.84 12.52
C PRO B 181 27.87 14.60 11.20
N ASN B 182 28.72 15.60 11.03
CA ASN B 182 28.79 16.33 9.77
C ASN B 182 29.95 15.76 8.96
N LYS B 183 29.62 14.80 8.11
CA LYS B 183 30.58 13.95 7.43
C LYS B 183 31.35 14.70 6.36
N THR B 184 30.76 15.75 5.79
CA THR B 184 31.45 16.52 4.76
C THR B 184 32.60 17.35 5.33
N PHE B 185 32.36 18.02 6.46
CA PHE B 185 33.44 18.75 7.13
C PHE B 185 34.49 17.81 7.67
N ALA B 186 34.07 16.59 8.01
CA ALA B 186 34.99 15.56 8.46
C ALA B 186 36.01 15.20 7.39
N CYS B 187 35.61 15.29 6.12
CA CYS B 187 36.50 14.94 5.03
C CYS B 187 37.64 15.93 4.90
N GLN B 188 37.33 17.22 4.94
CA GLN B 188 38.34 18.26 4.76
C GLN B 188 39.35 18.27 5.90
N MET B 189 38.88 18.10 7.13
CA MET B 189 39.79 18.11 8.27
C MET B 189 40.61 16.84 8.33
N TYR B 190 40.08 15.73 7.80
CA TYR B 190 40.90 14.55 7.61
C TYR B 190 42.01 14.83 6.61
N ASN B 191 41.71 15.60 5.57
CA ASN B 191 42.71 15.97 4.58
C ASN B 191 43.78 16.87 5.17
N LEU B 192 43.36 17.83 6.00
CA LEU B 192 44.28 18.85 6.51
C LEU B 192 45.28 18.27 7.48
N LEU B 193 44.81 17.47 8.44
CA LEU B 193 45.69 16.92 9.45
C LEU B 193 46.64 15.87 8.87
N LEU B 194 46.16 15.11 7.90
CA LEU B 194 46.99 14.07 7.29
C LEU B 194 48.11 14.70 6.46
N SER B 195 47.84 15.84 5.83
CA SER B 195 48.85 16.61 5.12
C SER B 195 49.86 17.26 6.05
N TYR B 196 49.63 17.27 7.36
CA TYR B 196 50.55 17.88 8.31
C TYR B 196 51.44 16.87 9.03
N ASP B 197 51.32 15.57 8.71
CA ASP B 197 52.17 14.58 9.36
C ASP B 197 53.61 14.74 8.94
N ARG B 198 53.91 14.46 7.66
CA ARG B 198 55.23 14.62 7.04
C ARG B 198 56.32 13.85 7.79
N HIS B 199 56.01 12.63 8.22
CA HIS B 199 56.97 11.78 8.92
C HIS B 199 57.06 10.43 8.23
N GLY B 200 58.28 9.96 8.01
CA GLY B 200 58.50 8.60 7.56
C GLY B 200 59.18 7.77 8.63
N ASP B 201 59.75 8.46 9.61
CA ASP B 201 60.51 7.78 10.66
C ASP B 201 59.61 6.96 11.58
N HIS B 202 58.38 7.41 11.80
CA HIS B 202 57.44 6.67 12.62
C HIS B 202 57.02 5.39 11.93
N LEU B 203 56.91 4.31 12.72
CA LEU B 203 56.69 2.97 12.18
C LEU B 203 55.30 2.86 11.56
N GLN B 204 54.32 3.58 12.12
CA GLN B 204 53.01 3.68 11.53
C GLN B 204 52.75 5.12 11.14
N PRO B 205 52.39 5.39 9.89
CA PRO B 205 51.77 6.68 9.56
C PRO B 205 50.38 6.78 10.18
N LEU B 206 49.85 8.01 10.15
CA LEU B 206 48.65 8.36 10.91
C LEU B 206 47.41 7.66 10.39
N ASP B 207 47.32 7.42 9.09
CA ASP B 207 46.22 6.63 8.54
C ASP B 207 46.33 5.16 8.97
N LEU B 208 47.54 4.71 9.32
CA LEU B 208 47.77 3.34 9.71
C LEU B 208 47.82 3.12 11.22
N VAL B 209 47.73 4.17 12.02
CA VAL B 209 47.79 3.99 13.48
C VAL B 209 46.49 3.36 13.96
N PRO B 210 46.51 2.19 14.58
CA PRO B 210 45.28 1.62 15.11
C PRO B 210 44.94 2.24 16.45
N ASN B 211 43.66 2.21 16.77
CA ASN B 211 43.26 2.53 18.14
C ASN B 211 43.39 1.30 19.01
N HIS B 212 42.85 1.38 20.23
CA HIS B 212 42.97 0.26 21.16
C HIS B 212 42.15 -0.93 20.72
N GLN B 213 41.04 -0.69 20.02
CA GLN B 213 40.25 -1.77 19.44
C GLN B 213 40.93 -2.44 18.25
N GLY B 214 41.97 -1.84 17.71
CA GLY B 214 42.66 -2.40 16.57
C GLY B 214 42.18 -1.90 15.24
N LEU B 215 41.29 -0.91 15.23
CA LEU B 215 40.69 -0.41 14.02
C LEU B 215 41.53 0.77 13.53
N THR B 216 41.85 0.78 12.24
CA THR B 216 42.48 1.92 11.59
C THR B 216 41.39 2.94 11.27
N PRO B 217 41.72 4.16 10.79
CA PRO B 217 40.66 5.03 10.25
C PRO B 217 39.88 4.45 9.09
N PHE B 218 40.50 3.62 8.25
CA PHE B 218 39.74 2.97 7.18
C PHE B 218 38.78 1.93 7.75
N LYS B 219 39.23 1.16 8.73
CA LYS B 219 38.36 0.17 9.34
C LYS B 219 37.27 0.83 10.17
N LEU B 220 37.58 1.96 10.81
CA LEU B 220 36.61 2.64 11.64
C LEU B 220 35.47 3.22 10.84
N ALA B 221 35.75 3.73 9.64
CA ALA B 221 34.70 4.25 8.77
C ALA B 221 33.77 3.14 8.31
N GLY B 222 34.31 1.94 8.12
CA GLY B 222 33.46 0.80 7.79
C GLY B 222 32.55 0.39 8.93
N VAL B 223 33.10 0.29 10.15
CA VAL B 223 32.35 -0.17 11.31
C VAL B 223 31.25 0.81 11.67
N GLU B 224 31.54 2.10 11.56
CA GLU B 224 30.56 3.13 11.91
C GLU B 224 29.59 3.43 10.78
N GLY B 225 29.79 2.84 9.61
CA GLY B 225 28.98 3.17 8.45
C GLY B 225 29.13 4.59 7.98
N ASN B 226 30.34 5.12 8.04
CA ASN B 226 30.64 6.46 7.55
C ASN B 226 30.97 6.30 6.08
N THR B 227 29.96 6.47 5.22
CA THR B 227 30.09 6.08 3.82
C THR B 227 31.04 6.98 3.05
N VAL B 228 30.96 8.30 3.24
CA VAL B 228 31.81 9.19 2.46
C VAL B 228 33.24 9.14 2.96
N MET B 229 33.45 8.83 4.25
CA MET B 229 34.80 8.61 4.73
C MET B 229 35.32 7.25 4.30
N PHE B 230 34.42 6.31 4.03
CA PHE B 230 34.85 5.07 3.39
C PHE B 230 35.31 5.33 1.97
N GLN B 231 34.58 6.17 1.23
CA GLN B 231 34.89 6.44 -0.17
C GLN B 231 36.18 7.24 -0.33
N HIS B 232 36.38 8.25 0.50
CA HIS B 232 37.62 9.04 0.41
C HIS B 232 38.84 8.22 0.79
N LEU B 233 38.70 7.36 1.79
CA LEU B 233 39.83 6.50 2.15
C LEU B 233 40.07 5.42 1.11
N MET B 234 39.05 5.10 0.32
CA MET B 234 39.21 4.05 -0.67
C MET B 234 40.00 4.56 -1.89
N GLN B 235 39.90 5.85 -2.20
CA GLN B 235 40.68 6.43 -3.29
C GLN B 235 42.18 6.30 -3.08
N LYS B 236 42.62 6.30 -1.82
CA LYS B 236 44.04 6.04 -1.55
C LYS B 236 44.38 4.59 -1.88
N ARG B 237 43.42 3.68 -1.75
CA ARG B 237 43.63 2.27 -2.04
C ARG B 237 43.18 1.86 -3.43
N LYS B 238 43.04 2.81 -4.37
CA LYS B 238 42.69 2.53 -5.75
C LYS B 238 43.90 2.82 -6.63
N HIS B 239 44.20 1.90 -7.54
CA HIS B 239 45.16 2.14 -8.59
C HIS B 239 44.48 1.89 -9.92
N THR B 240 44.47 2.89 -10.80
CA THR B 240 43.81 2.79 -12.10
C THR B 240 44.80 2.30 -13.14
N GLN B 241 44.55 1.12 -13.69
CA GLN B 241 45.51 0.49 -14.58
C GLN B 241 45.52 1.13 -15.95
N TRP B 242 44.38 1.16 -16.61
CA TRP B 242 44.25 1.78 -17.91
C TRP B 242 42.83 2.30 -18.08
N THR B 243 42.65 3.18 -19.06
CA THR B 243 41.36 3.77 -19.39
C THR B 243 41.16 3.68 -20.90
N TYR B 244 40.07 3.05 -21.32
CA TYR B 244 39.87 2.71 -22.73
C TYR B 244 38.55 3.34 -23.17
N GLY B 245 38.60 4.63 -23.48
CA GLY B 245 37.42 5.41 -23.73
C GLY B 245 36.50 5.40 -22.53
N PRO B 246 35.32 4.81 -22.70
CA PRO B 246 34.40 4.63 -21.57
C PRO B 246 34.85 3.60 -20.56
N LEU B 247 35.58 2.58 -20.98
CA LEU B 247 36.05 1.58 -20.04
C LEU B 247 37.26 2.08 -19.26
N THR B 248 37.33 1.67 -18.02
CA THR B 248 38.51 1.87 -17.19
C THR B 248 38.68 0.65 -16.31
N SER B 249 39.93 0.35 -15.97
CA SER B 249 40.27 -0.77 -15.11
C SER B 249 40.85 -0.25 -13.82
N THR B 250 40.25 -0.63 -12.70
CA THR B 250 40.68 -0.15 -11.40
C THR B 250 41.06 -1.34 -10.55
N LEU B 251 42.20 -1.24 -9.88
CA LEU B 251 42.73 -2.29 -9.03
C LEU B 251 42.65 -1.83 -7.58
N TYR B 252 42.05 -2.64 -6.73
CA TYR B 252 41.77 -2.27 -5.35
C TYR B 252 42.70 -3.01 -4.40
N ASP B 253 43.14 -2.33 -3.34
CA ASP B 253 44.19 -2.87 -2.47
C ASP B 253 43.73 -4.13 -1.75
N LEU B 254 42.50 -4.10 -1.21
CA LEU B 254 41.78 -5.25 -0.65
C LEU B 254 42.51 -5.81 0.57
N THR B 255 43.39 -5.04 1.20
CA THR B 255 44.18 -5.53 2.32
C THR B 255 43.35 -5.63 3.58
N GLU B 256 42.64 -4.58 3.93
CA GLU B 256 41.89 -4.56 5.18
C GLU B 256 40.47 -5.07 5.03
N ILE B 257 39.87 -4.91 3.85
CA ILE B 257 38.53 -5.42 3.65
C ILE B 257 38.51 -6.93 3.49
N ASP B 258 39.65 -7.58 3.30
CA ASP B 258 39.70 -9.04 3.35
C ASP B 258 40.91 -9.56 4.14
N SER B 259 41.25 -8.94 5.26
CA SER B 259 42.31 -9.48 6.11
C SER B 259 41.86 -10.78 6.76
N SER B 260 42.57 -11.86 6.48
CA SER B 260 42.16 -13.18 6.96
C SER B 260 43.38 -14.06 7.09
N GLY B 261 43.26 -15.06 7.98
CA GLY B 261 44.37 -15.89 8.36
C GLY B 261 45.18 -15.38 9.54
N ASP B 262 45.12 -14.08 9.79
CA ASP B 262 45.82 -13.47 10.93
C ASP B 262 44.95 -12.59 11.80
N GLU B 263 43.84 -12.07 11.29
CA GLU B 263 43.08 -11.05 12.01
C GLU B 263 41.67 -11.04 11.42
N GLN B 264 40.75 -10.37 12.13
CA GLN B 264 39.39 -10.21 11.67
C GLN B 264 39.36 -9.34 10.41
N SER B 265 38.46 -9.67 9.49
CA SER B 265 38.33 -8.83 8.31
C SER B 265 37.46 -7.62 8.63
N LEU B 266 37.51 -6.63 7.73
CA LEU B 266 36.56 -5.53 7.81
C LEU B 266 35.14 -6.02 7.56
N LEU B 267 35.00 -7.04 6.73
CA LEU B 267 33.71 -7.69 6.54
C LEU B 267 33.27 -8.36 7.83
N GLU B 268 34.21 -8.93 8.58
CA GLU B 268 33.88 -9.58 9.84
C GLU B 268 33.48 -8.57 10.91
N LEU B 269 34.12 -7.40 10.92
CA LEU B 269 33.75 -6.34 11.87
C LEU B 269 32.36 -5.80 11.62
N ILE B 270 31.97 -5.68 10.35
CA ILE B 270 30.66 -5.13 10.03
C ILE B 270 29.55 -6.07 10.47
N ILE B 271 29.77 -7.38 10.32
CA ILE B 271 28.77 -8.36 10.72
C ILE B 271 28.59 -8.39 12.22
N THR B 272 29.70 -8.41 12.97
CA THR B 272 29.60 -8.54 14.41
C THR B 272 29.14 -7.25 15.09
N THR B 273 29.28 -6.10 14.44
CA THR B 273 28.87 -4.87 15.07
C THR B 273 27.36 -4.74 15.01
N LYS B 274 26.83 -3.90 15.91
CA LYS B 274 25.39 -3.77 16.11
C LYS B 274 24.81 -2.57 15.37
N LYS B 275 25.50 -2.08 14.35
CA LYS B 275 25.10 -0.87 13.65
C LYS B 275 24.47 -1.23 12.31
N ARG B 276 23.25 -0.75 12.09
CA ARG B 276 22.60 -0.97 10.81
C ARG B 276 23.21 -0.08 9.73
N GLU B 277 23.85 1.01 10.14
CA GLU B 277 24.51 1.89 9.18
C GLU B 277 25.75 1.25 8.58
N ALA B 278 26.36 0.29 9.28
CA ALA B 278 27.57 -0.35 8.79
C ALA B 278 27.30 -1.20 7.56
N ARG B 279 26.08 -1.70 7.41
CA ARG B 279 25.79 -2.60 6.29
C ARG B 279 25.61 -1.88 4.96
N GLN B 280 25.52 -0.56 4.96
CA GLN B 280 25.60 0.15 3.68
C GLN B 280 26.98 0.06 3.07
N ILE B 281 28.02 -0.14 3.90
CA ILE B 281 29.38 -0.31 3.40
C ILE B 281 29.51 -1.59 2.58
N LEU B 282 28.64 -2.56 2.81
CA LEU B 282 28.52 -3.73 1.95
C LEU B 282 28.09 -3.42 0.52
N ASP B 283 27.57 -2.22 0.25
CA ASP B 283 27.16 -1.83 -1.09
C ASP B 283 28.13 -0.87 -1.76
N GLN B 284 29.33 -0.73 -1.21
CA GLN B 284 30.40 0.07 -1.79
C GLN B 284 31.25 -0.81 -2.69
N THR B 285 31.87 -0.20 -3.70
CA THR B 285 32.30 -0.98 -4.85
C THR B 285 33.38 -2.04 -4.63
N PRO B 286 34.51 -1.81 -3.94
CA PRO B 286 35.43 -2.95 -3.74
C PRO B 286 34.87 -4.04 -2.85
N VAL B 287 34.03 -3.66 -1.88
CA VAL B 287 33.40 -4.64 -0.99
C VAL B 287 32.42 -5.51 -1.76
N LYS B 288 31.61 -4.90 -2.63
CA LYS B 288 30.50 -5.60 -3.26
C LYS B 288 30.96 -6.68 -4.23
N GLU B 289 31.93 -6.35 -5.09
CA GLU B 289 32.43 -7.36 -6.02
C GLU B 289 33.31 -8.39 -5.32
N LEU B 290 33.91 -8.03 -4.19
CA LEU B 290 34.66 -9.00 -3.41
C LEU B 290 33.74 -10.07 -2.85
N VAL B 291 32.63 -9.65 -2.27
CA VAL B 291 31.70 -10.58 -1.64
C VAL B 291 31.04 -11.46 -2.70
N SER B 292 30.61 -10.85 -3.81
CA SER B 292 29.97 -11.62 -4.88
C SER B 292 30.94 -12.59 -5.54
N LEU B 293 32.21 -12.24 -5.64
CA LEU B 293 33.19 -13.16 -6.20
C LEU B 293 33.43 -14.33 -5.29
N LYS B 294 33.73 -14.08 -4.01
CA LYS B 294 34.04 -15.18 -3.10
C LYS B 294 32.82 -16.05 -2.82
N TRP B 295 31.62 -15.49 -2.97
CA TRP B 295 30.41 -16.29 -2.89
C TRP B 295 30.28 -17.23 -4.08
N LYS B 296 30.47 -16.71 -5.29
CA LYS B 296 30.30 -17.56 -6.47
C LYS B 296 31.44 -18.55 -6.64
N ARG B 297 32.66 -18.15 -6.26
CA ARG B 297 33.80 -19.04 -6.47
C ARG B 297 33.78 -20.23 -5.52
N TYR B 298 33.69 -19.97 -4.22
CA TYR B 298 33.83 -21.06 -3.27
C TYR B 298 32.72 -21.04 -2.24
N GLY B 299 32.06 -19.90 -2.11
CA GLY B 299 30.99 -19.76 -1.15
C GLY B 299 29.78 -20.61 -1.41
N ARG B 300 29.24 -20.56 -2.64
CA ARG B 300 28.09 -21.40 -2.94
C ARG B 300 28.38 -22.90 -2.97
N PRO B 301 29.34 -23.43 -3.77
CA PRO B 301 29.39 -24.89 -3.95
C PRO B 301 29.72 -25.66 -2.69
N TYR B 302 30.41 -25.02 -1.74
CA TYR B 302 30.58 -25.66 -0.44
C TYR B 302 29.28 -25.62 0.36
N PHE B 303 28.59 -24.48 0.35
CA PHE B 303 27.39 -24.30 1.16
C PHE B 303 26.26 -25.19 0.69
N CYS B 304 26.13 -25.36 -0.63
CA CYS B 304 25.17 -26.33 -1.15
C CYS B 304 25.63 -27.77 -0.89
N MET B 305 26.94 -28.00 -0.86
CA MET B 305 27.45 -29.30 -0.44
C MET B 305 27.23 -29.52 1.06
N LEU B 306 27.47 -28.48 1.87
CA LEU B 306 27.17 -28.57 3.29
C LEU B 306 25.67 -28.67 3.54
N GLY B 307 24.86 -28.18 2.60
CA GLY B 307 23.42 -28.33 2.70
C GLY B 307 22.95 -29.73 2.41
N ALA B 308 23.51 -30.36 1.36
CA ALA B 308 23.05 -31.69 0.94
C ALA B 308 23.47 -32.75 1.95
N ILE B 309 24.65 -32.60 2.56
CA ILE B 309 25.08 -33.50 3.61
C ILE B 309 24.16 -33.41 4.82
N TYR B 310 23.74 -32.19 5.17
CA TYR B 310 22.85 -32.04 6.32
C TYR B 310 21.46 -32.57 6.01
N LEU B 311 21.03 -32.49 4.75
CA LEU B 311 19.72 -32.99 4.38
C LEU B 311 19.66 -34.50 4.46
N LEU B 312 20.69 -35.18 3.96
CA LEU B 312 20.75 -36.64 4.05
C LEU B 312 20.91 -37.11 5.50
N TYR B 313 21.51 -36.28 6.34
CA TYR B 313 21.61 -36.58 7.76
C TYR B 313 20.25 -36.54 8.44
N ILE B 314 19.45 -35.52 8.14
CA ILE B 314 18.14 -35.38 8.76
C ILE B 314 17.17 -36.42 8.22
N ILE B 315 17.34 -36.82 6.96
CA ILE B 315 16.57 -37.96 6.44
C ILE B 315 16.98 -39.25 7.13
N CYS B 316 18.27 -39.40 7.43
CA CYS B 316 18.72 -40.57 8.18
C CYS B 316 18.24 -40.52 9.63
N PHE B 317 18.17 -39.32 10.21
CA PHE B 317 17.62 -39.21 11.56
C PHE B 317 16.12 -39.47 11.56
N THR B 318 15.43 -39.10 10.49
CA THR B 318 13.99 -39.34 10.42
C THR B 318 13.68 -40.82 10.36
N MET B 319 14.39 -41.57 9.52
CA MET B 319 14.12 -43.00 9.35
C MET B 319 14.41 -43.79 10.61
N CYS B 320 15.39 -43.35 11.41
CA CYS B 320 15.63 -44.00 12.69
C CYS B 320 14.49 -43.73 13.66
N CYS B 321 13.85 -42.58 13.52
CA CYS B 321 12.71 -42.27 14.36
C CYS B 321 11.42 -42.89 13.85
N ILE B 322 11.32 -43.14 12.55
CA ILE B 322 10.15 -43.85 12.02
C ILE B 322 10.16 -45.29 12.47
N TYR B 323 11.34 -45.89 12.60
CA TYR B 323 11.51 -47.30 12.89
C TYR B 323 12.00 -47.53 14.31
N ARG B 324 11.64 -46.65 15.24
CA ARG B 324 12.11 -46.75 16.62
C ARG B 324 11.55 -48.01 17.29
N PRO B 325 12.28 -48.63 18.22
CA PRO B 325 11.87 -49.93 18.77
C PRO B 325 10.62 -49.80 19.62
N LEU B 326 9.58 -50.54 19.23
CA LEU B 326 8.32 -50.50 19.95
C LEU B 326 7.74 -51.91 20.00
N LYS B 327 7.13 -52.25 21.13
CA LYS B 327 6.54 -53.55 21.36
C LYS B 327 5.14 -53.36 21.91
N PRO B 328 4.25 -54.35 21.75
CA PRO B 328 2.95 -54.31 22.44
C PRO B 328 3.08 -54.24 23.94
N ARG B 329 2.18 -53.49 24.56
CA ARG B 329 2.25 -53.23 26.00
C ARG B 329 1.99 -54.50 26.80
N THR B 330 2.80 -54.68 27.85
CA THR B 330 2.61 -55.83 28.73
C THR B 330 1.48 -55.58 29.72
N ASN B 331 1.28 -54.33 30.10
CA ASN B 331 0.26 -53.96 31.07
C ASN B 331 -1.13 -54.01 30.44
N ASN B 332 -2.15 -54.00 31.29
CA ASN B 332 -3.51 -53.82 30.83
C ASN B 332 -3.84 -52.33 30.76
N ARG B 333 -4.99 -52.02 30.16
CA ARG B 333 -5.43 -50.64 30.03
C ARG B 333 -5.87 -50.11 31.39
N THR B 334 -5.36 -48.94 31.76
CA THR B 334 -5.52 -48.45 33.12
C THR B 334 -6.74 -47.57 33.32
N SER B 335 -7.40 -47.16 32.24
CA SER B 335 -8.58 -46.32 32.30
C SER B 335 -9.35 -46.50 31.00
N PRO B 336 -10.63 -46.12 30.95
CA PRO B 336 -11.29 -46.05 29.65
C PRO B 336 -10.76 -44.94 28.76
N ARG B 337 -10.06 -43.95 29.34
CA ARG B 337 -9.45 -42.87 28.58
C ARG B 337 -8.00 -43.15 28.22
N ASP B 338 -7.56 -44.40 28.28
CA ASP B 338 -6.17 -44.74 27.98
C ASP B 338 -6.08 -45.27 26.56
N ASN B 339 -5.28 -44.60 25.73
CA ASN B 339 -5.24 -44.91 24.32
C ASN B 339 -3.96 -45.64 23.92
N THR B 340 -3.07 -45.90 24.86
CA THR B 340 -1.78 -46.49 24.55
C THR B 340 -1.93 -47.95 24.17
N LEU B 341 -1.33 -48.33 23.06
CA LEU B 341 -1.27 -49.71 22.64
C LEU B 341 0.14 -50.28 22.63
N LEU B 342 1.15 -49.45 22.47
CA LEU B 342 2.50 -49.92 22.27
C LEU B 342 3.38 -49.20 23.27
N GLN B 343 4.51 -49.83 23.60
CA GLN B 343 5.43 -49.20 24.52
C GLN B 343 6.84 -49.38 23.99
N GLN B 344 7.78 -48.69 24.62
CA GLN B 344 9.17 -48.78 24.20
C GLN B 344 9.75 -50.12 24.58
N LYS B 345 10.61 -50.65 23.74
CA LYS B 345 11.34 -51.84 24.09
C LYS B 345 12.44 -51.51 25.09
N LEU B 346 12.95 -52.56 25.74
CA LEU B 346 14.18 -52.44 26.51
C LEU B 346 15.38 -52.43 25.56
N LEU B 347 16.56 -52.21 26.13
CA LEU B 347 17.77 -52.09 25.31
C LEU B 347 18.12 -53.39 24.61
N GLN B 348 18.07 -54.52 25.33
CA GLN B 348 18.40 -55.80 24.71
C GLN B 348 17.34 -56.22 23.69
N GLU B 349 16.07 -55.91 23.97
CA GLU B 349 15.01 -56.15 22.99
C GLU B 349 15.15 -55.26 21.77
N ALA B 350 15.71 -54.06 21.94
CA ALA B 350 15.79 -53.08 20.86
C ALA B 350 16.71 -53.55 19.74
N TYR B 351 17.72 -54.36 20.05
CA TYR B 351 18.70 -54.79 19.04
C TYR B 351 18.88 -56.31 19.12
N MET B 352 18.07 -57.06 18.38
CA MET B 352 18.31 -58.50 18.24
C MET B 352 17.91 -59.04 16.86
N THR B 353 17.89 -58.20 15.83
CA THR B 353 17.41 -58.65 14.53
C THR B 353 18.16 -57.87 13.46
N PRO B 354 18.19 -58.34 12.19
CA PRO B 354 18.85 -57.55 11.14
C PRO B 354 18.30 -56.15 10.89
N LYS B 355 16.99 -55.94 10.97
CA LYS B 355 16.45 -54.59 10.85
C LYS B 355 16.89 -53.70 12.01
N ASP B 356 17.04 -54.29 13.20
CA ASP B 356 17.55 -53.56 14.35
C ASP B 356 19.02 -53.18 14.16
N ASP B 357 19.79 -53.99 13.43
CA ASP B 357 21.18 -53.66 13.17
C ASP B 357 21.31 -52.59 12.10
N ILE B 358 20.42 -52.59 11.10
CA ILE B 358 20.43 -51.55 10.08
C ILE B 358 20.04 -50.20 10.67
N ARG B 359 19.06 -50.18 11.57
CA ARG B 359 18.75 -48.97 12.31
C ARG B 359 19.89 -48.54 13.21
N LEU B 360 20.61 -49.51 13.77
CA LEU B 360 21.73 -49.21 14.67
C LEU B 360 22.85 -48.48 13.95
N VAL B 361 23.04 -48.78 12.66
CA VAL B 361 23.98 -48.03 11.84
C VAL B 361 23.54 -46.57 11.72
N GLY B 362 22.27 -46.34 11.37
CA GLY B 362 21.78 -45.00 11.18
C GLY B 362 21.73 -44.19 12.48
N GLU B 363 21.42 -44.87 13.58
CA GLU B 363 21.43 -44.20 14.88
C GLU B 363 22.85 -43.85 15.30
N LEU B 364 23.82 -44.69 14.95
CA LEU B 364 25.21 -44.37 15.24
C LEU B 364 25.69 -43.21 14.36
N VAL B 365 25.25 -43.18 13.10
CA VAL B 365 25.53 -42.05 12.21
C VAL B 365 24.91 -40.77 12.78
N THR B 366 23.72 -40.88 13.37
CA THR B 366 23.02 -39.73 13.93
C THR B 366 23.77 -39.16 15.13
N VAL B 367 24.21 -40.02 16.04
CA VAL B 367 24.91 -39.57 17.24
C VAL B 367 26.28 -39.01 16.89
N ILE B 368 27.02 -39.70 16.01
CA ILE B 368 28.31 -39.19 15.54
C ILE B 368 28.14 -37.86 14.81
N GLY B 369 27.03 -37.71 14.08
CA GLY B 369 26.72 -36.42 13.48
C GLY B 369 26.42 -35.34 14.51
N ALA B 370 25.74 -35.71 15.59
CA ALA B 370 25.39 -34.73 16.61
C ALA B 370 26.59 -34.34 17.46
N ILE B 371 27.54 -35.26 17.63
CA ILE B 371 28.76 -34.93 18.35
C ILE B 371 29.61 -33.96 17.54
N ILE B 372 29.70 -34.19 16.22
CA ILE B 372 30.45 -33.32 15.32
C ILE B 372 29.85 -31.92 15.28
N ILE B 373 28.52 -31.81 15.42
CA ILE B 373 27.87 -30.51 15.50
C ILE B 373 28.33 -29.76 16.74
N LEU B 374 28.35 -30.44 17.89
CA LEU B 374 28.78 -29.82 19.13
C LEU B 374 30.24 -29.38 19.09
N LEU B 375 31.08 -30.17 18.41
CA LEU B 375 32.51 -29.83 18.31
C LEU B 375 32.73 -28.58 17.48
N VAL B 376 32.03 -28.45 16.36
CA VAL B 376 32.17 -27.26 15.52
C VAL B 376 31.32 -26.09 16.00
N GLU B 377 30.57 -26.23 17.10
CA GLU B 377 29.77 -25.11 17.59
C GLU B 377 30.07 -24.68 19.01
N VAL B 378 30.17 -25.62 19.95
CA VAL B 378 30.24 -25.30 21.38
C VAL B 378 31.60 -24.76 21.81
N PRO B 379 32.79 -25.41 21.48
CA PRO B 379 34.07 -24.76 21.80
C PRO B 379 34.27 -23.37 21.21
N ASP B 380 33.53 -23.04 20.15
CA ASP B 380 33.63 -21.71 19.55
C ASP B 380 33.07 -20.63 20.46
N ILE B 381 31.96 -20.90 21.16
CA ILE B 381 31.32 -19.85 21.97
C ILE B 381 32.10 -19.65 23.26
N GLY B 397 23.65 -16.95 15.22
CA GLY B 397 22.70 -16.31 16.09
C GLY B 397 21.63 -17.30 16.52
N PRO B 398 20.50 -17.26 15.84
CA PRO B 398 19.43 -18.23 16.10
C PRO B 398 19.71 -19.64 15.57
N PHE B 399 20.22 -19.77 14.35
CA PHE B 399 20.51 -21.11 13.81
C PHE B 399 21.73 -21.72 14.50
N HIS B 400 22.55 -20.91 15.15
CA HIS B 400 23.45 -21.47 16.16
C HIS B 400 22.66 -22.19 17.25
N VAL B 401 21.64 -21.53 17.79
CA VAL B 401 20.88 -22.08 18.92
C VAL B 401 20.08 -23.30 18.50
N LEU B 402 19.48 -23.25 17.30
CA LEU B 402 18.64 -24.35 16.83
C LEU B 402 19.42 -25.64 16.60
N ILE B 403 20.61 -25.54 16.04
CA ILE B 403 21.34 -26.77 15.75
C ILE B 403 22.00 -27.32 17.00
N ILE B 404 22.38 -26.46 17.96
CA ILE B 404 22.94 -26.94 19.21
C ILE B 404 21.85 -27.62 20.04
N THR B 405 20.65 -27.05 20.01
CA THR B 405 19.50 -27.68 20.67
C THR B 405 19.14 -28.99 20.01
N TYR B 406 19.22 -29.06 18.68
CA TYR B 406 18.99 -30.31 17.97
C TYR B 406 20.03 -31.35 18.34
N ALA B 407 21.31 -30.97 18.38
CA ALA B 407 22.35 -31.92 18.77
C ALA B 407 22.22 -32.31 20.24
N PHE B 408 21.70 -31.41 21.07
CA PHE B 408 21.48 -31.75 22.46
C PHE B 408 20.32 -32.73 22.64
N MET B 409 19.24 -32.53 21.87
CA MET B 409 18.09 -33.44 21.95
C MET B 409 18.41 -34.83 21.40
N VAL B 410 19.36 -34.91 20.46
CA VAL B 410 19.80 -36.22 19.99
C VAL B 410 20.54 -36.97 21.10
N LEU B 411 21.39 -36.29 21.85
CA LEU B 411 22.17 -36.98 22.87
C LEU B 411 21.30 -37.45 24.02
N VAL B 412 20.25 -36.68 24.35
CA VAL B 412 19.29 -37.11 25.35
C VAL B 412 18.56 -38.37 24.89
N THR B 413 18.30 -38.46 23.58
CA THR B 413 17.61 -39.64 23.04
C THR B 413 18.48 -40.88 23.19
N MET B 414 19.79 -40.75 22.96
CA MET B 414 20.72 -41.86 23.15
C MET B 414 20.82 -42.25 24.62
N VAL B 415 20.93 -41.26 25.51
CA VAL B 415 21.04 -41.49 26.95
C VAL B 415 19.84 -42.25 27.48
N MET B 416 18.64 -41.83 27.07
CA MET B 416 17.43 -42.54 27.45
C MET B 416 17.34 -43.90 26.77
N ARG B 417 17.92 -44.03 25.58
CA ARG B 417 17.94 -45.33 24.92
C ARG B 417 18.83 -46.32 25.67
N LEU B 418 19.97 -45.84 26.18
CA LEU B 418 20.92 -46.72 26.84
C LEU B 418 20.43 -47.16 28.21
N ILE B 419 19.82 -46.24 28.97
CA ILE B 419 19.34 -46.59 30.29
C ILE B 419 17.89 -47.07 30.28
N SER B 420 17.30 -47.21 29.09
CA SER B 420 15.91 -47.66 28.88
C SER B 420 14.90 -46.74 29.55
N ALA B 421 15.21 -45.45 29.62
CA ALA B 421 14.28 -44.48 30.18
C ALA B 421 13.12 -44.24 29.23
N SER B 422 11.90 -44.25 29.77
CA SER B 422 10.73 -44.05 28.95
C SER B 422 10.47 -42.56 28.74
N GLY B 423 9.83 -42.26 27.63
CA GLY B 423 9.60 -40.89 27.24
C GLY B 423 10.47 -40.40 26.11
N GLU B 424 11.07 -41.29 25.32
CA GLU B 424 11.95 -40.91 24.21
C GLU B 424 11.22 -40.18 23.09
N VAL B 425 9.88 -40.18 23.10
CA VAL B 425 9.13 -39.40 22.15
C VAL B 425 9.28 -37.90 22.43
N VAL B 426 9.60 -37.54 23.68
CA VAL B 426 9.82 -36.11 23.97
C VAL B 426 11.11 -35.59 23.38
N PRO B 427 12.30 -36.21 23.53
CA PRO B 427 13.49 -35.67 22.84
C PRO B 427 13.42 -35.76 21.34
N MET B 428 12.86 -36.83 20.79
CA MET B 428 12.78 -36.99 19.34
C MET B 428 11.92 -35.91 18.70
N SER B 429 10.75 -35.64 19.28
CA SER B 429 9.80 -34.71 18.66
C SER B 429 10.34 -33.29 18.65
N PHE B 430 11.05 -32.90 19.70
CA PHE B 430 11.83 -31.68 19.63
C PHE B 430 12.89 -31.77 18.54
N ALA B 431 13.56 -32.91 18.44
CA ALA B 431 14.66 -33.03 17.48
C ALA B 431 14.16 -33.14 16.04
N LEU B 432 13.01 -33.76 15.80
CA LEU B 432 12.47 -33.82 14.45
C LEU B 432 12.04 -32.45 13.95
N VAL B 433 11.39 -31.67 14.82
CA VAL B 433 10.99 -30.31 14.46
C VAL B 433 12.20 -29.39 14.34
N LEU B 434 13.10 -29.43 15.32
CA LEU B 434 14.30 -28.59 15.27
C LEU B 434 15.25 -29.04 14.17
N GLY B 435 15.32 -30.34 13.92
CA GLY B 435 16.25 -30.83 12.90
C GLY B 435 15.83 -30.47 11.50
N TRP B 436 14.53 -30.55 11.21
CA TRP B 436 14.08 -30.17 9.86
C TRP B 436 14.06 -28.66 9.68
N CYS B 437 13.75 -27.90 10.72
CA CYS B 437 13.70 -26.45 10.55
C CYS B 437 15.09 -25.83 10.38
N ASN B 438 16.14 -26.58 10.73
CA ASN B 438 17.50 -26.19 10.36
C ASN B 438 17.76 -26.28 8.86
N VAL B 439 16.99 -27.10 8.15
CA VAL B 439 17.19 -27.22 6.71
C VAL B 439 16.78 -25.92 6.02
N MET B 440 15.90 -25.14 6.66
CA MET B 440 15.57 -23.81 6.17
C MET B 440 16.74 -22.83 6.24
N TYR B 441 17.77 -23.10 7.05
CA TYR B 441 18.97 -22.26 7.06
C TYR B 441 19.65 -22.21 5.71
N PHE B 442 19.55 -23.27 4.92
CA PHE B 442 20.22 -23.35 3.64
C PHE B 442 19.43 -22.71 2.50
N ALA B 443 18.35 -22.02 2.82
CA ALA B 443 17.65 -21.22 1.83
C ALA B 443 18.45 -19.99 1.39
N ARG B 444 19.35 -19.50 2.23
CA ARG B 444 20.07 -18.27 1.95
C ARG B 444 21.06 -18.40 0.81
N GLY B 445 21.43 -19.63 0.45
CA GLY B 445 22.24 -19.83 -0.73
C GLY B 445 21.52 -19.38 -1.99
N PHE B 446 20.22 -19.62 -2.05
CA PHE B 446 19.41 -19.09 -3.14
C PHE B 446 19.02 -17.65 -2.82
N GLN B 447 19.08 -16.80 -3.84
CA GLN B 447 18.99 -15.36 -3.61
C GLN B 447 17.58 -14.93 -3.23
N MET B 448 16.56 -15.52 -3.87
CA MET B 448 15.19 -15.19 -3.51
C MET B 448 14.78 -15.78 -2.18
N LEU B 449 15.33 -16.94 -1.82
CA LEU B 449 14.83 -17.67 -0.66
C LEU B 449 15.34 -17.10 0.65
N GLY B 450 16.51 -16.46 0.64
CA GLY B 450 17.17 -15.99 1.85
C GLY B 450 16.43 -14.93 2.65
N PRO B 451 15.96 -13.86 2.02
CA PRO B 451 15.11 -12.91 2.77
C PRO B 451 13.79 -13.47 3.29
N PHE B 452 13.33 -14.62 2.77
CA PHE B 452 12.13 -15.24 3.35
C PHE B 452 12.41 -15.75 4.75
N THR B 453 13.64 -16.22 5.00
CA THR B 453 14.02 -16.60 6.35
C THR B 453 14.16 -15.38 7.25
N ILE B 454 14.52 -14.22 6.68
CA ILE B 454 14.51 -12.96 7.41
C ILE B 454 13.11 -12.61 7.88
N MET B 455 12.12 -12.79 7.00
CA MET B 455 10.71 -12.53 7.31
C MET B 455 10.24 -13.35 8.50
N ILE B 456 10.61 -14.63 8.53
CA ILE B 456 10.19 -15.54 9.58
C ILE B 456 10.72 -15.09 10.94
N GLN B 457 11.98 -14.63 10.97
CA GLN B 457 12.57 -14.16 12.22
C GLN B 457 11.91 -12.87 12.71
N LYS B 458 11.73 -11.90 11.81
CA LYS B 458 11.19 -10.60 12.21
C LYS B 458 9.72 -10.70 12.59
N MET B 459 8.97 -11.61 11.96
CA MET B 459 7.59 -11.80 12.35
C MET B 459 7.47 -12.48 13.70
N ILE B 460 8.41 -13.36 14.04
CA ILE B 460 8.27 -14.10 15.30
C ILE B 460 8.86 -13.30 16.47
N PHE B 461 9.95 -12.56 16.26
CA PHE B 461 10.55 -11.79 17.35
C PHE B 461 10.13 -10.34 17.34
N GLY B 462 9.31 -9.97 16.37
CA GLY B 462 8.68 -8.67 16.36
C GLY B 462 7.24 -8.92 16.67
N ASP B 463 6.42 -9.00 15.62
CA ASP B 463 4.96 -8.96 15.72
C ASP B 463 4.40 -10.08 16.58
N LEU B 464 5.03 -11.24 16.60
CA LEU B 464 4.51 -12.30 17.46
C LEU B 464 4.85 -12.06 18.93
N MET B 465 6.11 -11.69 19.23
CA MET B 465 6.52 -11.47 20.62
C MET B 465 5.80 -10.29 21.25
N ARG B 466 5.40 -9.32 20.42
CA ARG B 466 4.53 -8.25 20.90
C ARG B 466 3.12 -8.78 21.15
N PHE B 467 2.45 -9.24 20.10
CA PHE B 467 1.01 -9.46 20.11
C PHE B 467 0.59 -10.70 20.89
N CYS B 468 1.51 -11.61 21.21
CA CYS B 468 1.15 -12.79 22.01
C CYS B 468 0.72 -12.45 23.42
N TRP B 469 1.14 -11.30 23.94
CA TRP B 469 0.75 -10.90 25.28
C TRP B 469 -0.69 -10.42 25.32
N LEU B 470 -1.11 -9.75 24.25
CA LEU B 470 -2.51 -9.39 24.10
C LEU B 470 -3.34 -10.62 23.78
N MET B 471 -2.76 -11.56 23.03
CA MET B 471 -3.51 -12.68 22.49
C MET B 471 -3.72 -13.79 23.52
N ALA B 472 -2.72 -14.08 24.36
CA ALA B 472 -2.86 -15.10 25.38
C ALA B 472 -3.79 -14.67 26.48
N VAL B 473 -3.83 -13.37 26.75
CA VAL B 473 -4.67 -12.81 27.79
C VAL B 473 -6.15 -12.94 27.42
N VAL B 474 -6.48 -12.73 26.15
CA VAL B 474 -7.84 -13.01 25.66
C VAL B 474 -8.17 -14.50 25.74
N ILE B 475 -7.19 -15.35 25.43
CA ILE B 475 -7.37 -16.79 25.53
C ILE B 475 -7.60 -17.21 26.99
N LEU B 476 -6.82 -16.64 27.91
CA LEU B 476 -7.00 -16.96 29.34
C LEU B 476 -8.35 -16.51 29.86
N GLY B 477 -8.85 -15.39 29.35
CA GLY B 477 -10.14 -14.91 29.82
C GLY B 477 -11.29 -15.76 29.34
N PHE B 478 -11.26 -16.16 28.08
CA PHE B 478 -12.38 -16.93 27.55
C PHE B 478 -12.27 -18.40 27.90
N ALA B 479 -11.06 -18.95 28.03
CA ALA B 479 -10.94 -20.35 28.41
C ALA B 479 -11.42 -20.57 29.82
N SER B 480 -11.17 -19.60 30.69
CA SER B 480 -11.71 -19.62 32.03
C SER B 480 -13.22 -19.51 32.01
N ALA B 481 -13.75 -18.66 31.13
CA ALA B 481 -15.19 -18.52 30.99
C ALA B 481 -15.81 -19.79 30.40
N PHE B 482 -15.18 -20.35 29.38
CA PHE B 482 -15.68 -21.57 28.74
C PHE B 482 -15.61 -22.77 29.66
N TYR B 483 -14.65 -22.79 30.57
CA TYR B 483 -14.52 -23.91 31.49
C TYR B 483 -15.68 -23.97 32.47
N ILE B 484 -16.00 -22.86 33.10
CA ILE B 484 -17.00 -22.86 34.16
C ILE B 484 -18.41 -22.98 33.59
N ILE B 485 -18.60 -22.61 32.32
CA ILE B 485 -19.90 -22.79 31.67
C ILE B 485 -20.20 -24.27 31.47
N PHE B 486 -19.20 -25.06 31.15
CA PHE B 486 -19.37 -26.49 30.95
C PHE B 486 -18.91 -27.29 32.15
N GLN B 487 -18.69 -26.63 33.27
CA GLN B 487 -18.24 -27.34 34.46
C GLN B 487 -19.38 -28.15 35.05
N THR B 488 -20.61 -27.66 34.94
CA THR B 488 -21.77 -28.43 35.36
C THR B 488 -22.17 -29.48 34.33
N GLU B 489 -21.99 -29.18 33.05
CA GLU B 489 -22.50 -30.02 31.97
C GLU B 489 -21.70 -31.32 31.88
N ASP B 490 -22.24 -32.30 31.18
CA ASP B 490 -21.55 -33.58 31.02
C ASP B 490 -20.52 -33.53 29.90
N PRO B 491 -19.29 -33.98 30.13
CA PRO B 491 -18.25 -33.82 29.11
C PRO B 491 -18.38 -34.73 27.90
N GLU B 492 -19.21 -35.78 27.97
CA GLU B 492 -19.30 -36.73 26.87
C GLU B 492 -19.89 -36.09 25.62
N GLU B 493 -20.84 -35.18 25.79
CA GLU B 493 -21.38 -34.46 24.65
C GLU B 493 -20.39 -33.41 24.14
N LEU B 494 -19.84 -32.60 25.04
CA LEU B 494 -18.97 -31.50 24.64
C LEU B 494 -17.77 -31.51 25.57
N GLY B 495 -16.70 -32.17 25.15
CA GLY B 495 -15.53 -32.32 25.96
C GLY B 495 -14.40 -31.42 25.54
N HIS B 496 -14.70 -30.30 24.88
CA HIS B 496 -13.68 -29.32 24.57
C HIS B 496 -13.06 -28.76 25.84
N PHE B 497 -13.84 -28.68 26.90
CA PHE B 497 -13.46 -27.95 28.10
C PHE B 497 -13.55 -28.80 29.36
N TYR B 498 -13.24 -30.11 29.26
CA TYR B 498 -13.53 -31.02 30.37
C TYR B 498 -12.64 -30.78 31.58
N ASP B 499 -11.39 -30.38 31.37
CA ASP B 499 -10.59 -29.82 32.45
C ASP B 499 -9.95 -28.53 31.98
N TYR B 500 -9.34 -27.82 32.92
CA TYR B 500 -8.80 -26.50 32.61
C TYR B 500 -7.61 -26.49 31.65
N PRO B 501 -6.65 -27.44 31.67
CA PRO B 501 -5.65 -27.43 30.60
C PRO B 501 -6.20 -27.70 29.21
N MET B 502 -7.24 -28.52 29.06
CA MET B 502 -7.81 -28.71 27.74
C MET B 502 -8.64 -27.51 27.33
N ALA B 503 -9.27 -26.84 28.29
CA ALA B 503 -10.03 -25.63 27.98
C ALA B 503 -9.13 -24.53 27.48
N LEU B 504 -7.90 -24.43 28.00
CA LEU B 504 -6.92 -23.52 27.46
C LEU B 504 -6.52 -23.89 26.04
N PHE B 505 -6.28 -25.18 25.82
CA PHE B 505 -5.81 -25.62 24.50
C PHE B 505 -6.90 -25.50 23.46
N SER B 506 -8.14 -25.82 23.83
CA SER B 506 -9.24 -25.69 22.88
C SER B 506 -9.50 -24.24 22.52
N THR B 507 -9.42 -23.33 23.49
CA THR B 507 -9.70 -21.93 23.23
C THR B 507 -8.59 -21.30 22.39
N PHE B 508 -7.36 -21.77 22.58
CA PHE B 508 -6.28 -21.46 21.66
C PHE B 508 -6.59 -21.92 20.24
N GLU B 509 -7.12 -23.13 20.09
CA GLU B 509 -7.47 -23.65 18.79
C GLU B 509 -8.69 -22.94 18.19
N LEU B 510 -9.63 -22.55 19.04
CA LEU B 510 -10.76 -21.75 18.56
C LEU B 510 -10.33 -20.35 18.17
N PHE B 511 -9.26 -19.84 18.79
CA PHE B 511 -8.76 -18.51 18.43
C PHE B 511 -8.21 -18.52 17.02
N LEU B 512 -7.43 -19.53 16.67
CA LEU B 512 -6.82 -19.62 15.35
C LEU B 512 -7.75 -20.24 14.33
N THR B 513 -8.94 -20.66 14.74
CA THR B 513 -9.98 -21.30 13.91
C THR B 513 -9.46 -22.55 13.22
N ILE B 514 -8.71 -23.36 13.97
CA ILE B 514 -8.18 -24.61 13.45
C ILE B 514 -8.97 -25.81 13.90
N ILE B 515 -9.87 -25.67 14.86
CA ILE B 515 -10.89 -26.66 15.15
C ILE B 515 -12.23 -25.94 15.08
N ASP B 516 -13.29 -26.71 14.90
CA ASP B 516 -14.62 -26.13 14.76
C ASP B 516 -15.16 -25.65 16.09
N GLY B 517 -16.11 -24.74 16.01
CA GLY B 517 -16.87 -24.30 17.15
C GLY B 517 -17.63 -25.46 17.75
N PRO B 518 -17.54 -25.60 19.06
CA PRO B 518 -18.25 -26.69 19.74
C PRO B 518 -19.76 -26.57 19.60
N ALA B 519 -20.37 -27.68 19.21
CA ALA B 519 -21.80 -27.73 18.98
C ALA B 519 -22.26 -29.16 19.12
N ASN B 520 -23.45 -29.35 19.67
CA ASN B 520 -24.01 -30.70 19.73
C ASN B 520 -25.27 -30.81 18.90
N TYR B 521 -26.25 -29.92 19.11
CA TYR B 521 -27.53 -29.78 18.40
C TYR B 521 -28.52 -30.87 18.80
N ASN B 522 -28.06 -31.85 19.56
CA ASN B 522 -28.89 -32.92 20.10
C ASN B 522 -29.10 -32.75 21.59
N VAL B 523 -28.57 -31.68 22.18
CA VAL B 523 -28.69 -31.42 23.60
C VAL B 523 -28.74 -29.91 23.77
N ASP B 524 -29.18 -29.45 24.93
CA ASP B 524 -29.22 -28.03 25.22
C ASP B 524 -27.88 -27.61 25.82
N LEU B 525 -27.15 -26.77 25.10
CA LEU B 525 -25.97 -26.13 25.65
C LEU B 525 -26.42 -25.02 26.58
N PRO B 526 -25.55 -24.54 27.48
CA PRO B 526 -25.90 -23.37 28.29
C PRO B 526 -26.07 -22.14 27.42
N PHE B 527 -26.98 -21.25 27.84
CA PHE B 527 -27.22 -20.04 27.07
C PHE B 527 -26.07 -19.07 27.21
N MET B 528 -25.32 -19.19 28.29
CA MET B 528 -24.16 -18.34 28.49
C MET B 528 -23.03 -18.74 27.54
N TYR B 529 -23.04 -19.97 27.03
CA TYR B 529 -22.06 -20.38 26.02
C TYR B 529 -22.24 -19.63 24.72
N SER B 530 -23.48 -19.52 24.23
CA SER B 530 -23.72 -18.92 22.93
C SER B 530 -23.38 -17.43 22.94
N ILE B 531 -23.60 -16.77 24.07
CA ILE B 531 -23.22 -15.37 24.21
C ILE B 531 -21.70 -15.24 24.26
N THR B 532 -21.05 -16.11 25.04
CA THR B 532 -19.60 -16.02 25.23
C THR B 532 -18.87 -16.38 23.95
N TYR B 533 -19.33 -17.42 23.25
CA TYR B 533 -18.63 -17.85 22.06
C TYR B 533 -18.85 -16.87 20.92
N ALA B 534 -20.01 -16.24 20.86
CA ALA B 534 -20.20 -15.18 19.87
C ALA B 534 -19.35 -13.95 20.20
N ALA B 535 -19.21 -13.65 21.49
CA ALA B 535 -18.28 -12.59 21.88
C ALA B 535 -16.84 -12.99 21.58
N PHE B 536 -16.51 -14.26 21.76
CA PHE B 536 -15.16 -14.75 21.46
C PHE B 536 -14.89 -14.72 19.97
N ALA B 537 -15.87 -15.10 19.17
CA ALA B 537 -15.67 -15.26 17.73
C ALA B 537 -15.43 -13.93 17.05
N ILE B 538 -16.07 -12.87 17.54
CA ILE B 538 -15.84 -11.55 16.98
C ILE B 538 -14.44 -11.06 17.33
N ILE B 539 -14.03 -11.20 18.59
CA ILE B 539 -12.72 -10.75 19.04
C ILE B 539 -11.61 -11.55 18.38
N ALA B 540 -11.80 -12.87 18.27
CA ALA B 540 -10.79 -13.72 17.66
C ALA B 540 -10.59 -13.42 16.18
N THR B 541 -11.66 -13.09 15.44
CA THR B 541 -11.43 -12.64 14.07
C THR B 541 -10.82 -11.25 14.03
N LEU B 542 -11.24 -10.37 14.93
CA LEU B 542 -10.71 -9.01 14.98
C LEU B 542 -9.23 -9.00 15.35
N LEU B 543 -8.85 -9.76 16.38
CA LEU B 543 -7.45 -9.80 16.78
C LEU B 543 -6.59 -10.53 15.76
N MET B 544 -7.12 -11.53 15.06
CA MET B 544 -6.29 -12.29 14.13
C MET B 544 -6.06 -11.53 12.84
N LEU B 545 -7.01 -10.71 12.40
CA LEU B 545 -6.75 -9.84 11.25
C LEU B 545 -5.78 -8.73 11.62
N ASN B 546 -5.81 -8.31 12.88
CA ASN B 546 -4.85 -7.34 13.38
C ASN B 546 -3.43 -7.88 13.34
N LEU B 547 -3.27 -9.18 13.62
CA LEU B 547 -1.95 -9.80 13.49
C LEU B 547 -1.53 -9.90 12.04
N LEU B 548 -2.49 -9.96 11.12
CA LEU B 548 -2.18 -9.99 9.71
C LEU B 548 -1.69 -8.64 9.21
N ILE B 549 -2.33 -7.55 9.65
CA ILE B 549 -1.87 -6.23 9.23
C ILE B 549 -0.52 -5.90 9.86
N ALA B 550 -0.29 -6.39 11.08
CA ALA B 550 1.00 -6.22 11.71
C ALA B 550 2.08 -6.97 10.94
N MET B 551 1.81 -8.22 10.59
CA MET B 551 2.72 -8.96 9.72
C MET B 551 2.70 -8.47 8.28
N MET B 552 1.72 -7.64 7.90
CA MET B 552 1.76 -6.98 6.60
C MET B 552 2.83 -5.92 6.56
N GLY B 553 2.85 -5.03 7.57
CA GLY B 553 3.83 -3.96 7.59
C GLY B 553 5.25 -4.48 7.76
N ASP B 554 5.39 -5.66 8.36
CA ASP B 554 6.71 -6.24 8.58
C ASP B 554 7.33 -6.70 7.27
N THR B 555 6.72 -7.70 6.64
CA THR B 555 7.37 -8.40 5.54
C THR B 555 7.41 -7.56 4.28
N HIS B 556 6.47 -6.63 4.12
CA HIS B 556 6.43 -5.82 2.91
C HIS B 556 7.59 -4.85 2.85
N TRP B 557 7.72 -3.98 3.86
CA TRP B 557 8.63 -2.84 3.78
C TRP B 557 9.98 -3.12 4.43
N ARG B 558 9.98 -3.82 5.57
CA ARG B 558 11.25 -4.02 6.27
C ARG B 558 12.13 -5.02 5.54
N VAL B 559 11.53 -6.01 4.88
CA VAL B 559 12.27 -7.13 4.31
C VAL B 559 12.17 -7.18 2.79
N ALA B 560 10.95 -7.20 2.24
CA ALA B 560 10.80 -7.40 0.80
C ALA B 560 11.22 -6.17 0.01
N HIS B 561 11.13 -4.99 0.63
CA HIS B 561 11.70 -3.80 0.01
C HIS B 561 13.22 -3.85 0.02
N GLU B 562 13.81 -4.45 1.06
CA GLU B 562 15.26 -4.53 1.23
C GLU B 562 15.78 -5.95 1.09
N ARG B 563 15.27 -6.71 0.12
CA ARG B 563 15.64 -8.12 0.02
C ARG B 563 17.08 -8.30 -0.45
N ASP B 564 17.58 -7.41 -1.31
CA ASP B 564 18.94 -7.58 -1.81
C ASP B 564 19.96 -7.20 -0.74
N GLU B 565 19.67 -6.19 0.07
CA GLU B 565 20.56 -5.83 1.18
C GLU B 565 20.60 -6.91 2.23
N LEU B 566 19.44 -7.48 2.57
CA LEU B 566 19.41 -8.51 3.61
C LEU B 566 20.07 -9.79 3.14
N TRP B 567 19.93 -10.13 1.87
CA TRP B 567 20.56 -11.34 1.36
C TRP B 567 22.07 -11.19 1.27
N ARG B 568 22.54 -9.98 0.96
CA ARG B 568 23.97 -9.75 0.90
C ARG B 568 24.60 -9.83 2.28
N ALA B 569 23.91 -9.31 3.29
CA ALA B 569 24.38 -9.43 4.66
C ALA B 569 24.34 -10.86 5.15
N GLN B 570 23.47 -11.69 4.57
CA GLN B 570 23.48 -13.12 4.86
C GLN B 570 24.71 -13.80 4.29
N ILE B 571 25.16 -13.38 3.10
CA ILE B 571 26.31 -13.99 2.46
C ILE B 571 27.58 -13.73 3.25
N VAL B 572 27.79 -12.47 3.64
CA VAL B 572 28.98 -12.09 4.39
C VAL B 572 29.03 -12.82 5.73
N ALA B 573 27.87 -12.97 6.37
CA ALA B 573 27.80 -13.73 7.60
C ALA B 573 28.08 -15.21 7.37
N THR B 574 27.55 -15.75 6.27
CA THR B 574 27.76 -17.17 5.96
C THR B 574 29.20 -17.44 5.58
N THR B 575 29.80 -16.55 4.79
CA THR B 575 31.15 -16.76 4.28
C THR B 575 32.20 -16.63 5.38
N VAL B 576 32.05 -15.63 6.24
CA VAL B 576 32.96 -15.45 7.38
C VAL B 576 32.89 -16.63 8.32
N MET B 577 31.69 -17.20 8.49
CA MET B 577 31.56 -18.46 9.22
C MET B 577 32.25 -19.60 8.49
N LEU B 578 32.11 -19.64 7.16
CA LEU B 578 32.78 -20.67 6.37
C LEU B 578 34.28 -20.56 6.47
N GLU B 579 34.83 -19.34 6.45
CA GLU B 579 36.27 -19.16 6.48
C GLU B 579 36.88 -19.61 7.79
N ARG B 580 36.19 -19.37 8.91
CA ARG B 580 36.68 -19.81 10.20
C ARG B 580 36.66 -21.34 10.34
N LYS B 581 35.70 -21.99 9.70
CA LYS B 581 35.46 -23.42 9.93
C LYS B 581 35.83 -24.27 8.73
N LEU B 582 36.82 -23.84 7.95
CA LEU B 582 37.20 -24.64 6.81
C LEU B 582 38.72 -24.62 6.70
N PRO B 583 39.33 -25.69 6.21
CA PRO B 583 40.78 -25.68 6.02
C PRO B 583 41.20 -24.77 4.87
N ARG B 584 42.51 -24.50 4.83
CA ARG B 584 43.05 -23.56 3.86
C ARG B 584 43.00 -24.13 2.45
N CYS B 585 43.10 -25.45 2.32
CA CYS B 585 43.08 -26.11 1.01
C CYS B 585 41.78 -25.87 0.27
N LEU B 586 40.67 -25.77 1.00
CA LEU B 586 39.37 -25.61 0.38
C LEU B 586 39.11 -24.15 -0.01
N TRP B 587 39.64 -23.21 0.76
CA TRP B 587 39.35 -21.79 0.58
C TRP B 587 40.58 -21.00 0.13
N PRO B 588 40.76 -20.77 -1.18
CA PRO B 588 41.82 -19.87 -1.62
C PRO B 588 41.49 -18.42 -1.35
N ARG B 589 42.56 -17.65 -1.10
CA ARG B 589 42.45 -16.22 -0.86
C ARG B 589 41.95 -15.51 -2.11
N SER B 590 41.06 -14.54 -1.92
CA SER B 590 40.43 -13.89 -3.05
C SER B 590 41.31 -12.76 -3.59
N GLY B 591 41.02 -12.37 -4.83
CA GLY B 591 41.85 -11.41 -5.51
C GLY B 591 42.98 -12.05 -6.29
N ILE B 592 43.94 -11.23 -6.67
CA ILE B 592 45.14 -11.64 -7.38
C ILE B 592 46.36 -11.15 -6.62
N CYS B 593 47.26 -12.06 -6.29
CA CYS B 593 48.45 -11.69 -5.53
C CYS B 593 49.48 -10.99 -6.42
N GLY B 594 50.14 -10.00 -5.84
CA GLY B 594 51.32 -9.41 -6.45
C GLY B 594 52.54 -10.28 -6.26
N ARG B 595 53.70 -9.68 -6.57
CA ARG B 595 55.09 -10.21 -6.52
C ARG B 595 55.33 -11.21 -7.65
N GLU B 596 54.26 -11.67 -8.30
CA GLU B 596 54.34 -12.18 -9.65
C GLU B 596 53.92 -11.12 -10.65
N TYR B 597 53.49 -9.96 -10.15
CA TYR B 597 53.15 -8.80 -10.95
C TYR B 597 53.74 -7.51 -10.40
N GLY B 598 54.59 -7.60 -9.37
CA GLY B 598 55.34 -6.45 -8.88
C GLY B 598 54.52 -5.37 -8.22
N LEU B 599 53.52 -5.76 -7.45
CA LEU B 599 52.64 -4.79 -6.80
C LEU B 599 52.78 -4.78 -5.28
N GLY B 600 53.63 -5.63 -4.72
CA GLY B 600 53.64 -5.93 -3.31
C GLY B 600 53.24 -7.36 -3.07
N ASP B 601 53.21 -7.73 -1.80
CA ASP B 601 52.72 -9.06 -1.44
C ASP B 601 51.22 -9.05 -1.19
N ARG B 602 50.58 -7.91 -1.41
CA ARG B 602 49.17 -7.72 -1.13
C ARG B 602 48.30 -8.38 -2.20
N TRP B 603 47.06 -8.69 -1.82
CA TRP B 603 46.12 -9.37 -2.69
C TRP B 603 45.17 -8.35 -3.29
N PHE B 604 45.25 -8.15 -4.60
CA PHE B 604 44.56 -7.09 -5.29
C PHE B 604 43.34 -7.62 -6.04
N LEU B 605 42.28 -6.85 -6.04
CA LEU B 605 41.07 -7.16 -6.79
C LEU B 605 40.90 -6.18 -7.93
N ARG B 606 40.79 -6.68 -9.15
CA ARG B 606 40.64 -5.84 -10.33
C ARG B 606 39.17 -5.74 -10.73
N VAL B 607 38.68 -4.52 -10.91
CA VAL B 607 37.30 -4.27 -11.32
C VAL B 607 37.29 -3.40 -12.58
N GLU B 608 36.68 -3.91 -13.65
CA GLU B 608 36.51 -3.14 -14.89
C GLU B 608 35.08 -2.62 -14.97
N ASP B 609 34.94 -1.30 -15.08
CA ASP B 609 33.62 -0.67 -15.07
C ASP B 609 33.53 0.38 -16.17
N ARG B 610 32.30 0.78 -16.49
CA ARG B 610 32.03 1.76 -17.52
C ARG B 610 31.68 3.10 -16.88
N GLN B 611 32.50 4.12 -17.15
CA GLN B 611 32.40 5.40 -16.45
C GLN B 611 31.21 6.23 -16.92
N ASP B 612 30.68 5.91 -18.11
CA ASP B 612 29.53 6.63 -18.68
C ASP B 612 28.29 6.67 -17.80
N GLU C 1 34.14 -17.10 -14.75
CA GLU C 1 34.96 -17.02 -13.55
C GLU C 1 36.43 -17.22 -13.91
N SER C 2 36.72 -18.41 -14.47
CA SER C 2 38.07 -18.74 -14.89
C SER C 2 38.55 -17.85 -16.03
N TRP C 3 37.65 -17.51 -16.95
CA TRP C 3 38.02 -16.60 -18.03
C TRP C 3 38.25 -15.19 -17.50
N ALA C 4 37.40 -14.75 -16.57
CA ALA C 4 37.59 -13.45 -15.92
C ALA C 4 38.88 -13.43 -15.10
N GLN C 5 39.26 -14.58 -14.53
CA GLN C 5 40.55 -14.71 -13.86
C GLN C 5 41.69 -14.51 -14.84
N SER C 6 41.60 -15.13 -16.01
CA SER C 6 42.67 -15.09 -16.99
C SER C 6 42.88 -13.69 -17.57
N ARG C 7 41.78 -12.97 -17.83
CA ARG C 7 41.87 -11.62 -18.40
C ARG C 7 42.62 -10.70 -17.49
N ASP C 8 42.35 -10.78 -16.19
CA ASP C 8 42.99 -9.93 -15.21
C ASP C 8 44.47 -10.25 -15.11
N GLU C 9 44.81 -11.55 -15.10
CA GLU C 9 46.21 -11.96 -15.10
C GLU C 9 46.93 -11.51 -16.35
N GLN C 10 46.25 -11.60 -17.50
CA GLN C 10 46.82 -11.08 -18.74
C GLN C 10 46.99 -9.57 -18.69
N ASN C 11 46.06 -8.89 -18.04
CA ASN C 11 46.19 -7.44 -17.86
C ASN C 11 47.27 -7.10 -16.85
N LEU C 12 47.44 -7.93 -15.82
CA LEU C 12 48.59 -7.73 -14.93
C LEU C 12 49.88 -8.22 -15.57
N LEU C 13 49.82 -9.22 -16.47
CA LEU C 13 50.99 -9.58 -17.25
C LEU C 13 51.45 -8.43 -18.13
N GLN C 14 50.50 -7.67 -18.68
CA GLN C 14 50.85 -6.61 -19.62
C GLN C 14 51.58 -5.47 -18.92
N GLN C 15 51.20 -5.18 -17.67
CA GLN C 15 51.86 -4.13 -16.92
C GLN C 15 53.30 -4.51 -16.56
N LYS C 16 53.58 -5.81 -16.40
CA LYS C 16 54.95 -6.24 -16.23
C LYS C 16 55.75 -6.07 -17.51
N ARG C 17 55.16 -6.44 -18.66
CA ARG C 17 55.85 -6.38 -19.93
C ARG C 17 56.22 -4.95 -20.32
N ILE C 18 55.42 -3.98 -19.88
CA ILE C 18 55.77 -2.57 -20.07
C ILE C 18 57.00 -2.21 -19.25
N TRP C 19 57.07 -2.71 -18.02
CA TRP C 19 58.15 -2.31 -17.11
C TRP C 19 59.49 -2.91 -17.51
N GLU C 20 59.48 -4.12 -18.10
CA GLU C 20 60.73 -4.79 -18.46
C GLU C 20 61.48 -4.05 -19.55
N SER C 21 60.78 -3.66 -20.61
CA SER C 21 61.42 -2.94 -21.69
C SER C 21 61.44 -1.46 -21.35
N PRO C 22 62.61 -0.83 -21.26
CA PRO C 22 62.65 0.63 -21.03
C PRO C 22 62.01 1.42 -22.16
N LEU C 23 62.07 0.90 -23.38
CA LEU C 23 61.42 1.57 -24.51
C LEU C 23 59.90 1.52 -24.37
N LEU C 24 59.37 0.35 -23.99
CA LEU C 24 57.94 0.24 -23.72
C LEU C 24 57.53 1.03 -22.49
N LEU C 25 58.44 1.14 -21.52
CA LEU C 25 58.16 2.01 -20.37
C LEU C 25 58.11 3.47 -20.78
N ALA C 26 59.02 3.88 -21.68
CA ALA C 26 59.03 5.25 -22.17
C ALA C 26 57.78 5.56 -22.98
N ALA C 27 57.23 4.56 -23.67
CA ALA C 27 55.99 4.72 -24.41
C ALA C 27 54.82 4.95 -23.47
N LYS C 28 54.87 4.36 -22.27
CA LYS C 28 53.79 4.51 -21.30
C LYS C 28 53.66 5.94 -20.78
N ASP C 29 54.75 6.70 -20.77
CA ASP C 29 54.69 8.09 -20.34
C ASP C 29 55.25 9.07 -21.36
N HIS C 47 60.66 -3.51 -31.88
CA HIS C 47 60.07 -4.72 -32.45
C HIS C 47 59.58 -5.66 -31.36
N GLN C 48 59.86 -5.28 -30.12
CA GLN C 48 59.45 -6.09 -28.98
C GLN C 48 57.94 -6.04 -28.77
N ARG C 49 57.38 -7.16 -28.33
CA ARG C 49 55.95 -7.23 -28.09
C ARG C 49 55.66 -7.70 -26.67
N GLY C 50 54.54 -7.24 -26.12
CA GLY C 50 54.15 -7.55 -24.77
C GLY C 50 53.31 -8.79 -24.67
N ALA C 51 52.63 -8.92 -23.51
CA ALA C 51 51.79 -10.08 -23.25
C ALA C 51 50.56 -10.09 -24.15
N MET C 52 49.99 -8.91 -24.42
CA MET C 52 48.86 -8.78 -25.33
C MET C 52 49.26 -8.73 -26.79
N GLY C 53 50.53 -8.92 -27.11
CA GLY C 53 50.96 -8.73 -28.47
C GLY C 53 51.11 -7.29 -28.89
N GLU C 54 50.99 -6.36 -27.95
CA GLU C 54 51.01 -4.95 -28.25
C GLU C 54 52.43 -4.51 -28.59
N THR C 55 52.56 -3.29 -29.09
CA THR C 55 53.84 -2.68 -29.36
C THR C 55 53.95 -1.37 -28.59
N ALA C 56 55.04 -0.66 -28.81
CA ALA C 56 55.21 0.64 -28.17
C ALA C 56 54.23 1.66 -28.74
N LEU C 57 53.91 1.54 -30.02
CA LEU C 57 52.92 2.42 -30.63
C LEU C 57 51.54 2.19 -30.04
N HIS C 58 51.23 0.93 -29.72
CA HIS C 58 49.94 0.59 -29.10
C HIS C 58 49.83 1.20 -27.72
N ILE C 59 50.89 1.10 -26.92
CA ILE C 59 50.88 1.61 -25.55
C ILE C 59 50.86 3.13 -25.53
N ALA C 60 51.56 3.76 -26.47
CA ALA C 60 51.52 5.21 -26.57
C ALA C 60 50.12 5.69 -26.98
N ALA C 61 49.49 4.97 -27.91
CA ALA C 61 48.10 5.25 -28.28
C ALA C 61 47.16 4.97 -27.11
N LEU C 62 47.50 3.99 -26.29
CA LEU C 62 46.61 3.56 -25.21
C LEU C 62 46.50 4.64 -24.14
N TYR C 63 47.63 5.20 -23.73
CA TYR C 63 47.67 6.23 -22.71
C TYR C 63 47.65 7.63 -23.29
N ASP C 64 47.35 7.75 -24.59
CA ASP C 64 47.36 9.01 -25.36
C ASP C 64 48.71 9.71 -25.30
N ASN C 65 49.78 8.96 -25.58
CA ASN C 65 51.13 9.52 -25.64
C ASN C 65 51.46 9.84 -27.10
N LEU C 66 51.15 11.08 -27.48
CA LEU C 66 51.33 11.51 -28.86
C LEU C 66 52.80 11.56 -29.25
N GLU C 67 53.63 12.15 -28.40
CA GLU C 67 55.03 12.37 -28.73
C GLU C 67 55.80 11.05 -28.75
N ALA C 68 55.42 10.09 -27.91
CA ALA C 68 56.04 8.77 -27.95
C ALA C 68 55.61 8.03 -29.20
N ALA C 69 54.36 8.21 -29.63
CA ALA C 69 53.86 7.56 -30.83
C ALA C 69 54.56 8.08 -32.07
N MET C 70 54.81 9.39 -32.13
CA MET C 70 55.43 9.99 -33.30
C MET C 70 56.88 9.53 -33.46
N VAL C 71 57.62 9.49 -32.34
CA VAL C 71 59.02 9.07 -32.38
C VAL C 71 59.13 7.59 -32.74
N LEU C 72 58.20 6.78 -32.25
CA LEU C 72 58.18 5.36 -32.60
C LEU C 72 57.78 5.14 -34.04
N MET C 73 56.83 5.93 -34.56
CA MET C 73 56.41 5.71 -35.94
C MET C 73 57.44 6.27 -36.93
N GLU C 74 58.28 7.22 -36.51
CA GLU C 74 59.39 7.63 -37.35
C GLU C 74 60.39 6.50 -37.52
N ALA C 75 60.70 5.78 -36.43
CA ALA C 75 61.67 4.70 -36.50
C ALA C 75 61.09 3.51 -37.22
N ALA C 76 60.02 2.93 -36.68
CA ALA C 76 59.20 1.94 -37.36
C ALA C 76 57.93 2.52 -37.97
N PRO C 77 57.86 2.75 -39.28
CA PRO C 77 56.55 3.00 -39.92
C PRO C 77 55.80 1.72 -40.28
N GLU C 78 56.47 0.58 -40.16
CA GLU C 78 55.81 -0.72 -40.29
C GLU C 78 55.02 -1.05 -39.04
N LEU C 79 55.27 -0.34 -37.95
CA LEU C 79 54.62 -0.62 -36.67
C LEU C 79 53.13 -0.24 -36.72
N VAL C 80 52.78 0.71 -37.58
CA VAL C 80 51.39 1.13 -37.78
C VAL C 80 50.57 -0.01 -38.35
N PHE C 81 51.13 -0.76 -39.27
CA PHE C 81 50.41 -1.87 -39.89
C PHE C 81 50.20 -3.03 -38.94
N GLU C 82 51.07 -3.16 -37.93
CA GLU C 82 51.12 -4.38 -37.14
C GLU C 82 49.92 -4.49 -36.19
N PRO C 83 49.24 -5.63 -36.16
CA PRO C 83 48.13 -5.82 -35.23
C PRO C 83 48.59 -6.46 -33.92
N MET C 84 47.80 -6.29 -32.87
CA MET C 84 48.00 -7.08 -31.66
C MET C 84 47.79 -8.56 -31.96
N THR C 85 48.57 -9.41 -31.30
CA THR C 85 48.56 -10.84 -31.59
C THR C 85 47.87 -11.68 -30.51
N SER C 86 47.29 -11.06 -29.48
CA SER C 86 46.66 -11.84 -28.42
C SER C 86 45.34 -12.41 -28.88
N GLU C 87 44.82 -13.36 -28.11
CA GLU C 87 43.45 -13.82 -28.33
C GLU C 87 42.46 -12.77 -27.88
N LEU C 88 42.81 -12.00 -26.86
CA LEU C 88 41.88 -11.04 -26.28
C LEU C 88 41.70 -9.82 -27.17
N TYR C 89 42.76 -9.39 -27.85
CA TYR C 89 42.70 -8.19 -28.68
C TYR C 89 43.12 -8.46 -30.12
N GLU C 90 42.74 -9.62 -30.67
CA GLU C 90 43.19 -10.07 -31.99
C GLU C 90 42.78 -9.13 -33.12
N GLY C 91 43.75 -8.76 -33.94
CA GLY C 91 43.51 -7.93 -35.09
C GLY C 91 43.52 -6.45 -34.81
N GLN C 92 43.64 -6.04 -33.56
CA GLN C 92 43.56 -4.64 -33.22
C GLN C 92 44.88 -3.95 -33.55
N THR C 93 44.78 -2.82 -34.22
CA THR C 93 45.95 -2.00 -34.52
C THR C 93 45.89 -0.74 -33.67
N ALA C 94 46.93 0.08 -33.81
CA ALA C 94 47.00 1.35 -33.09
C ALA C 94 45.89 2.31 -33.52
N LEU C 95 45.41 2.17 -34.75
CA LEU C 95 44.34 3.04 -35.23
C LEU C 95 43.05 2.82 -34.47
N HIS C 96 42.75 1.55 -34.12
CA HIS C 96 41.60 1.26 -33.25
C HIS C 96 41.73 1.95 -31.89
N ILE C 97 42.94 1.94 -31.33
CA ILE C 97 43.15 2.47 -29.98
C ILE C 97 43.03 3.99 -29.97
N ALA C 98 43.64 4.64 -30.95
CA ALA C 98 43.60 6.10 -31.03
C ALA C 98 42.20 6.60 -31.35
N VAL C 99 41.42 5.80 -32.09
CA VAL C 99 40.04 6.15 -32.39
C VAL C 99 39.18 6.18 -31.14
N VAL C 100 39.23 5.11 -30.32
CA VAL C 100 38.37 5.05 -29.14
C VAL C 100 38.84 6.02 -28.06
N ASN C 101 40.14 6.31 -28.03
CA ASN C 101 40.66 7.28 -27.07
C ASN C 101 40.49 8.71 -27.55
N GLN C 102 40.09 8.88 -28.82
CA GLN C 102 39.69 10.15 -29.40
C GLN C 102 40.84 11.14 -29.46
N ASN C 103 42.04 10.63 -29.69
CA ASN C 103 43.21 11.47 -29.94
C ASN C 103 43.18 11.81 -31.42
N MET C 104 42.70 13.02 -31.73
CA MET C 104 42.54 13.42 -33.12
C MET C 104 43.87 13.53 -33.86
N ASN C 105 44.85 14.14 -33.21
CA ASN C 105 46.14 14.41 -33.85
C ASN C 105 46.92 13.12 -34.09
N LEU C 106 46.72 12.12 -33.24
CA LEU C 106 47.30 10.82 -33.50
C LEU C 106 46.60 10.11 -34.65
N VAL C 107 45.28 10.26 -34.75
CA VAL C 107 44.53 9.62 -35.83
C VAL C 107 44.93 10.20 -37.19
N ARG C 108 45.11 11.52 -37.24
CA ARG C 108 45.66 12.17 -38.43
C ARG C 108 47.04 11.65 -38.75
N ALA C 109 47.89 11.54 -37.74
CA ALA C 109 49.26 11.06 -37.93
C ALA C 109 49.29 9.59 -38.33
N LEU C 110 48.37 8.79 -37.81
CA LEU C 110 48.33 7.38 -38.19
C LEU C 110 47.84 7.19 -39.62
N LEU C 111 46.85 7.98 -40.04
CA LEU C 111 46.40 7.90 -41.44
C LEU C 111 47.45 8.42 -42.40
N ALA C 112 48.27 9.38 -41.96
CA ALA C 112 49.35 9.89 -42.80
C ALA C 112 50.39 8.82 -43.09
N ARG C 113 50.53 7.84 -42.19
CA ARG C 113 51.45 6.73 -42.37
C ARG C 113 50.75 5.52 -42.97
N ARG C 114 49.66 5.74 -43.72
CA ARG C 114 48.94 4.73 -44.49
C ARG C 114 48.37 3.62 -43.61
N ALA C 115 47.68 4.00 -42.53
CA ALA C 115 47.02 3.02 -41.69
C ALA C 115 45.83 2.40 -42.41
N SER C 116 45.64 1.10 -42.20
CA SER C 116 44.46 0.42 -42.72
C SER C 116 43.21 0.90 -41.98
N VAL C 117 42.27 1.46 -42.72
CA VAL C 117 40.96 1.80 -42.17
C VAL C 117 39.99 0.64 -42.23
N SER C 118 40.39 -0.47 -42.84
CA SER C 118 39.52 -1.62 -43.03
C SER C 118 39.94 -2.83 -42.19
N ALA C 119 40.84 -2.63 -41.23
CA ALA C 119 41.30 -3.73 -40.39
C ALA C 119 40.19 -4.21 -39.46
N ARG C 120 40.15 -5.51 -39.22
CA ARG C 120 39.09 -6.13 -38.43
C ARG C 120 39.69 -6.61 -37.11
N ALA C 121 39.11 -6.16 -36.00
CA ALA C 121 39.54 -6.59 -34.68
C ALA C 121 38.69 -7.77 -34.24
N THR C 122 39.20 -8.99 -34.43
CA THR C 122 38.47 -10.20 -34.13
C THR C 122 38.71 -10.69 -32.72
N GLY C 123 39.14 -9.80 -31.82
CA GLY C 123 39.44 -10.21 -30.47
C GLY C 123 38.19 -10.53 -29.67
N THR C 124 38.38 -11.36 -28.64
CA THR C 124 37.26 -11.76 -27.79
C THR C 124 36.73 -10.60 -26.96
N ALA C 125 37.60 -9.65 -26.62
CA ALA C 125 37.15 -8.47 -25.87
C ALA C 125 36.23 -7.59 -26.70
N PHE C 126 36.35 -7.67 -28.02
CA PHE C 126 35.51 -6.85 -28.88
C PHE C 126 34.17 -7.52 -29.19
N ARG C 127 34.11 -8.85 -29.11
CA ARG C 127 32.92 -9.57 -29.54
C ARG C 127 31.75 -9.29 -28.60
N ARG C 128 30.54 -9.38 -29.15
CA ARG C 128 29.34 -9.08 -28.39
C ARG C 128 29.08 -10.22 -27.41
N SER C 129 29.23 -9.94 -26.13
CA SER C 129 29.08 -10.94 -25.08
C SER C 129 28.78 -10.21 -23.79
N PRO C 130 28.05 -10.84 -22.86
CA PRO C 130 27.77 -10.18 -21.58
C PRO C 130 29.00 -9.98 -20.72
N CYS C 131 30.07 -10.70 -20.99
CA CYS C 131 31.32 -10.51 -20.25
C CYS C 131 32.00 -9.20 -20.64
N ASN C 132 31.83 -8.75 -21.87
CA ASN C 132 32.45 -7.53 -22.37
C ASN C 132 31.46 -6.39 -22.22
N LEU C 133 31.92 -5.29 -21.63
CA LEU C 133 31.01 -4.17 -21.36
C LEU C 133 30.72 -3.36 -22.62
N ILE C 134 31.66 -3.32 -23.56
CA ILE C 134 31.49 -2.59 -24.80
C ILE C 134 31.32 -3.57 -25.95
N TYR C 135 30.42 -3.24 -26.88
CA TYR C 135 30.40 -3.82 -28.21
C TYR C 135 30.54 -2.68 -29.20
N PHE C 136 31.70 -2.60 -29.84
CA PHE C 136 31.98 -1.55 -30.79
C PHE C 136 32.12 -2.05 -32.21
N GLY C 137 31.96 -3.33 -32.46
CA GLY C 137 32.21 -3.85 -33.79
C GLY C 137 33.66 -4.26 -33.97
N GLU C 138 34.12 -4.19 -35.23
CA GLU C 138 35.47 -4.63 -35.58
C GLU C 138 36.27 -3.62 -36.38
N HIS C 139 35.64 -2.57 -36.90
CA HIS C 139 36.26 -1.64 -37.83
C HIS C 139 36.39 -0.27 -37.17
N PRO C 140 37.37 0.54 -37.59
CA PRO C 140 37.56 1.85 -36.96
C PRO C 140 36.41 2.82 -37.15
N LEU C 141 35.65 2.70 -38.26
CA LEU C 141 34.39 3.43 -38.40
C LEU C 141 33.42 3.07 -37.29
N SER C 142 33.28 1.78 -37.02
CA SER C 142 32.34 1.35 -36.01
C SER C 142 32.81 1.74 -34.62
N PHE C 143 34.13 1.79 -34.40
CA PHE C 143 34.61 2.25 -33.11
C PHE C 143 34.40 3.74 -32.94
N ALA C 144 34.60 4.51 -34.01
CA ALA C 144 34.53 5.96 -33.93
C ALA C 144 33.11 6.45 -33.72
N ALA C 145 32.16 5.84 -34.41
CA ALA C 145 30.76 6.23 -34.26
C ALA C 145 30.24 5.87 -32.87
N CYS C 146 30.73 4.78 -32.29
CA CYS C 146 30.25 4.36 -30.98
C CYS C 146 30.77 5.25 -29.86
N VAL C 147 31.99 5.77 -29.99
CA VAL C 147 32.54 6.67 -28.99
C VAL C 147 32.10 8.10 -29.27
N ASN C 148 31.26 8.25 -30.31
CA ASN C 148 30.63 9.52 -30.72
C ASN C 148 31.67 10.57 -31.12
N SER C 149 32.49 10.24 -32.10
CA SER C 149 33.36 11.23 -32.73
C SER C 149 32.89 11.41 -34.16
N GLU C 150 32.24 12.54 -34.43
CA GLU C 150 31.81 12.81 -35.80
C GLU C 150 32.98 13.07 -36.71
N GLU C 151 34.02 13.75 -36.18
CA GLU C 151 35.12 14.22 -37.01
C GLU C 151 35.96 13.05 -37.55
N ILE C 152 36.24 12.06 -36.70
CA ILE C 152 36.98 10.88 -37.14
C ILE C 152 36.19 10.11 -38.19
N VAL C 153 34.86 10.02 -38.01
CA VAL C 153 34.00 9.45 -39.03
C VAL C 153 34.04 10.27 -40.30
N ARG C 154 34.03 11.61 -40.16
CA ARG C 154 34.27 12.48 -41.30
C ARG C 154 35.69 12.38 -41.83
N LEU C 155 36.64 11.88 -41.02
CA LEU C 155 38.01 11.76 -41.48
C LEU C 155 38.32 10.37 -42.04
N LEU C 156 37.76 9.31 -41.44
CA LEU C 156 38.06 7.96 -41.89
C LEU C 156 37.45 7.64 -43.24
N ILE C 157 36.25 8.15 -43.52
CA ILE C 157 35.62 7.94 -44.81
C ILE C 157 36.41 8.64 -45.91
N GLU C 158 37.04 9.77 -45.59
CA GLU C 158 37.96 10.43 -46.49
C GLU C 158 39.21 9.61 -46.82
N HIS C 159 39.46 8.52 -46.11
CA HIS C 159 40.61 7.67 -46.39
C HIS C 159 40.22 6.28 -46.86
N GLY C 160 38.98 6.09 -47.29
CA GLY C 160 38.58 4.85 -47.93
C GLY C 160 37.82 3.88 -47.06
N ALA C 161 37.38 4.31 -45.88
CA ALA C 161 36.65 3.41 -44.99
C ALA C 161 35.27 3.11 -45.54
N ASP C 162 34.91 1.83 -45.49
CA ASP C 162 33.67 1.34 -46.06
C ASP C 162 32.61 1.28 -44.98
N ILE C 163 31.49 1.98 -45.22
CA ILE C 163 30.39 1.98 -44.27
C ILE C 163 29.67 0.63 -44.29
N ARG C 164 29.71 -0.08 -45.41
CA ARG C 164 28.99 -1.33 -45.57
C ARG C 164 29.73 -2.52 -44.96
N ALA C 165 30.72 -2.27 -44.09
CA ALA C 165 31.46 -3.35 -43.45
C ALA C 165 30.57 -4.13 -42.49
N GLN C 166 30.75 -5.44 -42.48
CA GLN C 166 29.94 -6.36 -41.68
C GLN C 166 30.85 -7.13 -40.74
N ASP C 167 30.32 -7.53 -39.59
CA ASP C 167 31.11 -8.19 -38.58
C ASP C 167 30.99 -9.72 -38.68
N SER C 168 31.56 -10.41 -37.70
CA SER C 168 31.29 -11.83 -37.54
C SER C 168 29.83 -12.07 -37.15
N LEU C 169 29.24 -11.13 -36.41
CA LEU C 169 27.79 -11.16 -36.19
C LEU C 169 27.03 -10.69 -37.42
N GLY C 170 27.69 -10.06 -38.38
CA GLY C 170 27.04 -9.55 -39.57
C GLY C 170 26.55 -8.14 -39.43
N ASN C 171 26.74 -7.52 -38.27
CA ASN C 171 26.26 -6.17 -38.05
C ASN C 171 27.06 -5.16 -38.85
N THR C 172 26.35 -4.23 -39.47
CA THR C 172 27.02 -3.06 -40.00
C THR C 172 27.01 -2.01 -38.91
N VAL C 173 27.60 -0.85 -39.20
CA VAL C 173 27.68 0.25 -38.23
C VAL C 173 26.30 0.76 -37.88
N LEU C 174 25.34 0.60 -38.80
CA LEU C 174 23.96 0.96 -38.52
C LEU C 174 23.37 0.08 -37.44
N HIS C 175 23.66 -1.22 -37.51
CA HIS C 175 23.23 -2.15 -36.49
C HIS C 175 23.92 -1.90 -35.16
N ILE C 176 25.19 -1.51 -35.21
CA ILE C 176 25.98 -1.40 -33.98
C ILE C 176 25.52 -0.22 -33.15
N LEU C 177 25.16 0.89 -33.81
CA LEU C 177 24.73 2.09 -33.10
C LEU C 177 23.43 1.87 -32.34
N ILE C 178 22.57 0.98 -32.85
CA ILE C 178 21.34 0.61 -32.16
C ILE C 178 21.67 -0.15 -30.87
N LEU C 179 22.82 -0.81 -30.84
CA LEU C 179 23.21 -1.63 -29.68
C LEU C 179 24.02 -0.84 -28.68
N GLN C 180 23.83 0.47 -28.59
CA GLN C 180 24.65 1.31 -27.75
C GLN C 180 23.82 1.94 -26.64
N PRO C 181 24.37 2.06 -25.43
CA PRO C 181 23.55 2.48 -24.29
C PRO C 181 23.13 3.93 -24.29
N ASN C 182 23.83 4.80 -25.00
CA ASN C 182 23.44 6.21 -25.07
C ASN C 182 22.70 6.41 -26.38
N LYS C 183 21.37 6.29 -26.28
CA LYS C 183 20.48 6.19 -27.44
C LYS C 183 20.37 7.51 -28.18
N THR C 184 20.56 8.64 -27.49
CA THR C 184 20.47 9.94 -28.15
C THR C 184 21.64 10.18 -29.10
N PHE C 185 22.88 9.87 -28.65
CA PHE C 185 24.03 9.98 -29.54
C PHE C 185 23.97 8.96 -30.65
N ALA C 186 23.31 7.83 -30.40
CA ALA C 186 23.10 6.82 -31.42
C ALA C 186 22.27 7.35 -32.58
N CYS C 187 21.36 8.28 -32.30
CA CYS C 187 20.50 8.81 -33.34
C CYS C 187 21.28 9.67 -34.32
N GLN C 188 22.14 10.56 -33.80
CA GLN C 188 22.89 11.47 -34.66
C GLN C 188 23.89 10.73 -35.54
N MET C 189 24.57 9.74 -34.97
CA MET C 189 25.55 8.99 -35.75
C MET C 189 24.88 8.07 -36.76
N TYR C 190 23.66 7.63 -36.46
CA TYR C 190 22.86 6.94 -37.46
C TYR C 190 22.55 7.89 -38.62
N ASN C 191 22.27 9.15 -38.30
CA ASN C 191 21.99 10.14 -39.32
C ASN C 191 23.22 10.43 -40.18
N LEU C 192 24.39 10.52 -39.54
CA LEU C 192 25.61 10.94 -40.23
C LEU C 192 26.08 9.88 -41.21
N LEU C 193 26.14 8.62 -40.77
CA LEU C 193 26.64 7.56 -41.62
C LEU C 193 25.69 7.25 -42.77
N LEU C 194 24.38 7.37 -42.52
CA LEU C 194 23.40 7.08 -43.57
C LEU C 194 23.43 8.14 -44.65
N SER C 195 23.72 9.40 -44.26
CA SER C 195 23.92 10.48 -45.21
C SER C 195 25.20 10.35 -46.01
N TYR C 196 26.09 9.44 -45.65
CA TYR C 196 27.35 9.25 -46.37
C TYR C 196 27.33 8.07 -47.32
N ASP C 197 26.20 7.35 -47.43
CA ASP C 197 26.16 6.22 -48.35
C ASP C 197 26.22 6.69 -49.80
N ARG C 198 25.16 7.39 -50.26
CA ARG C 198 25.07 7.98 -51.60
C ARG C 198 25.28 6.96 -52.71
N HIS C 199 24.70 5.77 -52.55
CA HIS C 199 24.80 4.72 -53.56
C HIS C 199 23.40 4.23 -53.92
N GLY C 200 23.15 4.10 -55.22
CA GLY C 200 21.94 3.44 -55.68
C GLY C 200 22.26 2.14 -56.38
N ASP C 201 23.53 1.97 -56.74
CA ASP C 201 23.96 0.79 -57.48
C ASP C 201 23.88 -0.48 -56.63
N HIS C 202 24.13 -0.36 -55.32
CA HIS C 202 24.05 -1.49 -54.44
C HIS C 202 22.60 -1.96 -54.30
N LEU C 203 22.43 -3.29 -54.28
CA LEU C 203 21.09 -3.89 -54.32
C LEU C 203 20.33 -3.59 -53.02
N GLN C 204 21.04 -3.52 -51.90
CA GLN C 204 20.45 -3.08 -50.66
C GLN C 204 21.11 -1.78 -50.21
N PRO C 205 20.34 -0.73 -49.95
CA PRO C 205 20.85 0.39 -49.17
C PRO C 205 21.12 -0.02 -47.73
N LEU C 206 21.85 0.86 -47.02
CA LEU C 206 22.40 0.52 -45.71
C LEU C 206 21.33 0.33 -44.64
N ASP C 207 20.22 1.06 -44.74
CA ASP C 207 19.11 0.81 -43.83
C ASP C 207 18.44 -0.52 -44.12
N LEU C 208 18.60 -1.03 -45.34
CA LEU C 208 17.99 -2.29 -45.74
C LEU C 208 18.92 -3.48 -45.67
N VAL C 209 20.19 -3.29 -45.34
CA VAL C 209 21.12 -4.43 -45.28
C VAL C 209 20.80 -5.27 -44.05
N PRO C 210 20.45 -6.54 -44.19
CA PRO C 210 20.21 -7.38 -43.02
C PRO C 210 21.54 -7.87 -42.45
N ASN C 211 21.52 -8.18 -41.16
CA ASN C 211 22.64 -8.90 -40.59
C ASN C 211 22.45 -10.40 -40.83
N HIS C 212 23.28 -11.20 -40.16
CA HIS C 212 23.21 -12.65 -40.35
C HIS C 212 21.93 -13.23 -39.77
N GLN C 213 21.39 -12.61 -38.71
CA GLN C 213 20.11 -13.04 -38.17
C GLN C 213 18.93 -12.66 -39.05
N GLY C 214 19.14 -11.80 -40.05
CA GLY C 214 18.07 -11.39 -40.92
C GLY C 214 17.38 -10.12 -40.50
N LEU C 215 17.87 -9.44 -39.48
CA LEU C 215 17.25 -8.26 -38.93
C LEU C 215 17.85 -7.05 -39.63
N THR C 216 16.99 -6.13 -40.06
CA THR C 216 17.42 -4.84 -40.57
C THR C 216 17.68 -3.92 -39.38
N PRO C 217 18.23 -2.70 -39.56
CA PRO C 217 18.24 -1.74 -38.44
C PRO C 217 16.88 -1.40 -37.87
N PHE C 218 15.83 -1.37 -38.69
CA PHE C 218 14.50 -1.13 -38.16
C PHE C 218 14.02 -2.31 -37.31
N LYS C 219 14.28 -3.53 -37.79
CA LYS C 219 13.88 -4.71 -37.01
C LYS C 219 14.74 -4.85 -35.75
N LEU C 220 16.01 -4.46 -35.83
CA LEU C 220 16.90 -4.60 -34.68
C LEU C 220 16.51 -3.67 -33.55
N ALA C 221 16.05 -2.46 -33.88
CA ALA C 221 15.60 -1.53 -32.85
C ALA C 221 14.34 -2.04 -32.15
N GLY C 222 13.49 -2.76 -32.88
CA GLY C 222 12.34 -3.38 -32.27
C GLY C 222 12.72 -4.51 -31.31
N VAL C 223 13.61 -5.39 -31.75
CA VAL C 223 13.98 -6.56 -30.96
C VAL C 223 14.73 -6.16 -29.70
N GLU C 224 15.57 -5.14 -29.79
CA GLU C 224 16.33 -4.69 -28.64
C GLU C 224 15.56 -3.73 -27.76
N GLY C 225 14.36 -3.34 -28.16
CA GLY C 225 13.61 -2.33 -27.42
C GLY C 225 14.27 -0.97 -27.39
N ASN C 226 14.88 -0.58 -28.50
CA ASN C 226 15.49 0.73 -28.63
C ASN C 226 14.40 1.66 -29.14
N THR C 227 13.73 2.33 -28.20
CA THR C 227 12.49 3.03 -28.53
C THR C 227 12.72 4.26 -29.39
N VAL C 228 13.73 5.06 -29.09
CA VAL C 228 13.93 6.27 -29.87
C VAL C 228 14.52 5.95 -31.24
N MET C 229 15.24 4.85 -31.35
CA MET C 229 15.69 4.42 -32.67
C MET C 229 14.56 3.76 -33.43
N PHE C 230 13.56 3.23 -32.72
CA PHE C 230 12.35 2.80 -33.41
C PHE C 230 11.59 4.00 -33.96
N GLN C 231 11.50 5.09 -33.18
CA GLN C 231 10.75 6.25 -33.59
C GLN C 231 11.40 7.00 -34.75
N HIS C 232 12.72 7.16 -34.71
CA HIS C 232 13.41 7.84 -35.80
C HIS C 232 13.34 7.04 -37.09
N LEU C 233 13.45 5.72 -37.00
CA LEU C 233 13.31 4.90 -38.20
C LEU C 233 11.89 4.86 -38.71
N MET C 234 10.93 5.13 -37.83
CA MET C 234 9.54 5.08 -38.25
C MET C 234 9.15 6.31 -39.07
N GLN C 235 9.79 7.46 -38.80
CA GLN C 235 9.55 8.67 -39.59
C GLN C 235 9.88 8.48 -41.06
N LYS C 236 10.86 7.63 -41.37
CA LYS C 236 11.13 7.32 -42.77
C LYS C 236 9.97 6.52 -43.37
N ARG C 237 9.27 5.74 -42.55
CA ARG C 237 8.14 4.93 -43.01
C ARG C 237 6.79 5.59 -42.76
N LYS C 238 6.75 6.91 -42.57
CA LYS C 238 5.51 7.66 -42.42
C LYS C 238 5.29 8.53 -43.65
N HIS C 239 4.08 8.50 -44.18
CA HIS C 239 3.65 9.45 -45.19
C HIS C 239 2.41 10.17 -44.68
N THR C 240 2.47 11.49 -44.62
CA THR C 240 1.36 12.30 -44.11
C THR C 240 0.46 12.71 -45.26
N GLN C 241 -0.77 12.23 -45.25
CA GLN C 241 -1.67 12.43 -46.39
C GLN C 241 -2.20 13.85 -46.44
N TRP C 242 -2.85 14.29 -45.37
CA TRP C 242 -3.39 15.63 -45.27
C TRP C 242 -3.41 16.05 -43.81
N THR C 243 -3.54 17.37 -43.61
CA THR C 243 -3.61 17.97 -42.27
C THR C 243 -4.78 18.94 -42.25
N TYR C 244 -5.71 18.73 -41.31
CA TYR C 244 -6.98 19.46 -41.30
C TYR C 244 -7.09 20.15 -39.95
N GLY C 245 -6.43 21.30 -39.84
CA GLY C 245 -6.29 21.98 -38.58
C GLY C 245 -5.61 21.10 -37.56
N PRO C 246 -6.35 20.75 -36.51
CA PRO C 246 -5.81 19.80 -35.53
C PRO C 246 -5.72 18.37 -36.03
N LEU C 247 -6.59 17.96 -36.94
CA LEU C 247 -6.51 16.61 -37.47
C LEU C 247 -5.39 16.49 -38.49
N THR C 248 -4.78 15.32 -38.51
CA THR C 248 -3.84 14.95 -39.55
C THR C 248 -4.01 13.47 -39.82
N SER C 249 -3.75 13.08 -41.06
CA SER C 249 -3.84 11.68 -41.48
C SER C 249 -2.45 11.19 -41.84
N THR C 250 -2.03 10.11 -41.20
CA THR C 250 -0.70 9.57 -41.41
C THR C 250 -0.83 8.14 -41.90
N LEU C 251 -0.08 7.79 -42.93
CA LEU C 251 -0.09 6.47 -43.52
C LEU C 251 1.24 5.79 -43.24
N TYR C 252 1.19 4.59 -42.68
CA TYR C 252 2.37 3.89 -42.20
C TYR C 252 2.71 2.74 -43.15
N ASP C 253 4.02 2.51 -43.37
CA ASP C 253 4.45 1.57 -44.39
C ASP C 253 4.03 0.14 -44.06
N LEU C 254 4.21 -0.26 -42.80
CA LEU C 254 3.71 -1.51 -42.21
C LEU C 254 4.32 -2.73 -42.88
N THR C 255 5.46 -2.58 -43.58
CA THR C 255 6.07 -3.68 -44.32
C THR C 255 6.74 -4.67 -43.39
N GLU C 256 7.58 -4.18 -42.49
CA GLU C 256 8.35 -5.06 -41.64
C GLU C 256 7.64 -5.37 -40.33
N ILE C 257 6.80 -4.47 -39.83
CA ILE C 257 6.07 -4.75 -38.62
C ILE C 257 4.93 -5.74 -38.84
N ASP C 258 4.55 -6.02 -40.09
CA ASP C 258 3.61 -7.11 -40.35
C ASP C 258 4.04 -7.97 -41.54
N SER C 259 5.32 -8.29 -41.67
CA SER C 259 5.74 -9.22 -42.71
C SER C 259 5.25 -10.63 -42.40
N SER C 260 4.44 -11.18 -43.30
CA SER C 260 3.82 -12.47 -43.04
C SER C 260 3.53 -13.16 -44.37
N GLY C 261 3.48 -14.48 -44.33
CA GLY C 261 3.37 -15.30 -45.50
C GLY C 261 4.70 -15.72 -46.10
N ASP C 262 5.77 -14.97 -45.82
CA ASP C 262 7.10 -15.29 -46.30
C ASP C 262 8.17 -15.30 -45.21
N GLU C 263 7.96 -14.61 -44.10
CA GLU C 263 9.02 -14.41 -43.12
C GLU C 263 8.36 -14.06 -41.79
N GLN C 264 9.16 -14.11 -40.71
CA GLN C 264 8.69 -13.73 -39.39
C GLN C 264 8.38 -12.23 -39.35
N SER C 265 7.33 -11.86 -38.61
CA SER C 265 7.05 -10.45 -38.47
C SER C 265 7.94 -9.84 -37.41
N LEU C 266 7.97 -8.50 -37.39
CA LEU C 266 8.61 -7.80 -36.28
C LEU C 266 7.85 -8.05 -34.99
N LEU C 267 6.53 -8.20 -35.09
CA LEU C 267 5.74 -8.60 -33.94
C LEU C 267 6.11 -10.00 -33.47
N GLU C 268 6.44 -10.88 -34.42
CA GLU C 268 6.83 -12.24 -34.07
C GLU C 268 8.20 -12.27 -33.40
N LEU C 269 9.13 -11.42 -33.86
CA LEU C 269 10.45 -11.34 -33.25
C LEU C 269 10.39 -10.82 -31.81
N ILE C 270 9.50 -9.88 -31.53
CA ILE C 270 9.41 -9.31 -30.19
C ILE C 270 8.88 -10.35 -29.21
N ILE C 271 7.93 -11.17 -29.64
CA ILE C 271 7.37 -12.19 -28.77
C ILE C 271 8.40 -13.27 -28.45
N THR C 272 9.10 -13.75 -29.46
CA THR C 272 10.04 -14.85 -29.24
C THR C 272 11.30 -14.41 -28.52
N THR C 273 11.64 -13.13 -28.55
CA THR C 273 12.86 -12.70 -27.89
C THR C 273 12.64 -12.63 -26.39
N LYS C 274 13.75 -12.67 -25.65
CA LYS C 274 13.72 -12.78 -24.20
C LYS C 274 13.90 -11.43 -23.52
N LYS C 275 13.63 -10.33 -24.22
CA LYS C 275 13.88 -9.00 -23.71
C LYS C 275 12.58 -8.36 -23.28
N ARG C 276 12.53 -7.91 -22.03
CA ARG C 276 11.34 -7.21 -21.55
C ARG C 276 11.28 -5.79 -22.13
N GLU C 277 12.43 -5.25 -22.54
CA GLU C 277 12.46 -3.94 -23.15
C GLU C 277 11.82 -3.93 -24.53
N ALA C 278 11.79 -5.08 -25.20
CA ALA C 278 11.21 -5.16 -26.55
C ALA C 278 9.71 -4.91 -26.54
N ARG C 279 9.05 -5.21 -25.43
CA ARG C 279 7.59 -5.11 -25.39
C ARG C 279 7.09 -3.68 -25.24
N GLN C 280 7.97 -2.73 -24.95
CA GLN C 280 7.57 -1.32 -25.04
C GLN C 280 7.31 -0.90 -26.48
N ILE C 281 7.95 -1.57 -27.45
CA ILE C 281 7.72 -1.31 -28.86
C ILE C 281 6.29 -1.64 -29.27
N LEU C 282 5.64 -2.54 -28.52
CA LEU C 282 4.21 -2.79 -28.69
C LEU C 282 3.33 -1.58 -28.35
N ASP C 283 3.86 -0.56 -27.69
CA ASP C 283 3.10 0.63 -27.36
C ASP C 283 3.44 1.82 -28.24
N GLN C 284 4.14 1.60 -29.34
CA GLN C 284 4.47 2.62 -30.31
C GLN C 284 3.38 2.65 -31.37
N THR C 285 3.19 3.81 -31.99
CA THR C 285 1.91 4.07 -32.65
C THR C 285 1.54 3.20 -33.86
N PRO C 286 2.40 2.94 -34.87
CA PRO C 286 1.92 2.02 -35.92
C PRO C 286 1.72 0.59 -35.45
N VAL C 287 2.52 0.15 -34.46
CA VAL C 287 2.39 -1.19 -33.91
C VAL C 287 1.06 -1.33 -33.16
N LYS C 288 0.71 -0.33 -32.36
CA LYS C 288 -0.41 -0.43 -31.43
C LYS C 288 -1.75 -0.51 -32.16
N GLU C 289 -1.96 0.36 -33.14
CA GLU C 289 -3.22 0.30 -33.88
C GLU C 289 -3.27 -0.89 -34.83
N LEU C 290 -2.11 -1.39 -35.25
CA LEU C 290 -2.08 -2.60 -36.07
C LEU C 290 -2.57 -3.79 -35.28
N VAL C 291 -2.07 -3.94 -34.05
CA VAL C 291 -2.42 -5.08 -33.23
C VAL C 291 -3.89 -5.01 -32.82
N SER C 292 -4.35 -3.83 -32.42
CA SER C 292 -5.74 -3.66 -32.01
C SER C 292 -6.70 -3.86 -33.17
N LEU C 293 -6.29 -3.48 -34.38
CA LEU C 293 -7.15 -3.70 -35.54
C LEU C 293 -7.25 -5.17 -35.88
N LYS C 294 -6.12 -5.86 -35.99
CA LYS C 294 -6.16 -7.27 -36.39
C LYS C 294 -6.77 -8.14 -35.29
N TRP C 295 -6.71 -7.69 -34.04
CA TRP C 295 -7.41 -8.37 -32.97
C TRP C 295 -8.91 -8.23 -33.10
N LYS C 296 -9.40 -7.01 -33.33
CA LYS C 296 -10.85 -6.80 -33.40
C LYS C 296 -11.43 -7.34 -34.70
N ARG C 297 -10.68 -7.27 -35.80
CA ARG C 297 -11.22 -7.72 -37.09
C ARG C 297 -11.36 -9.23 -37.15
N TYR C 298 -10.27 -9.95 -36.89
CA TYR C 298 -10.31 -11.39 -37.11
C TYR C 298 -9.76 -12.13 -35.90
N GLY C 299 -9.01 -11.43 -35.07
CA GLY C 299 -8.42 -12.04 -33.90
C GLY C 299 -9.41 -12.52 -32.86
N ARG C 300 -10.35 -11.66 -32.45
CA ARG C 300 -11.33 -12.11 -31.47
C ARG C 300 -12.33 -13.15 -31.99
N PRO C 301 -13.07 -12.93 -33.10
CA PRO C 301 -14.18 -13.86 -33.39
C PRO C 301 -13.74 -15.27 -33.72
N TYR C 302 -12.51 -15.45 -34.19
CA TYR C 302 -11.99 -16.79 -34.33
C TYR C 302 -11.63 -17.38 -32.97
N PHE C 303 -10.98 -16.58 -32.11
CA PHE C 303 -10.49 -17.07 -30.83
C PHE C 303 -11.64 -17.43 -29.89
N CYS C 304 -12.72 -16.64 -29.93
CA CYS C 304 -13.92 -17.02 -29.19
C CYS C 304 -14.63 -18.21 -29.84
N MET C 305 -14.53 -18.34 -31.17
CA MET C 305 -15.03 -19.55 -31.81
C MET C 305 -14.14 -20.75 -31.48
N LEU C 306 -12.82 -20.56 -31.48
CA LEU C 306 -11.92 -21.63 -31.05
C LEU C 306 -12.08 -21.93 -29.57
N GLY C 307 -12.56 -20.95 -28.80
CA GLY C 307 -12.84 -21.20 -27.40
C GLY C 307 -14.09 -22.03 -27.18
N ALA C 308 -15.16 -21.73 -27.92
CA ALA C 308 -16.43 -22.40 -27.73
C ALA C 308 -16.37 -23.85 -28.20
N ILE C 309 -15.62 -24.10 -29.26
CA ILE C 309 -15.41 -25.47 -29.73
C ILE C 309 -14.65 -26.29 -28.70
N TYR C 310 -13.64 -25.68 -28.06
CA TYR C 310 -12.89 -26.39 -27.05
C TYR C 310 -13.71 -26.63 -25.79
N LEU C 311 -14.63 -25.71 -25.48
CA LEU C 311 -15.47 -25.86 -24.31
C LEU C 311 -16.45 -27.01 -24.47
N LEU C 312 -17.08 -27.11 -25.64
CA LEU C 312 -18.00 -28.22 -25.91
C LEU C 312 -17.25 -29.55 -26.00
N TYR C 313 -15.99 -29.51 -26.39
CA TYR C 313 -15.16 -30.71 -26.38
C TYR C 313 -14.89 -31.22 -24.98
N ILE C 314 -14.55 -30.31 -24.06
CA ILE C 314 -14.26 -30.69 -22.68
C ILE C 314 -15.52 -31.11 -21.94
N ILE C 315 -16.66 -30.52 -22.29
CA ILE C 315 -17.94 -30.99 -21.77
C ILE C 315 -18.24 -32.39 -22.30
N CYS C 316 -17.91 -32.65 -23.57
CA CYS C 316 -18.08 -34.00 -24.12
C CYS C 316 -17.10 -34.98 -23.50
N PHE C 317 -15.88 -34.53 -23.19
CA PHE C 317 -14.95 -35.40 -22.48
C PHE C 317 -15.39 -35.67 -21.05
N THR C 318 -16.03 -34.68 -20.42
CA THR C 318 -16.50 -34.86 -19.06
C THR C 318 -17.60 -35.90 -18.98
N MET C 319 -18.59 -35.83 -19.88
CA MET C 319 -19.72 -36.75 -19.85
C MET C 319 -19.30 -38.17 -20.14
N CYS C 320 -18.27 -38.37 -20.95
CA CYS C 320 -17.75 -39.71 -21.15
C CYS C 320 -17.06 -40.25 -19.90
N CYS C 321 -16.51 -39.35 -19.10
CA CYS C 321 -15.90 -39.77 -17.84
C CYS C 321 -16.93 -39.91 -16.73
N ILE C 322 -18.05 -39.19 -16.80
CA ILE C 322 -19.10 -39.38 -15.82
C ILE C 322 -19.76 -40.73 -16.00
N TYR C 323 -19.86 -41.19 -17.24
CA TYR C 323 -20.58 -42.40 -17.59
C TYR C 323 -19.64 -43.54 -17.97
N ARG C 324 -18.44 -43.57 -17.39
CA ARG C 324 -17.44 -44.57 -17.73
C ARG C 324 -17.92 -45.96 -17.31
N PRO C 325 -17.55 -47.02 -18.04
CA PRO C 325 -18.11 -48.36 -17.77
C PRO C 325 -17.65 -48.91 -16.43
N LEU C 326 -18.60 -49.22 -15.57
CA LEU C 326 -18.30 -49.75 -14.25
C LEU C 326 -19.32 -50.81 -13.89
N LYS C 327 -18.85 -51.87 -13.24
CA LYS C 327 -19.68 -52.98 -12.83
C LYS C 327 -19.40 -53.29 -11.36
N PRO C 328 -20.35 -53.93 -10.66
CA PRO C 328 -20.07 -54.42 -9.31
C PRO C 328 -18.92 -55.43 -9.28
N ARG C 329 -18.13 -55.35 -8.21
CA ARG C 329 -16.93 -56.16 -8.11
C ARG C 329 -17.25 -57.64 -7.96
N THR C 330 -16.49 -58.47 -8.68
CA THR C 330 -16.66 -59.91 -8.59
C THR C 330 -16.00 -60.47 -7.34
N ASN C 331 -14.91 -59.84 -6.90
CA ASN C 331 -14.16 -60.29 -5.75
C ASN C 331 -14.89 -59.94 -4.46
N ASN C 332 -14.47 -60.57 -3.37
CA ASN C 332 -14.91 -60.18 -2.04
C ASN C 332 -14.00 -59.07 -1.49
N ARG C 333 -14.44 -58.48 -0.39
CA ARG C 333 -13.67 -57.42 0.25
C ARG C 333 -12.41 -58.00 0.90
N THR C 334 -11.26 -57.39 0.62
CA THR C 334 -9.98 -58.00 0.99
C THR C 334 -9.47 -57.56 2.35
N SER C 335 -10.08 -56.54 2.94
CA SER C 335 -9.67 -56.02 4.24
C SER C 335 -10.87 -55.29 4.83
N PRO C 336 -10.87 -55.03 6.15
CA PRO C 336 -11.87 -54.10 6.68
C PRO C 336 -11.65 -52.67 6.24
N ARG C 337 -10.45 -52.32 5.77
CA ARG C 337 -10.14 -51.01 5.25
C ARG C 337 -10.33 -50.89 3.75
N ASP C 338 -11.05 -51.81 3.13
CA ASP C 338 -11.25 -51.79 1.69
C ASP C 338 -12.61 -51.18 1.37
N ASN C 339 -12.60 -50.09 0.61
CA ASN C 339 -13.82 -49.33 0.36
C ASN C 339 -14.36 -49.52 -1.03
N THR C 340 -13.71 -50.32 -1.85
CA THR C 340 -14.10 -50.48 -3.25
C THR C 340 -15.39 -51.27 -3.36
N LEU C 341 -16.34 -50.74 -4.13
CA LEU C 341 -17.56 -51.44 -4.44
C LEU C 341 -17.69 -51.80 -5.90
N LEU C 342 -17.07 -51.04 -6.78
CA LEU C 342 -17.29 -51.17 -8.21
C LEU C 342 -15.93 -51.32 -8.87
N GLN C 343 -15.91 -51.94 -10.03
CA GLN C 343 -14.67 -52.10 -10.76
C GLN C 343 -14.92 -51.80 -12.22
N GLN C 344 -13.83 -51.70 -12.97
CA GLN C 344 -13.94 -51.42 -14.39
C GLN C 344 -14.48 -52.63 -15.13
N LYS C 345 -15.29 -52.38 -16.15
CA LYS C 345 -15.71 -53.46 -17.02
C LYS C 345 -14.57 -53.87 -17.94
N LEU C 346 -14.73 -55.03 -18.54
CA LEU C 346 -13.89 -55.45 -19.65
C LEU C 346 -14.34 -54.73 -20.92
N LEU C 347 -13.57 -54.91 -22.00
CA LEU C 347 -13.85 -54.21 -23.25
C LEU C 347 -15.18 -54.64 -23.86
N GLN C 348 -15.44 -55.96 -23.91
CA GLN C 348 -16.69 -56.43 -24.50
C GLN C 348 -17.89 -56.06 -23.63
N GLU C 349 -17.72 -56.08 -22.30
CA GLU C 349 -18.76 -55.63 -21.39
C GLU C 349 -19.00 -54.12 -21.52
N ALA C 350 -17.95 -53.37 -21.86
CA ALA C 350 -18.07 -51.91 -21.90
C ALA C 350 -19.01 -51.43 -22.99
N TYR C 351 -19.16 -52.20 -24.08
CA TYR C 351 -19.99 -51.76 -25.20
C TYR C 351 -20.93 -52.90 -25.61
N MET C 352 -22.12 -52.95 -25.01
CA MET C 352 -23.15 -53.87 -25.47
C MET C 352 -24.57 -53.32 -25.30
N THR C 353 -24.74 -52.00 -25.26
CA THR C 353 -26.06 -51.45 -25.00
C THR C 353 -26.15 -50.11 -25.72
N PRO C 354 -27.37 -49.57 -25.93
CA PRO C 354 -27.48 -48.24 -26.57
C PRO C 354 -26.79 -47.08 -25.84
N LYS C 355 -26.83 -47.04 -24.51
CA LYS C 355 -26.09 -46.01 -23.77
C LYS C 355 -24.59 -46.16 -23.97
N ASP C 356 -24.12 -47.41 -24.08
CA ASP C 356 -22.70 -47.66 -24.36
C ASP C 356 -22.31 -47.20 -25.76
N ASP C 357 -23.25 -47.24 -26.71
CA ASP C 357 -22.97 -46.76 -28.06
C ASP C 357 -22.97 -45.23 -28.12
N ILE C 358 -23.85 -44.59 -27.34
CA ILE C 358 -23.88 -43.12 -27.30
C ILE C 358 -22.60 -42.59 -26.66
N ARG C 359 -22.13 -43.24 -25.60
CA ARG C 359 -20.83 -42.89 -25.02
C ARG C 359 -19.70 -43.16 -26.00
N LEU C 360 -19.83 -44.23 -26.81
CA LEU C 360 -18.78 -44.59 -27.76
C LEU C 360 -18.60 -43.50 -28.81
N VAL C 361 -19.68 -42.82 -29.18
CA VAL C 361 -19.60 -41.66 -30.06
C VAL C 361 -18.77 -40.56 -29.43
N GLY C 362 -19.10 -40.21 -28.18
CA GLY C 362 -18.39 -39.13 -27.50
C GLY C 362 -16.94 -39.45 -27.21
N GLU C 363 -16.66 -40.71 -26.89
CA GLU C 363 -15.29 -41.14 -26.67
C GLU C 363 -14.49 -41.12 -27.97
N LEU C 364 -15.14 -41.44 -29.09
CA LEU C 364 -14.47 -41.34 -30.37
C LEU C 364 -14.23 -39.90 -30.76
N VAL C 365 -15.18 -39.02 -30.45
CA VAL C 365 -14.99 -37.57 -30.62
C VAL C 365 -13.83 -37.08 -29.77
N THR C 366 -13.71 -37.61 -28.55
CA THR C 366 -12.64 -37.21 -27.64
C THR C 366 -11.27 -37.59 -28.17
N VAL C 367 -11.13 -38.83 -28.64
CA VAL C 367 -9.84 -39.30 -29.15
C VAL C 367 -9.47 -38.60 -30.44
N ILE C 368 -10.42 -38.46 -31.36
CA ILE C 368 -10.19 -37.71 -32.60
C ILE C 368 -9.84 -36.25 -32.29
N GLY C 369 -10.45 -35.69 -31.26
CA GLY C 369 -10.06 -34.36 -30.82
C GLY C 369 -8.66 -34.31 -30.24
N ALA C 370 -8.25 -35.35 -29.52
CA ALA C 370 -6.92 -35.37 -28.93
C ALA C 370 -5.84 -35.63 -29.96
N ILE C 371 -6.16 -36.37 -31.02
CA ILE C 371 -5.21 -36.58 -32.11
C ILE C 371 -4.98 -35.28 -32.86
N ILE C 372 -6.06 -34.53 -33.12
CA ILE C 372 -5.98 -33.25 -33.81
C ILE C 372 -5.17 -32.24 -33.01
N ILE C 373 -5.23 -32.31 -31.67
CA ILE C 373 -4.40 -31.45 -30.83
C ILE C 373 -2.92 -31.76 -31.04
N LEU C 374 -2.57 -33.05 -31.05
CA LEU C 374 -1.19 -33.45 -31.25
C LEU C 374 -0.67 -33.04 -32.62
N LEU C 375 -1.52 -33.11 -33.64
CA LEU C 375 -1.12 -32.73 -35.00
C LEU C 375 -0.82 -31.24 -35.10
N VAL C 376 -1.65 -30.40 -34.51
CA VAL C 376 -1.41 -28.97 -34.55
C VAL C 376 -0.45 -28.49 -33.48
N GLU C 377 0.12 -29.38 -32.66
CA GLU C 377 1.08 -28.95 -31.65
C GLU C 377 2.44 -29.63 -31.73
N VAL C 378 2.49 -30.95 -31.89
CA VAL C 378 3.74 -31.70 -31.76
C VAL C 378 4.66 -31.55 -32.99
N PRO C 379 4.19 -31.74 -34.28
CA PRO C 379 5.10 -31.44 -35.40
C PRO C 379 5.64 -30.02 -35.45
N ASP C 380 4.98 -29.08 -34.78
CA ASP C 380 5.48 -27.71 -34.72
C ASP C 380 6.76 -27.59 -33.91
N ILE C 381 6.88 -28.31 -32.79
CA ILE C 381 8.05 -28.15 -31.92
C ILE C 381 9.24 -28.88 -32.53
N GLY C 397 3.83 -21.71 -24.62
CA GLY C 397 4.73 -21.90 -23.50
C GLY C 397 4.16 -22.94 -22.55
N PRO C 398 3.50 -22.48 -21.50
CA PRO C 398 2.84 -23.41 -20.57
C PRO C 398 1.57 -24.06 -21.12
N PHE C 399 0.69 -23.27 -21.77
CA PHE C 399 -0.54 -23.85 -22.30
C PHE C 399 -0.26 -24.71 -23.52
N HIS C 400 0.90 -24.55 -24.14
CA HIS C 400 1.40 -25.62 -25.01
C HIS C 400 1.55 -26.92 -24.25
N VAL C 401 2.21 -26.87 -23.08
CA VAL C 401 2.50 -28.08 -22.32
C VAL C 401 1.22 -28.69 -21.75
N LEU C 402 0.29 -27.85 -21.29
CA LEU C 402 -0.93 -28.35 -20.67
C LEU C 402 -1.83 -29.08 -21.65
N ILE C 403 -1.96 -28.58 -22.87
CA ILE C 403 -2.87 -29.22 -23.80
C ILE C 403 -2.22 -30.46 -24.41
N ILE C 404 -0.89 -30.48 -24.55
CA ILE C 404 -0.23 -31.69 -25.06
C ILE C 404 -0.28 -32.78 -24.01
N THR C 405 -0.13 -32.41 -22.74
CA THR C 405 -0.29 -33.37 -21.65
C THR C 405 -1.73 -33.87 -21.56
N TYR C 406 -2.70 -32.99 -21.78
CA TYR C 406 -4.10 -33.42 -21.81
C TYR C 406 -4.36 -34.37 -22.97
N ALA C 407 -3.84 -34.07 -24.16
CA ALA C 407 -4.01 -34.97 -25.30
C ALA C 407 -3.26 -36.29 -25.08
N PHE C 408 -2.15 -36.24 -24.35
CA PHE C 408 -1.42 -37.46 -24.04
C PHE C 408 -2.17 -38.32 -23.03
N MET C 409 -2.79 -37.71 -22.02
CA MET C 409 -3.54 -38.46 -21.03
C MET C 409 -4.82 -39.05 -21.60
N VAL C 410 -5.38 -38.43 -22.64
CA VAL C 410 -6.52 -39.02 -23.33
C VAL C 410 -6.12 -40.30 -24.05
N LEU C 411 -4.96 -40.30 -24.72
CA LEU C 411 -4.56 -41.47 -25.49
C LEU C 411 -4.22 -42.65 -24.59
N VAL C 412 -3.65 -42.37 -23.41
CA VAL C 412 -3.39 -43.41 -22.43
C VAL C 412 -4.71 -44.01 -21.95
N THR C 413 -5.76 -43.20 -21.84
CA THR C 413 -7.05 -43.69 -21.40
C THR C 413 -7.64 -44.65 -22.43
N MET C 414 -7.48 -44.34 -23.71
CA MET C 414 -7.93 -45.24 -24.78
C MET C 414 -7.12 -46.53 -24.80
N VAL C 415 -5.80 -46.43 -24.66
CA VAL C 415 -4.93 -47.60 -24.67
C VAL C 415 -5.27 -48.55 -23.55
N MET C 416 -5.49 -48.02 -22.35
CA MET C 416 -5.91 -48.84 -21.23
C MET C 416 -7.33 -49.35 -21.41
N ARG C 417 -8.17 -48.60 -22.13
CA ARG C 417 -9.53 -49.07 -22.42
C ARG C 417 -9.50 -50.26 -23.37
N LEU C 418 -8.60 -50.22 -24.36
CA LEU C 418 -8.56 -51.27 -25.37
C LEU C 418 -7.98 -52.56 -24.81
N ILE C 419 -6.92 -52.46 -24.00
CA ILE C 419 -6.29 -53.65 -23.44
C ILE C 419 -6.89 -54.04 -22.10
N SER C 420 -7.94 -53.35 -21.66
CA SER C 420 -8.65 -53.58 -20.38
C SER C 420 -7.73 -53.42 -19.19
N ALA C 421 -6.74 -52.54 -19.28
CA ALA C 421 -5.85 -52.28 -18.15
C ALA C 421 -6.57 -51.48 -17.08
N SER C 422 -6.41 -51.91 -15.83
CA SER C 422 -7.07 -51.26 -14.73
C SER C 422 -6.26 -50.05 -14.27
N GLY C 423 -6.97 -49.08 -13.70
CA GLY C 423 -6.36 -47.84 -13.30
C GLY C 423 -6.66 -46.66 -14.19
N GLU C 424 -7.73 -46.73 -14.99
CA GLU C 424 -8.11 -45.65 -15.90
C GLU C 424 -8.53 -44.39 -15.18
N VAL C 425 -8.77 -44.45 -13.88
CA VAL C 425 -9.05 -43.25 -13.11
C VAL C 425 -7.81 -42.38 -13.00
N VAL C 426 -6.62 -42.95 -13.14
CA VAL C 426 -5.40 -42.14 -13.10
C VAL C 426 -5.23 -41.29 -14.35
N PRO C 427 -5.33 -41.80 -15.60
CA PRO C 427 -5.25 -40.87 -16.75
C PRO C 427 -6.39 -39.89 -16.85
N MET C 428 -7.62 -40.32 -16.52
CA MET C 428 -8.77 -39.43 -16.62
C MET C 428 -8.65 -38.25 -15.65
N SER C 429 -8.25 -38.49 -14.41
CA SER C 429 -8.24 -37.44 -13.40
C SER C 429 -7.19 -36.39 -13.70
N PHE C 430 -6.04 -36.82 -14.24
CA PHE C 430 -5.13 -35.84 -14.83
C PHE C 430 -5.78 -35.11 -15.98
N ALA C 431 -6.51 -35.83 -16.84
CA ALA C 431 -7.06 -35.21 -18.03
C ALA C 431 -8.25 -34.30 -17.70
N LEU C 432 -9.06 -34.63 -16.68
CA LEU C 432 -10.16 -33.76 -16.31
C LEU C 432 -9.65 -32.44 -15.73
N VAL C 433 -8.62 -32.51 -14.88
CA VAL C 433 -8.03 -31.31 -14.31
C VAL C 433 -7.28 -30.51 -15.37
N LEU C 434 -6.44 -31.18 -16.16
CA LEU C 434 -5.70 -30.50 -17.21
C LEU C 434 -6.62 -30.02 -18.32
N GLY C 435 -7.67 -30.77 -18.63
CA GLY C 435 -8.55 -30.38 -19.71
C GLY C 435 -9.39 -29.17 -19.38
N TRP C 436 -9.88 -29.07 -18.15
CA TRP C 436 -10.65 -27.89 -17.79
C TRP C 436 -9.78 -26.68 -17.55
N CYS C 437 -8.58 -26.85 -17.01
CA CYS C 437 -7.72 -25.70 -16.77
C CYS C 437 -7.18 -25.09 -18.06
N ASN C 438 -7.24 -25.81 -19.17
CA ASN C 438 -6.99 -25.22 -20.48
C ASN C 438 -8.08 -24.26 -20.90
N VAL C 439 -9.28 -24.37 -20.34
CA VAL C 439 -10.35 -23.44 -20.69
C VAL C 439 -10.03 -22.05 -20.16
N MET C 440 -9.20 -21.98 -19.12
CA MET C 440 -8.71 -20.69 -18.63
C MET C 440 -7.79 -19.99 -19.62
N TYR C 441 -7.20 -20.70 -20.59
CA TYR C 441 -6.41 -20.05 -21.64
C TYR C 441 -7.23 -19.05 -22.45
N PHE C 442 -8.54 -19.27 -22.58
CA PHE C 442 -9.38 -18.41 -23.39
C PHE C 442 -9.88 -17.20 -22.63
N ALA C 443 -9.38 -16.96 -21.41
CA ALA C 443 -9.68 -15.73 -20.70
C ALA C 443 -9.01 -14.51 -21.35
N ARG C 444 -7.91 -14.71 -22.07
CA ARG C 444 -7.16 -13.59 -22.62
C ARG C 444 -7.89 -12.86 -23.73
N GLY C 445 -8.91 -13.47 -24.32
CA GLY C 445 -9.75 -12.75 -25.26
C GLY C 445 -10.46 -11.59 -24.61
N PHE C 446 -10.89 -11.78 -23.37
CA PHE C 446 -11.46 -10.67 -22.61
C PHE C 446 -10.34 -9.88 -21.98
N GLN C 447 -10.46 -8.55 -22.01
CA GLN C 447 -9.34 -7.69 -21.67
C GLN C 447 -9.03 -7.70 -20.18
N MET C 448 -10.06 -7.72 -19.33
CA MET C 448 -9.83 -7.79 -17.90
C MET C 448 -9.37 -9.16 -17.45
N LEU C 449 -9.79 -10.23 -18.13
CA LEU C 449 -9.55 -11.57 -17.64
C LEU C 449 -8.14 -12.05 -17.92
N GLY C 450 -7.50 -11.53 -18.98
CA GLY C 450 -6.20 -12.01 -19.43
C GLY C 450 -5.04 -11.84 -18.46
N PRO C 451 -4.85 -10.65 -17.88
CA PRO C 451 -3.82 -10.53 -16.84
C PRO C 451 -4.07 -11.34 -15.58
N PHE C 452 -5.29 -11.82 -15.35
CA PHE C 452 -5.52 -12.72 -14.21
C PHE C 452 -4.82 -14.04 -14.43
N THR C 453 -4.75 -14.51 -15.67
CA THR C 453 -3.97 -15.70 -15.99
C THR C 453 -2.47 -15.45 -15.83
N ILE C 454 -2.04 -14.20 -16.06
CA ILE C 454 -0.65 -13.80 -15.79
C ILE C 454 -0.34 -13.93 -14.31
N MET C 455 -1.27 -13.50 -13.45
CA MET C 455 -1.12 -13.59 -12.00
C MET C 455 -0.91 -15.01 -11.54
N ILE C 456 -1.69 -15.94 -12.11
CA ILE C 456 -1.63 -17.35 -11.72
C ILE C 456 -0.26 -17.94 -12.05
N GLN C 457 0.30 -17.58 -13.21
CA GLN C 457 1.62 -18.09 -13.59
C GLN C 457 2.72 -17.54 -12.69
N LYS C 458 2.70 -16.22 -12.45
CA LYS C 458 3.77 -15.59 -11.68
C LYS C 458 3.72 -15.98 -10.22
N MET C 459 2.51 -16.22 -9.68
CA MET C 459 2.40 -16.69 -8.31
C MET C 459 2.89 -18.13 -8.16
N ILE C 460 2.71 -18.96 -9.19
CA ILE C 460 3.08 -20.36 -9.04
C ILE C 460 4.56 -20.58 -9.37
N PHE C 461 5.11 -19.85 -10.36
CA PHE C 461 6.51 -20.04 -10.72
C PHE C 461 7.40 -18.99 -10.09
N GLY C 462 6.83 -18.09 -9.32
CA GLY C 462 7.58 -17.18 -8.51
C GLY C 462 7.37 -17.64 -7.09
N ASP C 463 6.43 -17.00 -6.40
CA ASP C 463 6.27 -17.11 -4.96
C ASP C 463 6.02 -18.53 -4.48
N LEU C 464 5.36 -19.36 -5.29
CA LEU C 464 5.16 -20.74 -4.86
C LEU C 464 6.44 -21.56 -5.01
N MET C 465 7.12 -21.45 -6.15
CA MET C 465 8.34 -22.24 -6.38
C MET C 465 9.45 -21.86 -5.43
N ARG C 466 9.46 -20.61 -4.98
CA ARG C 466 10.36 -20.21 -3.91
C ARG C 466 9.93 -20.82 -2.59
N PHE C 467 8.75 -20.44 -2.10
CA PHE C 467 8.35 -20.67 -0.71
C PHE C 467 7.99 -22.13 -0.41
N CYS C 468 7.76 -22.97 -1.42
CA CYS C 468 7.47 -24.38 -1.18
C CYS C 468 8.64 -25.13 -0.56
N TRP C 469 9.86 -24.66 -0.75
CA TRP C 469 11.02 -25.32 -0.16
C TRP C 469 11.11 -25.06 1.32
N LEU C 470 10.73 -23.85 1.74
CA LEU C 470 10.61 -23.55 3.16
C LEU C 470 9.41 -24.24 3.75
N MET C 471 8.34 -24.38 2.95
CA MET C 471 7.06 -24.83 3.47
C MET C 471 7.00 -26.36 3.61
N ALA C 472 7.57 -27.09 2.66
CA ALA C 472 7.58 -28.56 2.74
C ALA C 472 8.49 -29.05 3.84
N VAL C 473 9.57 -28.30 4.10
CA VAL C 473 10.53 -28.66 5.12
C VAL C 473 9.92 -28.55 6.52
N VAL C 474 9.09 -27.54 6.75
CA VAL C 474 8.32 -27.45 8.00
C VAL C 474 7.31 -28.59 8.09
N ILE C 475 6.69 -28.95 6.97
CA ILE C 475 5.74 -30.06 6.94
C ILE C 475 6.46 -31.38 7.24
N LEU C 476 7.63 -31.59 6.66
CA LEU C 476 8.40 -32.81 6.92
C LEU C 476 8.84 -32.91 8.37
N GLY C 477 9.15 -31.77 8.98
CA GLY C 477 9.57 -31.80 10.38
C GLY C 477 8.46 -32.14 11.33
N PHE C 478 7.30 -31.54 11.12
CA PHE C 478 6.20 -31.78 12.03
C PHE C 478 5.46 -33.06 11.74
N ALA C 479 5.40 -33.50 10.48
CA ALA C 479 4.74 -34.77 10.19
C ALA C 479 5.51 -35.93 10.75
N SER C 480 6.84 -35.82 10.75
CA SER C 480 7.68 -36.80 11.41
C SER C 480 7.46 -36.76 12.91
N ALA C 481 7.32 -35.56 13.48
CA ALA C 481 7.06 -35.43 14.90
C ALA C 481 5.67 -35.95 15.25
N PHE C 482 4.67 -35.63 14.44
CA PHE C 482 3.31 -36.07 14.68
C PHE C 482 3.16 -37.58 14.52
N TYR C 483 3.97 -38.18 13.65
CA TYR C 483 3.88 -39.62 13.45
C TYR C 483 4.32 -40.39 14.68
N ILE C 484 5.49 -40.04 15.24
CA ILE C 484 6.05 -40.83 16.32
C ILE C 484 5.31 -40.57 17.63
N ILE C 485 4.63 -39.43 17.75
CA ILE C 485 3.81 -39.17 18.94
C ILE C 485 2.61 -40.10 18.99
N PHE C 486 2.01 -40.41 17.84
CA PHE C 486 0.87 -41.30 17.77
C PHE C 486 1.27 -42.69 17.31
N GLN C 487 2.57 -42.98 17.31
CA GLN C 487 3.02 -44.30 16.88
C GLN C 487 2.67 -45.34 17.94
N THR C 488 2.71 -44.96 19.21
CA THR C 488 2.28 -45.86 20.27
C THR C 488 0.76 -45.91 20.41
N GLU C 489 0.08 -44.80 20.14
CA GLU C 489 -1.35 -44.68 20.41
C GLU C 489 -2.15 -45.52 19.40
N ASP C 490 -3.41 -45.75 19.72
CA ASP C 490 -4.27 -46.54 18.83
C ASP C 490 -4.85 -45.68 17.71
N PRO C 491 -4.77 -46.11 16.44
CA PRO C 491 -5.21 -45.24 15.35
C PRO C 491 -6.71 -45.08 15.22
N GLU C 492 -7.52 -45.90 15.89
CA GLU C 492 -8.96 -45.82 15.73
C GLU C 492 -9.53 -44.52 16.27
N GLU C 493 -8.95 -44.03 17.36
CA GLU C 493 -9.37 -42.74 17.89
C GLU C 493 -8.85 -41.59 17.03
N LEU C 494 -7.56 -41.60 16.70
CA LEU C 494 -6.94 -40.50 15.98
C LEU C 494 -6.07 -41.10 14.89
N GLY C 495 -6.63 -41.24 13.70
CA GLY C 495 -5.95 -41.86 12.59
C GLY C 495 -5.44 -40.87 11.58
N HIS C 496 -5.20 -39.64 11.99
CA HIS C 496 -4.58 -38.66 11.11
C HIS C 496 -3.18 -39.11 10.70
N PHE C 497 -2.50 -39.83 11.60
CA PHE C 497 -1.08 -40.11 11.45
C PHE C 497 -0.78 -41.62 11.53
N TYR C 498 -1.68 -42.48 11.01
CA TYR C 498 -1.56 -43.91 11.28
C TYR C 498 -0.37 -44.54 10.56
N ASP C 499 -0.03 -44.05 9.37
CA ASP C 499 1.25 -44.36 8.78
C ASP C 499 1.91 -43.08 8.30
N TYR C 500 3.17 -43.19 7.91
CA TYR C 500 3.94 -42.01 7.55
C TYR C 500 3.48 -41.29 6.27
N PRO C 501 3.02 -41.95 5.20
CA PRO C 501 2.44 -41.15 4.10
C PRO C 501 1.18 -40.40 4.47
N MET C 502 0.33 -40.93 5.33
CA MET C 502 -0.85 -40.17 5.75
C MET C 502 -0.47 -39.06 6.71
N ALA C 503 0.56 -39.27 7.52
CA ALA C 503 1.02 -38.24 8.42
C ALA C 503 1.57 -37.04 7.66
N LEU C 504 2.22 -37.29 6.53
CA LEU C 504 2.64 -36.22 5.64
C LEU C 504 1.45 -35.49 5.06
N PHE C 505 0.45 -36.24 4.58
CA PHE C 505 -0.69 -35.62 3.93
C PHE C 505 -1.56 -34.86 4.91
N SER C 506 -1.73 -35.40 6.12
CA SER C 506 -2.51 -34.70 7.14
C SER C 506 -1.84 -33.41 7.58
N THR C 507 -0.52 -33.43 7.74
CA THR C 507 0.20 -32.25 8.19
C THR C 507 0.22 -31.17 7.12
N PHE C 508 0.26 -31.59 5.86
CA PHE C 508 0.02 -30.69 4.75
C PHE C 508 -1.36 -30.05 4.84
N GLU C 509 -2.39 -30.84 5.16
CA GLU C 509 -3.74 -30.31 5.31
C GLU C 509 -3.89 -29.45 6.55
N LEU C 510 -3.18 -29.78 7.62
CA LEU C 510 -3.20 -28.94 8.80
C LEU C 510 -2.44 -27.64 8.56
N PHE C 511 -1.47 -27.64 7.65
CA PHE C 511 -0.73 -26.43 7.33
C PHE C 511 -1.64 -25.43 6.64
N LEU C 512 -2.44 -25.88 5.68
CA LEU C 512 -3.33 -25.01 4.94
C LEU C 512 -4.65 -24.78 5.65
N THR C 513 -4.86 -25.42 6.81
CA THR C 513 -6.06 -25.34 7.64
C THR C 513 -7.31 -25.74 6.87
N ILE C 514 -7.20 -26.81 6.08
CA ILE C 514 -8.31 -27.32 5.32
C ILE C 514 -8.97 -28.53 5.95
N ILE C 515 -8.32 -29.14 6.96
CA ILE C 515 -8.98 -30.10 7.84
C ILE C 515 -8.78 -29.59 9.25
N ASP C 516 -9.63 -30.06 10.16
CA ASP C 516 -9.56 -29.60 11.55
C ASP C 516 -8.38 -30.20 12.28
N GLY C 517 -8.00 -29.53 13.35
CA GLY C 517 -7.03 -30.04 14.27
C GLY C 517 -7.52 -31.31 14.90
N PRO C 518 -6.67 -32.34 14.92
CA PRO C 518 -7.05 -33.61 15.52
C PRO C 518 -7.34 -33.49 17.00
N ALA C 519 -8.48 -34.04 17.40
CA ALA C 519 -8.93 -33.98 18.78
C ALA C 519 -9.88 -35.14 19.01
N ASN C 520 -9.82 -35.70 20.21
CA ASN C 520 -10.79 -36.73 20.56
C ASN C 520 -11.70 -36.30 21.70
N TYR C 521 -11.12 -35.83 22.81
CA TYR C 521 -11.75 -35.30 24.03
C TYR C 521 -12.39 -36.40 24.87
N ASN C 522 -12.43 -37.61 24.35
CA ASN C 522 -12.91 -38.79 25.05
C ASN C 522 -11.78 -39.71 25.44
N VAL C 523 -10.54 -39.33 25.13
CA VAL C 523 -9.37 -40.14 25.45
C VAL C 523 -8.23 -39.17 25.74
N ASP C 524 -7.18 -39.67 26.36
CA ASP C 524 -6.01 -38.85 26.64
C ASP C 524 -5.05 -38.91 25.45
N LEU C 525 -4.87 -37.77 24.80
CA LEU C 525 -3.84 -37.64 23.80
C LEU C 525 -2.49 -37.51 24.49
N PRO C 526 -1.38 -37.76 23.80
CA PRO C 526 -0.07 -37.49 24.41
C PRO C 526 0.12 -36.01 24.67
N PHE C 527 0.86 -35.71 25.75
CA PHE C 527 1.08 -34.31 26.09
C PHE C 527 2.04 -33.65 25.13
N MET C 528 2.87 -34.46 24.48
CA MET C 528 3.79 -33.94 23.49
C MET C 528 3.05 -33.52 22.22
N TYR C 529 1.84 -34.05 22.00
CA TYR C 529 1.03 -33.61 20.87
C TYR C 529 0.58 -32.16 21.02
N SER C 530 0.07 -31.80 22.21
CA SER C 530 -0.47 -30.47 22.41
C SER C 530 0.60 -29.41 22.32
N ILE C 531 1.82 -29.72 22.74
CA ILE C 531 2.93 -28.80 22.60
C ILE C 531 3.33 -28.68 21.13
N THR C 532 3.42 -29.81 20.43
CA THR C 532 3.86 -29.82 19.04
C THR C 532 2.83 -29.16 18.14
N TYR C 533 1.55 -29.44 18.37
CA TYR C 533 0.54 -28.89 17.49
C TYR C 533 0.34 -27.41 17.74
N ALA C 534 0.52 -26.95 18.97
CA ALA C 534 0.50 -25.52 19.22
C ALA C 534 1.72 -24.84 18.63
N ALA C 535 2.88 -25.50 18.65
CA ALA C 535 4.04 -24.98 17.94
C ALA C 535 3.81 -24.99 16.43
N PHE C 536 3.13 -26.02 15.93
CA PHE C 536 2.83 -26.10 14.51
C PHE C 536 1.84 -25.04 14.08
N ALA C 537 0.83 -24.79 14.92
CA ALA C 537 -0.27 -23.90 14.55
C ALA C 537 0.20 -22.46 14.45
N ILE C 538 1.15 -22.07 15.29
CA ILE C 538 1.69 -20.72 15.20
C ILE C 538 2.52 -20.55 13.94
N ILE C 539 3.39 -21.52 13.65
CA ILE C 539 4.26 -21.45 12.47
C ILE C 539 3.44 -21.51 11.19
N ALA C 540 2.43 -22.39 11.17
CA ALA C 540 1.60 -22.54 9.98
C ALA C 540 0.78 -21.29 9.69
N THR C 541 0.29 -20.58 10.70
CA THR C 541 -0.35 -19.29 10.42
C THR C 541 0.69 -18.25 10.02
N LEU C 542 1.85 -18.26 10.68
CA LEU C 542 2.91 -17.29 10.37
C LEU C 542 3.44 -17.48 8.95
N LEU C 543 3.73 -18.72 8.56
CA LEU C 543 4.23 -18.98 7.22
C LEU C 543 3.16 -18.75 6.15
N MET C 544 1.90 -19.00 6.46
CA MET C 544 0.87 -18.87 5.44
C MET C 544 0.51 -17.41 5.18
N LEU C 545 0.57 -16.56 6.21
CA LEU C 545 0.39 -15.13 5.98
C LEU C 545 1.58 -14.55 5.23
N ASN C 546 2.76 -15.13 5.44
CA ASN C 546 3.95 -14.73 4.70
C ASN C 546 3.79 -15.03 3.21
N LEU C 547 3.15 -16.15 2.88
CA LEU C 547 2.87 -16.46 1.49
C LEU C 547 1.84 -15.50 0.90
N LEU C 548 0.99 -14.94 1.76
CA LEU C 548 0.00 -13.97 1.30
C LEU C 548 0.66 -12.64 0.98
N ILE C 549 1.58 -12.18 1.82
CA ILE C 549 2.27 -10.92 1.53
C ILE C 549 3.19 -11.08 0.32
N ALA C 550 3.76 -12.26 0.14
CA ALA C 550 4.56 -12.51 -1.05
C ALA C 550 3.70 -12.48 -2.30
N MET C 551 2.54 -13.14 -2.26
CA MET C 551 1.59 -13.03 -3.36
C MET C 551 0.89 -11.68 -3.39
N MET C 552 1.01 -10.87 -2.34
CA MET C 552 0.54 -9.48 -2.41
C MET C 552 1.42 -8.65 -3.31
N GLY C 553 2.74 -8.71 -3.09
CA GLY C 553 3.66 -7.92 -3.88
C GLY C 553 3.68 -8.33 -5.34
N ASP C 554 3.34 -9.61 -5.61
CA ASP C 554 3.33 -10.11 -6.97
C ASP C 554 2.20 -9.52 -7.79
N THR C 555 0.96 -9.82 -7.39
CA THR C 555 -0.18 -9.53 -8.26
C THR C 555 -0.50 -8.05 -8.29
N HIS C 556 -0.15 -7.31 -7.24
CA HIS C 556 -0.47 -5.89 -7.19
C HIS C 556 0.36 -5.10 -8.20
N TRP C 557 1.68 -5.17 -8.08
CA TRP C 557 2.56 -4.27 -8.81
C TRP C 557 3.08 -4.86 -10.11
N ARG C 558 3.42 -6.15 -10.12
CA ARG C 558 4.01 -6.72 -11.31
C ARG C 558 2.97 -6.90 -12.41
N VAL C 559 1.72 -7.18 -12.04
CA VAL C 559 0.69 -7.56 -13.00
C VAL C 559 -0.46 -6.54 -13.06
N ALA C 560 -1.07 -6.23 -11.92
CA ALA C 560 -2.26 -5.38 -11.94
C ALA C 560 -1.91 -3.92 -12.25
N HIS C 561 -0.68 -3.51 -11.92
CA HIS C 561 -0.23 -2.20 -12.35
C HIS C 561 0.02 -2.19 -13.86
N GLU C 562 0.46 -3.30 -14.42
CA GLU C 562 0.79 -3.43 -15.83
C GLU C 562 -0.18 -4.33 -16.59
N ARG C 563 -1.47 -4.22 -16.31
CA ARG C 563 -2.44 -5.15 -16.89
C ARG C 563 -2.64 -4.89 -18.39
N ASP C 564 -2.56 -3.64 -18.82
CA ASP C 564 -2.78 -3.36 -20.24
C ASP C 564 -1.59 -3.78 -21.08
N GLU C 565 -0.37 -3.63 -20.55
CA GLU C 565 0.82 -4.09 -21.26
C GLU C 565 0.85 -5.61 -21.36
N LEU C 566 0.49 -6.30 -20.28
CA LEU C 566 0.52 -7.75 -20.30
C LEU C 566 -0.55 -8.33 -21.20
N TRP C 567 -1.72 -7.69 -21.24
CA TRP C 567 -2.79 -8.18 -22.10
C TRP C 567 -2.48 -7.94 -23.56
N ARG C 568 -1.79 -6.84 -23.87
CA ARG C 568 -1.43 -6.57 -25.25
C ARG C 568 -0.38 -7.57 -25.74
N ALA C 569 0.55 -7.93 -24.88
CA ALA C 569 1.54 -8.94 -25.22
C ALA C 569 0.91 -10.31 -25.36
N GLN C 570 -0.22 -10.54 -24.69
CA GLN C 570 -0.98 -11.77 -24.89
C GLN C 570 -1.63 -11.81 -26.26
N ILE C 571 -2.12 -10.66 -26.75
CA ILE C 571 -2.78 -10.61 -28.05
C ILE C 571 -1.81 -10.91 -29.17
N VAL C 572 -0.63 -10.28 -29.14
CA VAL C 572 0.37 -10.47 -30.18
C VAL C 572 0.84 -11.92 -30.21
N ALA C 573 0.98 -12.52 -29.03
CA ALA C 573 1.34 -13.93 -28.96
C ALA C 573 0.21 -14.81 -29.48
N THR C 574 -1.04 -14.46 -29.16
CA THR C 574 -2.17 -15.26 -29.61
C THR C 574 -2.38 -15.13 -31.11
N THR C 575 -2.22 -13.92 -31.64
CA THR C 575 -2.49 -13.65 -33.04
C THR C 575 -1.43 -14.28 -33.95
N VAL C 576 -0.16 -14.16 -33.56
CA VAL C 576 0.93 -14.78 -34.32
C VAL C 576 0.78 -16.30 -34.33
N MET C 577 0.32 -16.87 -33.23
CA MET C 577 -0.05 -18.29 -33.22
C MET C 577 -1.22 -18.57 -34.14
N LEU C 578 -2.22 -17.69 -34.15
CA LEU C 578 -3.36 -17.84 -35.04
C LEU C 578 -2.96 -17.77 -36.50
N GLU C 579 -2.04 -16.86 -36.84
CA GLU C 579 -1.63 -16.68 -38.23
C GLU C 579 -0.90 -17.91 -38.77
N ARG C 580 -0.06 -18.53 -37.95
CA ARG C 580 0.66 -19.73 -38.36
C ARG C 580 -0.28 -20.92 -38.57
N LYS C 581 -1.36 -20.99 -37.79
CA LYS C 581 -2.20 -22.18 -37.75
C LYS C 581 -3.58 -21.94 -38.37
N LEU C 582 -3.67 -21.05 -39.34
CA LEU C 582 -4.95 -20.82 -39.96
C LEU C 582 -4.75 -20.67 -41.45
N PRO C 583 -5.72 -21.06 -42.28
CA PRO C 583 -5.57 -20.86 -43.72
C PRO C 583 -5.71 -19.39 -44.10
N ARG C 584 -5.31 -19.11 -45.35
CA ARG C 584 -5.27 -17.74 -45.84
C ARG C 584 -6.67 -17.17 -46.02
N CYS C 585 -7.65 -18.03 -46.33
CA CYS C 585 -9.02 -17.59 -46.55
C CYS C 585 -9.63 -16.96 -45.30
N LEU C 586 -9.23 -17.45 -44.12
CA LEU C 586 -9.80 -16.95 -42.88
C LEU C 586 -9.14 -15.65 -42.45
N TRP C 587 -7.86 -15.49 -42.74
CA TRP C 587 -7.07 -14.36 -42.25
C TRP C 587 -6.65 -13.42 -43.39
N PRO C 588 -7.38 -12.35 -43.65
CA PRO C 588 -6.90 -11.34 -44.60
C PRO C 588 -5.77 -10.50 -44.04
N ARG C 589 -4.89 -10.08 -44.93
CA ARG C 589 -3.77 -9.22 -44.59
C ARG C 589 -4.26 -7.86 -44.11
N SER C 590 -3.62 -7.34 -43.07
CA SER C 590 -4.10 -6.10 -42.45
C SER C 590 -3.57 -4.88 -43.19
N GLY C 591 -4.24 -3.76 -42.98
CA GLY C 591 -3.92 -2.56 -43.71
C GLY C 591 -4.72 -2.43 -45.00
N ILE C 592 -4.25 -1.54 -45.85
CA ILE C 592 -4.83 -1.29 -47.18
C ILE C 592 -3.73 -1.41 -48.22
N CYS C 593 -3.95 -2.26 -49.22
CA CYS C 593 -2.95 -2.47 -50.25
C CYS C 593 -2.93 -1.31 -51.23
N GLY C 594 -1.72 -0.96 -51.69
CA GLY C 594 -1.55 -0.07 -52.81
C GLY C 594 -1.78 -0.78 -54.13
N ARG C 595 -1.39 -0.08 -55.21
CA ARG C 595 -1.46 -0.44 -56.64
C ARG C 595 -2.90 -0.36 -57.15
N GLU C 596 -3.87 -0.28 -56.25
CA GLU C 596 -5.16 0.29 -56.52
C GLU C 596 -5.23 1.72 -56.06
N TYR C 597 -4.17 2.19 -55.39
CA TYR C 597 -4.01 3.56 -54.96
C TYR C 597 -2.64 4.13 -55.29
N GLY C 598 -1.82 3.40 -56.04
CA GLY C 598 -0.55 3.92 -56.55
C GLY C 598 0.51 4.20 -55.51
N LEU C 599 0.62 3.34 -54.50
CA LEU C 599 1.58 3.54 -53.43
C LEU C 599 2.69 2.50 -53.41
N GLY C 600 2.67 1.55 -54.33
CA GLY C 600 3.48 0.36 -54.24
C GLY C 600 2.60 -0.87 -54.05
N ASP C 601 3.25 -2.02 -53.94
CA ASP C 601 2.52 -3.23 -53.63
C ASP C 601 2.42 -3.47 -52.13
N ARG C 602 2.93 -2.52 -51.35
CA ARG C 602 3.02 -2.64 -49.91
C ARG C 602 1.66 -2.42 -49.26
N TRP C 603 1.49 -2.96 -48.05
CA TRP C 603 0.23 -2.87 -47.31
C TRP C 603 0.33 -1.76 -46.28
N PHE C 604 -0.45 -0.71 -46.47
CA PHE C 604 -0.35 0.51 -45.68
C PHE C 604 -1.47 0.59 -44.66
N LEU C 605 -1.13 1.10 -43.48
CA LEU C 605 -2.10 1.35 -42.42
C LEU C 605 -2.27 2.85 -42.21
N ARG C 606 -3.50 3.32 -42.31
CA ARG C 606 -3.80 4.73 -42.14
C ARG C 606 -4.28 5.03 -40.72
N VAL C 607 -3.66 6.01 -40.07
CA VAL C 607 -4.04 6.42 -38.72
C VAL C 607 -4.34 7.90 -38.70
N GLU C 608 -5.55 8.27 -38.29
CA GLU C 608 -5.96 9.67 -38.12
C GLU C 608 -5.92 10.04 -36.65
N ASP C 609 -5.12 11.06 -36.31
CA ASP C 609 -4.93 11.44 -34.92
C ASP C 609 -5.01 12.95 -34.78
N ARG C 610 -5.19 13.41 -33.54
CA ARG C 610 -5.30 14.83 -33.22
C ARG C 610 -4.00 15.33 -32.60
N GLN C 611 -3.36 16.28 -33.29
CA GLN C 611 -2.01 16.70 -32.92
C GLN C 611 -2.00 17.58 -31.68
N ASP C 612 -3.15 18.16 -31.32
CA ASP C 612 -3.28 19.03 -30.14
C ASP C 612 -2.83 18.39 -28.83
N GLU D 1 -15.71 -0.43 -37.64
CA GLU D 1 -14.65 -1.17 -38.33
C GLU D 1 -14.78 -1.01 -39.83
N SER D 2 -15.92 -1.45 -40.36
CA SER D 2 -16.20 -1.33 -41.79
C SER D 2 -16.32 0.13 -42.22
N TRP D 3 -16.91 0.97 -41.37
CA TRP D 3 -16.99 2.40 -41.70
C TRP D 3 -15.61 3.04 -41.65
N ALA D 4 -14.81 2.67 -40.66
CA ALA D 4 -13.43 3.15 -40.57
C ALA D 4 -12.60 2.66 -41.74
N GLN D 5 -12.90 1.46 -42.24
CA GLN D 5 -12.28 0.96 -43.46
C GLN D 5 -12.63 1.84 -44.66
N SER D 6 -13.91 2.21 -44.78
CA SER D 6 -14.38 2.98 -45.94
C SER D 6 -13.81 4.39 -45.96
N ARG D 7 -13.71 5.03 -44.80
CA ARG D 7 -13.18 6.40 -44.72
C ARG D 7 -11.75 6.47 -45.23
N ASP D 8 -10.95 5.48 -44.84
CA ASP D 8 -9.56 5.44 -45.24
C ASP D 8 -9.44 5.22 -46.73
N GLU D 9 -10.24 4.30 -47.27
CA GLU D 9 -10.27 4.05 -48.71
C GLU D 9 -10.73 5.28 -49.47
N GLN D 10 -11.72 5.99 -48.93
CA GLN D 10 -12.16 7.26 -49.53
C GLN D 10 -11.07 8.31 -49.44
N ASN D 11 -10.30 8.31 -48.36
CA ASN D 11 -9.17 9.23 -48.23
C ASN D 11 -8.02 8.81 -49.14
N LEU D 12 -7.82 7.51 -49.35
CA LEU D 12 -6.86 7.09 -50.35
C LEU D 12 -7.40 7.26 -51.76
N LEU D 13 -8.72 7.15 -51.94
CA LEU D 13 -9.31 7.49 -53.24
C LEU D 13 -9.08 8.95 -53.59
N GLN D 14 -9.13 9.84 -52.59
CA GLN D 14 -9.02 11.26 -52.85
C GLN D 14 -7.62 11.63 -53.32
N GLN D 15 -6.59 10.96 -52.78
CA GLN D 15 -5.22 11.21 -53.18
C GLN D 15 -4.97 10.76 -54.62
N LYS D 16 -5.68 9.73 -55.08
CA LYS D 16 -5.61 9.37 -56.50
C LYS D 16 -6.26 10.43 -57.38
N ARG D 17 -7.43 10.93 -56.96
CA ARG D 17 -8.17 11.89 -57.78
C ARG D 17 -7.41 13.19 -57.93
N ILE D 18 -6.58 13.54 -56.94
CA ILE D 18 -5.71 14.70 -57.08
C ILE D 18 -4.64 14.45 -58.14
N TRP D 19 -4.09 13.25 -58.18
CA TRP D 19 -2.98 12.95 -59.09
C TRP D 19 -3.42 12.86 -60.55
N GLU D 20 -4.66 12.41 -60.78
CA GLU D 20 -5.14 12.23 -62.15
C GLU D 20 -5.28 13.55 -62.87
N SER D 21 -5.91 14.54 -62.23
CA SER D 21 -6.07 15.84 -62.85
C SER D 21 -4.82 16.67 -62.60
N PRO D 22 -4.11 17.12 -63.64
CA PRO D 22 -2.95 17.99 -63.42
C PRO D 22 -3.33 19.32 -62.78
N LEU D 23 -4.55 19.80 -63.04
CA LEU D 23 -5.02 21.03 -62.41
C LEU D 23 -5.23 20.83 -60.92
N LEU D 24 -5.86 19.70 -60.54
CA LEU D 24 -6.00 19.37 -59.13
C LEU D 24 -4.66 19.06 -58.48
N LEU D 25 -3.72 18.51 -59.25
CA LEU D 25 -2.37 18.32 -58.73
C LEU D 25 -1.68 19.65 -58.49
N ALA D 26 -1.89 20.61 -59.39
CA ALA D 26 -1.30 21.94 -59.23
C ALA D 26 -1.89 22.66 -58.03
N ALA D 27 -3.16 22.40 -57.73
CA ALA D 27 -3.80 22.96 -56.55
C ALA D 27 -3.19 22.42 -55.28
N LYS D 28 -2.72 21.17 -55.30
CA LYS D 28 -2.13 20.55 -54.12
C LYS D 28 -0.82 21.20 -53.72
N ASP D 29 -0.10 21.80 -54.66
CA ASP D 29 1.15 22.49 -54.33
C ASP D 29 1.18 23.93 -54.84
N HIS D 47 -13.86 22.48 -63.20
CA HIS D 47 -15.18 21.98 -62.88
C HIS D 47 -15.13 20.52 -62.44
N GLN D 48 -13.94 19.94 -62.52
CA GLN D 48 -13.75 18.54 -62.14
C GLN D 48 -13.86 18.37 -60.63
N ARG D 49 -14.39 17.23 -60.21
CA ARG D 49 -14.54 16.94 -58.80
C ARG D 49 -13.89 15.61 -58.45
N GLY D 50 -13.40 15.51 -57.22
CA GLY D 50 -12.71 14.33 -56.76
C GLY D 50 -13.64 13.31 -56.11
N ALA D 51 -13.03 12.40 -55.36
CA ALA D 51 -13.78 11.34 -54.69
C ALA D 51 -14.66 11.91 -53.57
N MET D 52 -14.16 12.91 -52.86
CA MET D 52 -14.91 13.58 -51.81
C MET D 52 -15.86 14.65 -52.34
N GLY D 53 -15.97 14.80 -53.65
CA GLY D 53 -16.74 15.91 -54.18
C GLY D 53 -16.02 17.23 -54.14
N GLU D 54 -14.75 17.24 -53.76
CA GLU D 54 -14.00 18.47 -53.60
C GLU D 54 -13.69 19.08 -54.95
N THR D 55 -13.18 20.31 -54.92
CA THR D 55 -12.75 20.99 -56.13
C THR D 55 -11.30 21.40 -55.94
N ALA D 56 -10.76 22.12 -56.92
CA ALA D 56 -9.39 22.61 -56.82
C ALA D 56 -9.28 23.70 -55.75
N LEU D 57 -10.33 24.48 -55.57
CA LEU D 57 -10.36 25.50 -54.53
C LEU D 57 -10.34 24.86 -53.15
N HIS D 58 -11.03 23.71 -53.01
CA HIS D 58 -11.05 22.98 -51.74
C HIS D 58 -9.67 22.45 -51.39
N ILE D 59 -8.97 21.87 -52.38
CA ILE D 59 -7.66 21.28 -52.16
C ILE D 59 -6.62 22.36 -51.89
N ALA D 60 -6.73 23.50 -52.57
CA ALA D 60 -5.83 24.61 -52.29
C ALA D 60 -6.06 25.17 -50.90
N ALA D 61 -7.32 25.27 -50.48
CA ALA D 61 -7.64 25.67 -49.11
C ALA D 61 -7.17 24.61 -48.12
N LEU D 62 -7.20 23.34 -48.52
CA LEU D 62 -6.88 22.24 -47.62
C LEU D 62 -5.40 22.27 -47.23
N TYR D 63 -4.53 22.44 -48.20
CA TYR D 63 -3.09 22.47 -47.98
C TYR D 63 -2.56 23.88 -47.78
N ASP D 64 -3.46 24.85 -47.60
CA ASP D 64 -3.15 26.29 -47.48
C ASP D 64 -2.38 26.82 -48.69
N ASN D 65 -2.90 26.53 -49.89
CA ASN D 65 -2.31 27.04 -51.14
C ASN D 65 -3.07 28.30 -51.54
N LEU D 66 -2.56 29.43 -51.09
CA LEU D 66 -3.23 30.71 -51.33
C LEU D 66 -3.20 31.08 -52.81
N GLU D 67 -2.03 30.95 -53.44
CA GLU D 67 -1.87 31.41 -54.82
C GLU D 67 -2.63 30.52 -55.79
N ALA D 68 -2.75 29.22 -55.48
CA ALA D 68 -3.57 28.33 -56.30
C ALA D 68 -5.05 28.65 -56.13
N ALA D 69 -5.45 29.02 -54.92
CA ALA D 69 -6.84 29.36 -54.64
C ALA D 69 -7.25 30.63 -55.37
N MET D 70 -6.36 31.63 -55.40
CA MET D 70 -6.67 32.90 -56.05
C MET D 70 -6.83 32.74 -57.56
N VAL D 71 -5.92 31.99 -58.18
CA VAL D 71 -5.98 31.77 -59.63
C VAL D 71 -7.21 30.97 -60.00
N LEU D 72 -7.59 29.99 -59.17
CA LEU D 72 -8.80 29.22 -59.43
C LEU D 72 -10.06 30.05 -59.19
N MET D 73 -10.05 30.93 -58.19
CA MET D 73 -11.27 31.71 -57.96
C MET D 73 -11.41 32.84 -58.96
N GLU D 74 -10.31 33.27 -59.60
CA GLU D 74 -10.42 34.21 -60.72
C GLU D 74 -11.13 33.56 -61.90
N ALA D 75 -10.79 32.31 -62.20
CA ALA D 75 -11.39 31.62 -63.34
C ALA D 75 -12.83 31.24 -63.03
N ALA D 76 -13.02 30.40 -62.02
CA ALA D 76 -14.32 30.12 -61.43
C ALA D 76 -14.60 30.90 -60.16
N PRO D 77 -15.38 31.98 -60.18
CA PRO D 77 -15.91 32.54 -58.92
C PRO D 77 -17.17 31.84 -58.43
N GLU D 78 -17.75 30.96 -59.26
CA GLU D 78 -18.83 30.09 -58.82
C GLU D 78 -18.32 28.94 -57.97
N LEU D 79 -17.00 28.71 -58.00
CA LEU D 79 -16.42 27.59 -57.27
C LEU D 79 -16.46 27.82 -55.77
N VAL D 80 -16.49 29.10 -55.36
CA VAL D 80 -16.60 29.47 -53.94
C VAL D 80 -17.93 29.00 -53.36
N PHE D 81 -18.99 29.13 -54.14
CA PHE D 81 -20.32 28.74 -53.67
C PHE D 81 -20.47 27.23 -53.55
N GLU D 82 -19.68 26.47 -54.33
CA GLU D 82 -19.93 25.05 -54.49
C GLU D 82 -19.55 24.26 -53.24
N PRO D 83 -20.43 23.39 -52.75
CA PRO D 83 -20.09 22.55 -51.61
C PRO D 83 -19.51 21.22 -52.02
N MET D 84 -18.78 20.56 -51.12
CA MET D 84 -18.43 19.16 -51.32
C MET D 84 -19.68 18.30 -51.38
N THR D 85 -19.65 17.27 -52.22
CA THR D 85 -20.82 16.44 -52.47
C THR D 85 -20.74 15.06 -51.82
N SER D 86 -19.70 14.76 -51.05
CA SER D 86 -19.59 13.43 -50.45
C SER D 86 -20.55 13.28 -49.29
N GLU D 87 -20.74 12.03 -48.86
CA GLU D 87 -21.46 11.80 -47.60
C GLU D 87 -20.60 12.19 -46.41
N LEU D 88 -19.28 12.05 -46.54
CA LEU D 88 -18.40 12.28 -45.42
C LEU D 88 -18.24 13.78 -45.13
N TYR D 89 -18.24 14.61 -46.16
CA TYR D 89 -18.03 16.03 -46.01
C TYR D 89 -19.16 16.87 -46.61
N GLU D 90 -20.41 16.40 -46.46
CA GLU D 90 -21.56 17.02 -47.11
C GLU D 90 -21.80 18.46 -46.68
N GLY D 91 -21.96 19.34 -47.65
CA GLY D 91 -22.26 20.72 -47.39
C GLY D 91 -21.06 21.59 -47.15
N GLN D 92 -19.87 21.01 -47.05
CA GLN D 92 -18.70 21.79 -46.72
C GLN D 92 -18.23 22.56 -47.94
N THR D 93 -17.95 23.85 -47.74
CA THR D 93 -17.40 24.70 -48.77
C THR D 93 -15.95 25.01 -48.43
N ALA D 94 -15.30 25.75 -49.33
CA ALA D 94 -13.91 26.15 -49.12
C ALA D 94 -13.77 27.09 -47.93
N LEU D 95 -14.84 27.82 -47.59
CA LEU D 95 -14.78 28.73 -46.47
C LEU D 95 -14.62 27.98 -45.16
N HIS D 96 -15.28 26.82 -45.02
CA HIS D 96 -15.07 25.96 -43.86
C HIS D 96 -13.62 25.51 -43.74
N ILE D 97 -13.00 25.16 -44.87
CA ILE D 97 -11.64 24.62 -44.86
C ILE D 97 -10.63 25.69 -44.50
N ALA D 98 -10.77 26.87 -45.08
CA ALA D 98 -9.85 27.96 -44.83
C ALA D 98 -9.99 28.48 -43.40
N VAL D 99 -11.20 28.39 -42.84
CA VAL D 99 -11.43 28.78 -41.45
C VAL D 99 -10.68 27.89 -40.48
N VAL D 100 -10.81 26.56 -40.61
CA VAL D 100 -10.17 25.66 -39.66
C VAL D 100 -8.66 25.62 -39.87
N ASN D 101 -8.19 25.88 -41.09
CA ASN D 101 -6.77 25.93 -41.36
C ASN D 101 -6.17 27.28 -41.02
N GLN D 102 -7.02 28.27 -40.71
CA GLN D 102 -6.65 29.57 -40.17
C GLN D 102 -5.81 30.37 -41.15
N ASN D 103 -6.10 30.22 -42.44
CA ASN D 103 -5.50 31.05 -43.47
C ASN D 103 -6.33 32.32 -43.53
N MET D 104 -5.82 33.38 -42.90
CA MET D 104 -6.57 34.63 -42.81
C MET D 104 -6.77 35.26 -44.17
N ASN D 105 -5.71 35.32 -44.97
CA ASN D 105 -5.76 36.01 -46.26
C ASN D 105 -6.66 35.29 -47.26
N LEU D 106 -6.77 33.97 -47.14
CA LEU D 106 -7.73 33.25 -47.95
C LEU D 106 -9.16 33.51 -47.48
N VAL D 107 -9.37 33.62 -46.17
CA VAL D 107 -10.71 33.88 -45.64
C VAL D 107 -11.21 35.25 -46.08
N ARG D 108 -10.32 36.25 -46.05
CA ARG D 108 -10.63 37.57 -46.60
C ARG D 108 -10.96 37.48 -48.09
N ALA D 109 -10.15 36.74 -48.83
CA ALA D 109 -10.36 36.60 -50.27
C ALA D 109 -11.64 35.82 -50.58
N LEU D 110 -11.98 34.84 -49.74
CA LEU D 110 -13.22 34.09 -49.97
C LEU D 110 -14.44 34.93 -49.66
N LEU D 111 -14.40 35.74 -48.60
CA LEU D 111 -15.51 36.64 -48.31
C LEU D 111 -15.67 37.72 -49.36
N ALA D 112 -14.56 38.15 -49.97
CA ALA D 112 -14.61 39.15 -51.03
C ALA D 112 -15.34 38.62 -52.25
N ARG D 113 -15.34 37.30 -52.46
CA ARG D 113 -16.06 36.67 -53.55
C ARG D 113 -17.45 36.20 -53.12
N ARG D 114 -18.01 36.82 -52.09
CA ARG D 114 -19.39 36.59 -51.62
C ARG D 114 -19.62 35.16 -51.15
N ALA D 115 -18.72 34.65 -50.31
CA ALA D 115 -18.90 33.33 -49.73
C ALA D 115 -20.06 33.33 -48.73
N SER D 116 -20.81 32.23 -48.73
CA SER D 116 -21.86 32.06 -47.73
C SER D 116 -21.25 31.83 -46.36
N VAL D 117 -21.56 32.71 -45.41
CA VAL D 117 -21.17 32.51 -44.02
C VAL D 117 -22.18 31.67 -43.26
N SER D 118 -23.30 31.31 -43.89
CA SER D 118 -24.37 30.58 -43.24
C SER D 118 -24.51 29.16 -43.77
N ALA D 119 -23.53 28.67 -44.52
CA ALA D 119 -23.60 27.32 -45.07
C ALA D 119 -23.46 26.27 -43.97
N ARG D 120 -24.19 25.17 -44.11
CA ARG D 120 -24.22 24.14 -43.10
C ARG D 120 -23.51 22.89 -43.63
N ALA D 121 -22.52 22.42 -42.88
CA ALA D 121 -21.79 21.21 -43.23
C ALA D 121 -22.43 20.02 -42.54
N THR D 122 -23.29 19.31 -43.26
CA THR D 122 -24.04 18.20 -42.70
C THR D 122 -23.32 16.86 -42.89
N GLY D 123 -22.01 16.90 -43.08
CA GLY D 123 -21.27 15.68 -43.30
C GLY D 123 -21.14 14.84 -42.05
N THR D 124 -20.93 13.53 -42.26
CA THR D 124 -20.80 12.61 -41.14
C THR D 124 -19.52 12.83 -40.35
N ALA D 125 -18.47 13.33 -41.01
CA ALA D 125 -17.22 13.63 -40.32
C ALA D 125 -17.39 14.79 -39.35
N PHE D 126 -18.36 15.66 -39.61
CA PHE D 126 -18.57 16.80 -38.74
C PHE D 126 -19.50 16.48 -37.58
N ARG D 127 -20.35 15.47 -37.71
CA ARG D 127 -21.36 15.19 -36.70
C ARG D 127 -20.72 14.68 -35.41
N ARG D 128 -21.38 14.94 -34.30
CA ARG D 128 -20.85 14.57 -32.99
C ARG D 128 -20.98 13.06 -32.84
N SER D 129 -19.85 12.37 -32.80
CA SER D 129 -19.81 10.93 -32.72
C SER D 129 -18.45 10.53 -32.17
N PRO D 130 -18.35 9.40 -31.46
CA PRO D 130 -17.04 8.98 -30.95
C PRO D 130 -16.07 8.58 -32.04
N CYS D 131 -16.55 8.30 -33.25
CA CYS D 131 -15.67 7.99 -34.36
C CYS D 131 -14.93 9.22 -34.86
N ASN D 132 -15.55 10.39 -34.74
CA ASN D 132 -14.96 11.65 -35.20
C ASN D 132 -14.25 12.30 -34.04
N LEU D 133 -13.01 12.71 -34.25
CA LEU D 133 -12.22 13.29 -33.15
C LEU D 133 -12.62 14.73 -32.87
N ILE D 134 -13.09 15.46 -33.88
CA ILE D 134 -13.52 16.84 -33.72
C ILE D 134 -15.02 16.92 -33.81
N TYR D 135 -15.62 17.77 -32.97
CA TYR D 135 -16.97 18.27 -33.18
C TYR D 135 -16.88 19.77 -33.23
N PHE D 136 -17.07 20.34 -34.42
CA PHE D 136 -16.97 21.77 -34.61
C PHE D 136 -18.31 22.41 -34.97
N GLY D 137 -19.38 21.64 -35.04
CA GLY D 137 -20.63 22.21 -35.51
C GLY D 137 -20.78 22.12 -37.02
N GLU D 138 -21.54 23.05 -37.57
CA GLU D 138 -21.85 23.06 -39.00
C GLU D 138 -21.58 24.37 -39.71
N HIS D 139 -21.35 25.46 -38.98
CA HIS D 139 -21.28 26.80 -39.52
C HIS D 139 -19.86 27.33 -39.37
N PRO D 140 -19.43 28.24 -40.25
CA PRO D 140 -18.05 28.76 -40.17
C PRO D 140 -17.74 29.53 -38.88
N LEU D 141 -18.74 30.18 -38.28
CA LEU D 141 -18.58 30.74 -36.94
C LEU D 141 -18.22 29.68 -35.94
N SER D 142 -18.92 28.55 -35.98
CA SER D 142 -18.67 27.49 -35.02
C SER D 142 -17.33 26.83 -35.28
N PHE D 143 -16.89 26.78 -36.54
CA PHE D 143 -15.57 26.22 -36.83
C PHE D 143 -14.48 27.18 -36.36
N ALA D 144 -14.69 28.48 -36.54
CA ALA D 144 -13.66 29.46 -36.23
C ALA D 144 -13.44 29.60 -34.74
N ALA D 145 -14.52 29.59 -33.97
CA ALA D 145 -14.40 29.70 -32.52
C ALA D 145 -13.75 28.46 -31.93
N CYS D 146 -13.99 27.30 -32.53
CA CYS D 146 -13.42 26.05 -31.98
C CYS D 146 -11.93 25.94 -32.25
N VAL D 147 -11.46 26.47 -33.38
CA VAL D 147 -10.02 26.43 -33.66
C VAL D 147 -9.33 27.63 -33.03
N ASN D 148 -10.11 28.43 -32.29
CA ASN D 148 -9.67 29.60 -31.51
C ASN D 148 -9.06 30.68 -32.40
N SER D 149 -9.83 31.15 -33.36
CA SER D 149 -9.45 32.34 -34.11
C SER D 149 -10.43 33.45 -33.77
N GLU D 150 -9.98 34.42 -32.97
CA GLU D 150 -10.83 35.54 -32.63
C GLU D 150 -11.10 36.42 -33.85
N GLU D 151 -10.08 36.58 -34.69
CA GLU D 151 -10.15 37.55 -35.78
C GLU D 151 -11.17 37.14 -36.84
N ILE D 152 -11.18 35.84 -37.20
CA ILE D 152 -12.16 35.33 -38.15
C ILE D 152 -13.58 35.47 -37.60
N VAL D 153 -13.75 35.22 -36.30
CA VAL D 153 -15.03 35.48 -35.64
C VAL D 153 -15.36 36.97 -35.68
N ARG D 154 -14.36 37.81 -35.44
CA ARG D 154 -14.55 39.24 -35.65
C ARG D 154 -14.72 39.60 -37.12
N LEU D 155 -14.32 38.74 -38.05
CA LEU D 155 -14.48 39.02 -39.47
C LEU D 155 -15.76 38.43 -40.03
N LEU D 156 -16.15 37.24 -39.59
CA LEU D 156 -17.33 36.59 -40.16
C LEU D 156 -18.63 37.26 -39.75
N ILE D 157 -18.69 37.77 -38.52
CA ILE D 157 -19.87 38.49 -38.05
C ILE D 157 -20.03 39.79 -38.83
N GLU D 158 -18.92 40.41 -39.22
CA GLU D 158 -18.94 41.56 -40.13
C GLU D 158 -19.51 41.26 -41.50
N HIS D 159 -19.70 39.99 -41.86
CA HIS D 159 -20.26 39.63 -43.15
C HIS D 159 -21.61 38.93 -43.04
N GLY D 160 -22.28 39.04 -41.89
CA GLY D 160 -23.64 38.59 -41.77
C GLY D 160 -23.81 37.25 -41.09
N ALA D 161 -22.77 36.71 -40.47
CA ALA D 161 -22.87 35.41 -39.81
C ALA D 161 -23.73 35.51 -38.56
N ASP D 162 -24.62 34.54 -38.41
CA ASP D 162 -25.59 34.54 -37.32
C ASP D 162 -25.05 33.69 -36.18
N ILE D 163 -24.96 34.30 -34.99
CA ILE D 163 -24.47 33.59 -33.83
C ILE D 163 -25.53 32.61 -33.33
N ARG D 164 -26.81 32.88 -33.59
CA ARG D 164 -27.91 32.05 -33.11
C ARG D 164 -28.14 30.81 -33.96
N ALA D 165 -27.18 30.43 -34.80
CA ALA D 165 -27.31 29.25 -35.65
C ALA D 165 -27.31 27.98 -34.81
N GLN D 166 -28.17 27.04 -35.18
CA GLN D 166 -28.37 25.79 -34.46
C GLN D 166 -28.06 24.63 -35.38
N ASP D 167 -27.61 23.52 -34.82
CA ASP D 167 -27.19 22.36 -35.60
C ASP D 167 -28.33 21.34 -35.73
N SER D 168 -27.99 20.19 -36.31
CA SER D 168 -28.89 19.05 -36.25
C SER D 168 -29.03 18.54 -34.83
N LEU D 169 -27.98 18.67 -34.02
CA LEU D 169 -28.11 18.43 -32.59
C LEU D 169 -28.81 19.59 -31.87
N GLY D 170 -28.94 20.74 -32.52
CA GLY D 170 -29.55 21.89 -31.91
C GLY D 170 -28.60 22.79 -31.19
N ASN D 171 -27.32 22.44 -31.16
CA ASN D 171 -26.33 23.23 -30.46
C ASN D 171 -26.07 24.55 -31.15
N THR D 172 -26.00 25.61 -30.37
CA THR D 172 -25.47 26.84 -30.90
C THR D 172 -23.98 26.84 -30.62
N VAL D 173 -23.29 27.91 -31.03
CA VAL D 173 -21.85 28.03 -30.85
C VAL D 173 -21.50 28.09 -29.37
N LEU D 174 -22.44 28.55 -28.55
CA LEU D 174 -22.25 28.57 -27.10
C LEU D 174 -22.18 27.15 -26.56
N HIS D 175 -23.06 26.28 -27.05
CA HIS D 175 -23.05 24.88 -26.68
C HIS D 175 -21.81 24.17 -27.18
N ILE D 176 -21.34 24.54 -28.38
CA ILE D 176 -20.26 23.80 -29.01
C ILE D 176 -18.95 24.06 -28.29
N LEU D 177 -18.73 25.29 -27.82
CA LEU D 177 -17.48 25.65 -27.13
C LEU D 177 -17.33 24.90 -25.82
N ILE D 178 -18.45 24.57 -25.17
CA ILE D 178 -18.44 23.76 -23.96
C ILE D 178 -17.98 22.35 -24.28
N LEU D 179 -18.18 21.89 -25.51
CA LEU D 179 -17.85 20.54 -25.91
C LEU D 179 -16.45 20.44 -26.49
N GLN D 180 -15.54 21.30 -26.07
CA GLN D 180 -14.21 21.36 -26.66
C GLN D 180 -13.15 21.01 -25.63
N PRO D 181 -12.11 20.27 -26.03
CA PRO D 181 -11.16 19.73 -25.05
C PRO D 181 -10.26 20.76 -24.40
N ASN D 182 -10.04 21.91 -25.02
CA ASN D 182 -9.21 22.96 -24.42
C ASN D 182 -10.14 23.97 -23.79
N LYS D 183 -10.39 23.75 -22.49
CA LYS D 183 -11.44 24.44 -21.75
C LYS D 183 -11.10 25.91 -21.50
N THR D 184 -9.81 26.24 -21.44
CA THR D 184 -9.42 27.63 -21.21
C THR D 184 -9.71 28.51 -22.41
N PHE D 185 -9.39 28.04 -23.62
CA PHE D 185 -9.73 28.79 -24.83
C PHE D 185 -11.23 28.84 -25.05
N ALA D 186 -11.93 27.82 -24.56
CA ALA D 186 -13.38 27.78 -24.61
C ALA D 186 -13.99 28.94 -23.83
N CYS D 187 -13.33 29.37 -22.76
CA CYS D 187 -13.86 30.43 -21.93
C CYS D 187 -13.84 31.76 -22.66
N GLN D 188 -12.71 32.09 -23.30
CA GLN D 188 -12.57 33.37 -23.97
C GLN D 188 -13.52 33.49 -25.17
N MET D 189 -13.66 32.42 -25.94
CA MET D 189 -14.54 32.47 -27.10
C MET D 189 -16.01 32.49 -26.68
N TYR D 190 -16.32 31.90 -25.52
CA TYR D 190 -17.64 32.07 -24.96
C TYR D 190 -17.88 33.53 -24.61
N ASN D 191 -16.85 34.20 -24.10
CA ASN D 191 -16.95 35.62 -23.77
C ASN D 191 -17.14 36.47 -25.02
N LEU D 192 -16.41 36.15 -26.09
CA LEU D 192 -16.40 36.99 -27.28
C LEU D 192 -17.73 36.94 -28.02
N LEU D 193 -18.26 35.73 -28.23
CA LEU D 193 -19.50 35.58 -28.99
C LEU D 193 -20.69 36.11 -28.21
N LEU D 194 -20.68 35.96 -26.88
CA LEU D 194 -21.80 36.43 -26.07
C LEU D 194 -21.84 37.95 -26.04
N SER D 195 -20.66 38.59 -26.08
CA SER D 195 -20.57 40.04 -26.19
C SER D 195 -21.00 40.57 -27.55
N TYR D 196 -21.19 39.70 -28.54
CA TYR D 196 -21.60 40.13 -29.87
C TYR D 196 -23.09 39.94 -30.14
N ASP D 197 -23.86 39.44 -29.17
CA ASP D 197 -25.29 39.27 -29.38
C ASP D 197 -25.98 40.63 -29.51
N ARG D 198 -26.03 41.39 -28.42
CA ARG D 198 -26.60 42.75 -28.36
C ARG D 198 -28.04 42.80 -28.83
N HIS D 199 -28.84 41.80 -28.45
CA HIS D 199 -30.26 41.76 -28.81
C HIS D 199 -31.10 41.58 -27.56
N GLY D 200 -32.16 42.38 -27.44
CA GLY D 200 -33.16 42.18 -26.41
C GLY D 200 -34.48 41.74 -27.01
N ASP D 201 -34.62 41.93 -28.32
CA ASP D 201 -35.87 41.61 -29.00
C ASP D 201 -36.14 40.11 -29.05
N HIS D 202 -35.07 39.31 -29.15
CA HIS D 202 -35.24 37.86 -29.15
C HIS D 202 -35.72 37.37 -27.80
N LEU D 203 -36.63 36.38 -27.84
CA LEU D 203 -37.31 35.93 -26.62
C LEU D 203 -36.33 35.21 -25.70
N GLN D 204 -35.35 34.52 -26.27
CA GLN D 204 -34.27 33.93 -25.49
C GLN D 204 -32.95 34.58 -25.89
N PRO D 205 -32.20 35.12 -24.94
CA PRO D 205 -30.78 35.41 -25.19
C PRO D 205 -29.99 34.12 -25.38
N LEU D 206 -28.77 34.29 -25.88
CA LEU D 206 -27.95 33.17 -26.35
C LEU D 206 -27.52 32.24 -25.23
N ASP D 207 -27.29 32.78 -24.03
CA ASP D 207 -27.01 31.92 -22.88
C ASP D 207 -28.25 31.13 -22.47
N LEU D 208 -29.43 31.62 -22.83
CA LEU D 208 -30.68 30.97 -22.47
C LEU D 208 -31.28 30.10 -23.58
N VAL D 209 -30.67 30.07 -24.76
CA VAL D 209 -31.23 29.25 -25.85
C VAL D 209 -30.98 27.79 -25.54
N PRO D 210 -32.02 26.96 -25.42
CA PRO D 210 -31.79 25.53 -25.21
C PRO D 210 -31.48 24.85 -26.53
N ASN D 211 -30.76 23.73 -26.43
CA ASN D 211 -30.65 22.87 -27.59
C ASN D 211 -31.87 21.94 -27.67
N HIS D 212 -31.80 20.94 -28.55
CA HIS D 212 -32.91 20.04 -28.73
C HIS D 212 -33.13 19.15 -27.51
N GLN D 213 -32.05 18.83 -26.78
CA GLN D 213 -32.19 18.09 -25.53
C GLN D 213 -32.78 18.93 -24.40
N GLY D 214 -32.87 20.23 -24.57
CA GLY D 214 -33.41 21.09 -23.54
C GLY D 214 -32.38 21.68 -22.61
N LEU D 215 -31.09 21.48 -22.89
CA LEU D 215 -30.01 21.91 -22.03
C LEU D 215 -29.58 23.29 -22.49
N THR D 216 -29.42 24.21 -21.55
CA THR D 216 -28.83 25.52 -21.81
C THR D 216 -27.30 25.36 -21.80
N PRO D 217 -26.52 26.38 -22.16
CA PRO D 217 -25.07 26.30 -21.92
C PRO D 217 -24.68 26.08 -20.46
N PHE D 218 -25.43 26.62 -19.51
CA PHE D 218 -25.14 26.36 -18.11
C PHE D 218 -25.42 24.90 -17.75
N LYS D 219 -26.53 24.36 -18.24
CA LYS D 219 -26.85 22.97 -17.97
C LYS D 219 -25.91 22.04 -18.70
N LEU D 220 -25.46 22.43 -19.90
CA LEU D 220 -24.57 21.57 -20.68
C LEU D 220 -23.21 21.43 -20.03
N ALA D 221 -22.71 22.51 -19.42
CA ALA D 221 -21.43 22.44 -18.72
C ALA D 221 -21.51 21.52 -17.52
N GLY D 222 -22.67 21.49 -16.86
CA GLY D 222 -22.86 20.55 -15.77
C GLY D 222 -22.87 19.10 -16.22
N VAL D 223 -23.63 18.80 -17.29
CA VAL D 223 -23.79 17.44 -17.76
C VAL D 223 -22.47 16.89 -18.30
N GLU D 224 -21.70 17.72 -18.98
CA GLU D 224 -20.43 17.28 -19.54
C GLU D 224 -19.30 17.32 -18.54
N GLY D 225 -19.53 17.83 -17.33
CA GLY D 225 -18.47 18.00 -16.37
C GLY D 225 -17.40 18.99 -16.80
N ASN D 226 -17.81 20.06 -17.45
CA ASN D 226 -16.90 21.13 -17.85
C ASN D 226 -16.84 22.09 -16.67
N THR D 227 -15.84 21.89 -15.81
CA THR D 227 -15.82 22.55 -14.51
C THR D 227 -15.57 24.04 -14.63
N VAL D 228 -14.62 24.46 -15.47
CA VAL D 228 -14.32 25.89 -15.54
C VAL D 228 -15.41 26.64 -16.31
N MET D 229 -16.11 25.95 -17.22
CA MET D 229 -17.26 26.58 -17.84
C MET D 229 -18.45 26.59 -16.91
N PHE D 230 -18.49 25.67 -15.95
CA PHE D 230 -19.48 25.77 -14.89
C PHE D 230 -19.20 26.99 -14.01
N GLN D 231 -17.92 27.22 -13.68
CA GLN D 231 -17.56 28.31 -12.79
C GLN D 231 -17.76 29.68 -13.42
N HIS D 232 -17.38 29.83 -14.69
CA HIS D 232 -17.58 31.11 -15.36
C HIS D 232 -19.06 31.43 -15.56
N LEU D 233 -19.86 30.41 -15.86
CA LEU D 233 -21.30 30.67 -15.99
C LEU D 233 -21.94 30.92 -14.64
N MET D 234 -21.31 30.46 -13.56
CA MET D 234 -21.89 30.65 -12.24
C MET D 234 -21.72 32.08 -11.75
N GLN D 235 -20.63 32.75 -12.17
CA GLN D 235 -20.42 34.15 -11.82
C GLN D 235 -21.53 35.06 -12.32
N LYS D 236 -22.15 34.71 -13.44
CA LYS D 236 -23.31 35.47 -13.89
C LYS D 236 -24.49 35.27 -12.95
N ARG D 237 -24.57 34.10 -12.31
CA ARG D 237 -25.64 33.79 -11.38
C ARG D 237 -25.27 34.02 -9.92
N LYS D 238 -24.25 34.83 -9.65
CA LYS D 238 -23.86 35.21 -8.30
C LYS D 238 -24.18 36.67 -8.06
N HIS D 239 -24.79 36.97 -6.92
CA HIS D 239 -24.95 38.33 -6.46
C HIS D 239 -24.33 38.43 -5.08
N THR D 240 -23.37 39.34 -4.91
CA THR D 240 -22.67 39.52 -3.64
C THR D 240 -23.37 40.57 -2.81
N GLN D 241 -23.92 40.15 -1.66
CA GLN D 241 -24.75 41.04 -0.87
C GLN D 241 -23.93 42.07 -0.12
N TRP D 242 -22.98 41.61 0.69
CA TRP D 242 -22.10 42.48 1.45
C TRP D 242 -20.78 41.77 1.68
N THR D 243 -19.77 42.56 2.04
CA THR D 243 -18.43 42.06 2.33
C THR D 243 -17.96 42.69 3.64
N TYR D 244 -17.61 41.84 4.62
CA TYR D 244 -17.33 42.30 5.97
C TYR D 244 -15.93 41.86 6.33
N GLY D 245 -14.95 42.64 5.88
CA GLY D 245 -13.56 42.25 5.97
C GLY D 245 -13.31 40.95 5.27
N PRO D 246 -12.94 39.93 6.04
CA PRO D 246 -12.78 38.59 5.46
C PRO D 246 -14.09 37.92 5.09
N LEU D 247 -15.17 38.22 5.79
CA LEU D 247 -16.45 37.62 5.44
C LEU D 247 -17.06 38.29 4.23
N THR D 248 -17.75 37.50 3.43
CA THR D 248 -18.58 38.00 2.34
C THR D 248 -19.80 37.11 2.24
N SER D 249 -20.90 37.71 1.80
CA SER D 249 -22.15 36.99 1.63
C SER D 249 -22.50 36.96 0.15
N THR D 250 -22.70 35.76 -0.38
CA THR D 250 -22.97 35.58 -1.79
C THR D 250 -24.32 34.88 -1.94
N LEU D 251 -25.15 35.39 -2.84
CA LEU D 251 -26.47 34.86 -3.09
C LEU D 251 -26.48 34.23 -4.48
N TYR D 252 -26.90 32.98 -4.57
CA TYR D 252 -26.83 32.21 -5.80
C TYR D 252 -28.22 32.05 -6.40
N ASP D 253 -28.29 32.09 -7.75
CA ASP D 253 -29.58 32.15 -8.42
C ASP D 253 -30.39 30.88 -8.21
N LEU D 254 -29.73 29.72 -8.32
CA LEU D 254 -30.25 28.40 -7.98
C LEU D 254 -31.44 28.01 -8.84
N THR D 255 -31.62 28.66 -10.00
CA THR D 255 -32.79 28.42 -10.84
C THR D 255 -32.67 27.10 -11.58
N GLU D 256 -31.54 26.86 -12.23
CA GLU D 256 -31.40 25.67 -13.04
C GLU D 256 -30.81 24.50 -12.27
N ILE D 257 -29.99 24.77 -11.25
CA ILE D 257 -29.46 23.68 -10.46
C ILE D 257 -30.49 23.08 -9.52
N ASP D 258 -31.64 23.72 -9.32
CA ASP D 258 -32.73 23.08 -8.60
C ASP D 258 -34.09 23.31 -9.27
N SER D 259 -34.17 23.23 -10.59
CA SER D 259 -35.47 23.31 -11.26
C SER D 259 -36.29 22.06 -10.96
N SER D 260 -37.44 22.25 -10.35
CA SER D 260 -38.25 21.12 -9.94
C SER D 260 -39.71 21.54 -9.89
N GLY D 261 -40.59 20.55 -10.03
CA GLY D 261 -42.01 20.78 -10.18
C GLY D 261 -42.47 20.95 -11.61
N ASP D 262 -41.56 21.35 -12.51
CA ASP D 262 -41.88 21.52 -13.92
C ASP D 262 -40.92 20.81 -14.86
N GLU D 263 -39.70 20.52 -14.44
CA GLU D 263 -38.67 20.02 -15.36
C GLU D 263 -37.60 19.32 -14.52
N GLN D 264 -36.73 18.58 -15.20
CA GLN D 264 -35.62 17.91 -14.55
C GLN D 264 -34.64 18.94 -14.00
N SER D 265 -34.04 18.64 -12.85
CA SER D 265 -33.04 19.54 -12.32
C SER D 265 -31.70 19.29 -12.99
N LEU D 266 -30.78 20.23 -12.81
CA LEU D 266 -29.39 19.99 -13.21
C LEU D 266 -28.78 18.88 -12.38
N LEU D 267 -29.20 18.77 -11.11
CA LEU D 267 -28.80 17.65 -10.29
C LEU D 267 -29.34 16.34 -10.84
N GLU D 268 -30.55 16.39 -11.39
CA GLU D 268 -31.15 15.18 -11.96
C GLU D 268 -30.46 14.77 -13.24
N LEU D 269 -30.03 15.74 -14.06
CA LEU D 269 -29.29 15.44 -15.29
C LEU D 269 -27.94 14.81 -15.00
N ILE D 270 -27.26 15.25 -13.95
CA ILE D 270 -25.94 14.72 -13.64
C ILE D 270 -26.03 13.27 -13.19
N ILE D 271 -27.07 12.93 -12.43
CA ILE D 271 -27.25 11.57 -11.95
C ILE D 271 -27.56 10.61 -13.10
N THR D 272 -28.49 11.01 -13.98
CA THR D 272 -28.90 10.11 -15.05
C THR D 272 -27.86 9.99 -16.15
N THR D 273 -26.95 10.95 -16.27
CA THR D 273 -25.96 10.85 -17.34
C THR D 273 -24.89 9.85 -16.96
N LYS D 274 -24.20 9.35 -17.98
CA LYS D 274 -23.23 8.27 -17.84
C LYS D 274 -21.80 8.77 -17.73
N LYS D 275 -21.61 10.03 -17.36
CA LYS D 275 -20.29 10.64 -17.34
C LYS D 275 -19.79 10.75 -15.91
N ARG D 276 -18.60 10.19 -15.66
CA ARG D 276 -18.01 10.31 -14.34
C ARG D 276 -17.47 11.71 -14.11
N GLU D 277 -17.19 12.45 -15.20
CA GLU D 277 -16.73 13.83 -15.08
C GLU D 277 -17.82 14.76 -14.58
N ALA D 278 -19.09 14.40 -14.80
CA ALA D 278 -20.19 15.25 -14.38
C ALA D 278 -20.30 15.35 -12.86
N ARG D 279 -19.83 14.33 -12.15
CA ARG D 279 -20.00 14.30 -10.70
C ARG D 279 -19.02 15.20 -9.97
N GLN D 280 -18.00 15.72 -10.65
CA GLN D 280 -17.19 16.78 -10.04
C GLN D 280 -17.98 18.07 -9.86
N ILE D 281 -19.00 18.29 -10.69
CA ILE D 281 -19.87 19.46 -10.57
C ILE D 281 -20.64 19.42 -9.25
N LEU D 282 -20.85 18.24 -8.68
CA LEU D 282 -21.40 18.11 -7.33
C LEU D 282 -20.50 18.69 -6.24
N ASP D 283 -19.23 18.99 -6.54
CA ASP D 283 -18.34 19.59 -5.56
C ASP D 283 -18.09 21.06 -5.80
N GLN D 284 -18.89 21.70 -6.63
CA GLN D 284 -18.84 23.13 -6.88
C GLN D 284 -19.78 23.83 -5.91
N THR D 285 -19.46 25.09 -5.60
CA THR D 285 -19.99 25.67 -4.36
C THR D 285 -21.50 25.86 -4.27
N PRO D 286 -22.25 26.43 -5.25
CA PRO D 286 -23.70 26.48 -5.03
C PRO D 286 -24.37 25.11 -5.01
N VAL D 287 -23.82 24.15 -5.77
CA VAL D 287 -24.36 22.80 -5.80
C VAL D 287 -24.16 22.11 -4.45
N LYS D 288 -22.97 22.26 -3.87
CA LYS D 288 -22.60 21.48 -2.69
C LYS D 288 -23.41 21.87 -1.46
N GLU D 289 -23.56 23.17 -1.21
CA GLU D 289 -24.36 23.58 -0.05
C GLU D 289 -25.84 23.38 -0.29
N LEU D 290 -26.27 23.38 -1.56
CA LEU D 290 -27.67 23.08 -1.85
C LEU D 290 -28.00 21.65 -1.49
N VAL D 291 -27.14 20.71 -1.88
CA VAL D 291 -27.39 19.30 -1.64
C VAL D 291 -27.32 19.00 -0.15
N SER D 292 -26.31 19.54 0.54
CA SER D 292 -26.16 19.33 1.97
C SER D 292 -27.30 19.94 2.76
N LEU D 293 -27.83 21.07 2.30
CA LEU D 293 -28.96 21.68 3.00
C LEU D 293 -30.23 20.84 2.83
N LYS D 294 -30.57 20.49 1.60
CA LYS D 294 -31.81 19.74 1.37
C LYS D 294 -31.73 18.33 1.93
N TRP D 295 -30.52 17.79 2.07
CA TRP D 295 -30.35 16.52 2.75
C TRP D 295 -30.62 16.64 4.25
N LYS D 296 -30.04 17.65 4.89
CA LYS D 296 -30.22 17.78 6.34
C LYS D 296 -31.61 18.28 6.70
N ARG D 297 -32.22 19.13 5.86
CA ARG D 297 -33.53 19.67 6.20
C ARG D 297 -34.63 18.63 6.08
N TYR D 298 -34.74 17.99 4.93
CA TYR D 298 -35.87 17.10 4.71
C TYR D 298 -35.41 15.76 4.17
N GLY D 299 -34.20 15.71 3.63
CA GLY D 299 -33.68 14.49 3.07
C GLY D 299 -33.45 13.38 4.07
N ARG D 300 -32.75 13.66 5.16
CA ARG D 300 -32.53 12.61 6.16
C ARG D 300 -33.78 12.19 6.91
N PRO D 301 -34.57 13.08 7.58
CA PRO D 301 -35.60 12.56 8.49
C PRO D 301 -36.72 11.80 7.80
N TYR D 302 -36.95 12.06 6.51
CA TYR D 302 -37.86 11.21 5.77
C TYR D 302 -37.23 9.86 5.45
N PHE D 303 -35.96 9.87 5.03
CA PHE D 303 -35.29 8.65 4.60
C PHE D 303 -35.08 7.69 5.76
N CYS D 304 -34.76 8.23 6.94
CA CYS D 304 -34.71 7.39 8.14
C CYS D 304 -36.10 6.95 8.57
N MET D 305 -37.12 7.78 8.34
CA MET D 305 -38.49 7.34 8.55
C MET D 305 -38.91 6.29 7.54
N LEU D 306 -38.53 6.49 6.26
CA LEU D 306 -38.79 5.47 5.24
C LEU D 306 -37.97 4.22 5.50
N GLY D 307 -36.84 4.36 6.21
CA GLY D 307 -36.07 3.18 6.58
C GLY D 307 -36.70 2.38 7.71
N ALA D 308 -37.22 3.07 8.72
CA ALA D 308 -37.77 2.39 9.88
C ALA D 308 -39.09 1.68 9.55
N ILE D 309 -39.88 2.28 8.66
CA ILE D 309 -41.10 1.64 8.18
C ILE D 309 -40.77 0.36 7.41
N TYR D 310 -39.72 0.41 6.59
CA TYR D 310 -39.34 -0.78 5.83
C TYR D 310 -38.76 -1.86 6.72
N LEU D 311 -38.09 -1.46 7.80
CA LEU D 311 -37.51 -2.43 8.72
C LEU D 311 -38.58 -3.18 9.48
N LEU D 312 -39.60 -2.47 9.98
CA LEU D 312 -40.72 -3.11 10.67
C LEU D 312 -41.54 -3.98 9.71
N TYR D 313 -41.56 -3.62 8.44
CA TYR D 313 -42.21 -4.44 7.43
C TYR D 313 -41.51 -5.77 7.23
N ILE D 314 -40.18 -5.74 7.13
CA ILE D 314 -39.40 -6.96 6.92
C ILE D 314 -39.40 -7.84 8.17
N ILE D 315 -39.44 -7.22 9.35
CA ILE D 315 -39.63 -8.00 10.57
C ILE D 315 -41.02 -8.63 10.59
N CYS D 316 -42.03 -7.93 10.10
CA CYS D 316 -43.36 -8.51 10.00
C CYS D 316 -43.42 -9.61 8.94
N PHE D 317 -42.66 -9.44 7.85
CA PHE D 317 -42.59 -10.50 6.86
C PHE D 317 -41.82 -11.71 7.39
N THR D 318 -40.82 -11.48 8.24
CA THR D 318 -40.06 -12.58 8.81
C THR D 318 -40.92 -13.43 9.72
N MET D 319 -41.67 -12.80 10.63
CA MET D 319 -42.50 -13.52 11.59
C MET D 319 -43.59 -14.34 10.92
N CYS D 320 -44.11 -13.87 9.79
CA CYS D 320 -45.07 -14.66 9.05
C CYS D 320 -44.42 -15.88 8.41
N CYS D 321 -43.14 -15.77 8.09
CA CYS D 321 -42.40 -16.91 7.55
C CYS D 321 -41.90 -17.84 8.65
N ILE D 322 -41.67 -17.33 9.85
CA ILE D 322 -41.29 -18.19 10.96
C ILE D 322 -42.46 -19.07 11.36
N TYR D 323 -43.68 -18.55 11.27
CA TYR D 323 -44.87 -19.20 11.75
C TYR D 323 -45.75 -19.70 10.60
N ARG D 324 -45.13 -20.07 9.49
CA ARG D 324 -45.87 -20.51 8.30
C ARG D 324 -46.59 -21.82 8.60
N PRO D 325 -47.76 -22.06 7.98
CA PRO D 325 -48.59 -23.23 8.34
C PRO D 325 -47.93 -24.53 7.93
N LEU D 326 -47.69 -25.41 8.91
CA LEU D 326 -47.06 -26.68 8.66
C LEU D 326 -47.72 -27.74 9.52
N LYS D 327 -47.87 -28.93 8.96
CA LYS D 327 -48.48 -30.07 9.63
C LYS D 327 -47.60 -31.28 9.46
N PRO D 328 -47.71 -32.27 10.35
CA PRO D 328 -47.04 -33.56 10.13
C PRO D 328 -47.48 -34.24 8.85
N ARG D 329 -46.53 -34.90 8.19
CA ARG D 329 -46.77 -35.48 6.89
C ARG D 329 -47.74 -36.67 6.98
N THR D 330 -48.67 -36.73 6.03
CA THR D 330 -49.61 -37.83 5.98
C THR D 330 -48.99 -39.07 5.37
N ASN D 331 -48.04 -38.87 4.44
CA ASN D 331 -47.39 -39.95 3.74
C ASN D 331 -46.38 -40.65 4.65
N ASN D 332 -45.95 -41.83 4.23
CA ASN D 332 -44.81 -42.49 4.86
C ASN D 332 -43.52 -42.03 4.20
N ARG D 333 -42.40 -42.40 4.84
CA ARG D 333 -41.09 -42.05 4.30
C ARG D 333 -40.80 -42.86 3.05
N THR D 334 -40.37 -42.17 1.99
CA THR D 334 -40.29 -42.79 0.68
C THR D 334 -38.92 -43.40 0.38
N SER D 335 -37.91 -43.12 1.20
CA SER D 335 -36.56 -43.62 1.01
C SER D 335 -35.86 -43.58 2.35
N PRO D 336 -34.76 -44.30 2.54
CA PRO D 336 -33.93 -44.05 3.72
C PRO D 336 -33.23 -42.70 3.69
N ARG D 337 -33.12 -42.08 2.52
CA ARG D 337 -32.53 -40.76 2.37
C ARG D 337 -33.56 -39.64 2.43
N ASP D 338 -34.76 -39.90 2.93
CA ASP D 338 -35.81 -38.90 2.99
C ASP D 338 -35.87 -38.30 4.38
N ASN D 339 -35.67 -36.98 4.48
CA ASN D 339 -35.54 -36.33 5.77
C ASN D 339 -36.78 -35.52 6.14
N THR D 340 -37.78 -35.50 5.28
CA THR D 340 -38.94 -34.66 5.51
C THR D 340 -39.80 -35.21 6.63
N LEU D 341 -40.17 -34.34 7.57
CA LEU D 341 -41.09 -34.68 8.63
C LEU D 341 -42.39 -33.93 8.57
N LEU D 342 -42.40 -32.74 7.97
CA LEU D 342 -43.53 -31.86 8.04
C LEU D 342 -43.85 -31.44 6.62
N GLN D 343 -45.10 -31.09 6.38
CA GLN D 343 -45.50 -30.63 5.06
C GLN D 343 -46.38 -29.40 5.22
N GLN D 344 -46.66 -28.76 4.08
CA GLN D 344 -47.50 -27.58 4.10
C GLN D 344 -48.94 -27.96 4.36
N LYS D 345 -49.64 -27.10 5.09
CA LYS D 345 -51.07 -27.29 5.25
C LYS D 345 -51.79 -26.90 3.97
N LEU D 346 -53.05 -27.33 3.88
CA LEU D 346 -53.96 -26.81 2.88
C LEU D 346 -54.46 -25.44 3.31
N LEU D 347 -55.21 -24.78 2.42
CA LEU D 347 -55.67 -23.42 2.69
C LEU D 347 -56.65 -23.37 3.86
N GLN D 348 -57.62 -24.28 3.90
CA GLN D 348 -58.60 -24.28 4.99
C GLN D 348 -57.94 -24.68 6.32
N GLU D 349 -56.98 -25.60 6.28
CA GLU D 349 -56.22 -25.96 7.46
C GLU D 349 -55.33 -24.81 7.92
N ALA D 350 -54.87 -23.98 6.99
CA ALA D 350 -53.93 -22.91 7.32
C ALA D 350 -54.55 -21.85 8.23
N TYR D 351 -55.87 -21.65 8.14
CA TYR D 351 -56.53 -20.59 8.91
C TYR D 351 -57.75 -21.17 9.61
N MET D 352 -57.58 -21.68 10.84
CA MET D 352 -58.74 -22.07 11.66
C MET D 352 -58.50 -21.86 13.15
N THR D 353 -57.61 -20.95 13.54
CA THR D 353 -57.28 -20.81 14.95
C THR D 353 -56.90 -19.35 15.18
N PRO D 354 -56.90 -18.87 16.44
CA PRO D 354 -56.48 -17.47 16.70
C PRO D 354 -55.06 -17.12 16.28
N LYS D 355 -54.08 -18.02 16.46
CA LYS D 355 -52.73 -17.75 15.98
C LYS D 355 -52.69 -17.65 14.45
N ASP D 356 -53.53 -18.45 13.77
CA ASP D 356 -53.64 -18.37 12.33
C ASP D 356 -54.26 -17.05 11.87
N ASP D 357 -55.13 -16.46 12.69
CA ASP D 357 -55.71 -15.16 12.36
C ASP D 357 -54.72 -14.02 12.61
N ILE D 358 -53.89 -14.15 13.64
CA ILE D 358 -52.88 -13.13 13.91
C ILE D 358 -51.82 -13.13 12.81
N ARG D 359 -51.42 -14.31 12.34
CA ARG D 359 -50.54 -14.39 11.18
C ARG D 359 -51.21 -13.86 9.93
N LEU D 360 -52.53 -14.07 9.81
CA LEU D 360 -53.27 -13.61 8.62
C LEU D 360 -53.25 -12.09 8.51
N VAL D 361 -53.25 -11.40 9.65
CA VAL D 361 -53.08 -9.95 9.67
C VAL D 361 -51.71 -9.57 9.09
N GLY D 362 -50.65 -10.19 9.59
CA GLY D 362 -49.32 -9.85 9.14
C GLY D 362 -49.05 -10.23 7.70
N GLU D 363 -49.64 -11.35 7.25
CA GLU D 363 -49.52 -11.74 5.85
C GLU D 363 -50.28 -10.78 4.95
N LEU D 364 -51.42 -10.26 5.43
CA LEU D 364 -52.14 -9.27 4.65
C LEU D 364 -51.39 -7.95 4.60
N VAL D 365 -50.75 -7.58 5.71
CA VAL D 365 -49.85 -6.41 5.75
C VAL D 365 -48.70 -6.59 4.77
N THR D 366 -48.17 -7.81 4.68
CA THR D 366 -47.06 -8.11 3.80
C THR D 366 -47.45 -7.96 2.33
N VAL D 367 -48.59 -8.50 1.95
CA VAL D 367 -49.04 -8.44 0.56
C VAL D 367 -49.42 -7.02 0.17
N ILE D 368 -50.15 -6.32 1.05
CA ILE D 368 -50.48 -4.91 0.81
C ILE D 368 -49.22 -4.07 0.73
N GLY D 369 -48.21 -4.40 1.53
CA GLY D 369 -46.91 -3.74 1.40
C GLY D 369 -46.22 -4.03 0.09
N ALA D 370 -46.34 -5.26 -0.41
CA ALA D 370 -45.69 -5.63 -1.66
C ALA D 370 -46.40 -5.05 -2.87
N ILE D 371 -47.71 -4.85 -2.77
CA ILE D 371 -48.45 -4.21 -3.85
C ILE D 371 -48.07 -2.73 -3.94
N ILE D 372 -47.94 -2.07 -2.78
CA ILE D 372 -47.56 -0.66 -2.72
C ILE D 372 -46.15 -0.46 -3.28
N ILE D 373 -45.26 -1.45 -3.09
CA ILE D 373 -43.92 -1.39 -3.69
C ILE D 373 -44.01 -1.39 -5.21
N LEU D 374 -44.83 -2.29 -5.76
CA LEU D 374 -44.99 -2.37 -7.22
C LEU D 374 -45.59 -1.10 -7.79
N LEU D 375 -46.52 -0.47 -7.07
CA LEU D 375 -47.16 0.76 -7.53
C LEU D 375 -46.17 1.91 -7.61
N VAL D 376 -45.33 2.07 -6.59
CA VAL D 376 -44.34 3.13 -6.60
C VAL D 376 -43.07 2.78 -7.37
N GLU D 377 -43.00 1.60 -7.98
CA GLU D 377 -41.81 1.24 -8.75
C GLU D 377 -42.08 0.88 -10.21
N VAL D 378 -43.08 0.04 -10.49
CA VAL D 378 -43.26 -0.52 -11.82
C VAL D 378 -43.87 0.47 -12.81
N PRO D 379 -45.01 1.22 -12.52
CA PRO D 379 -45.44 2.26 -13.47
C PRO D 379 -44.41 3.33 -13.79
N ASP D 380 -43.41 3.51 -12.92
CA ASP D 380 -42.36 4.48 -13.18
C ASP D 380 -41.46 4.06 -14.35
N ILE D 381 -41.13 2.77 -14.45
CA ILE D 381 -40.19 2.34 -15.50
C ILE D 381 -40.90 2.30 -16.85
N GLY D 397 -31.39 1.69 -9.60
CA GLY D 397 -30.56 0.81 -10.39
C GLY D 397 -30.70 -0.62 -9.92
N PRO D 398 -29.76 -1.06 -9.09
CA PRO D 398 -29.85 -2.40 -8.49
C PRO D 398 -30.90 -2.54 -7.40
N PHE D 399 -31.00 -1.57 -6.48
CA PHE D 399 -31.99 -1.66 -5.42
C PHE D 399 -33.40 -1.42 -5.96
N HIS D 400 -33.52 -0.83 -7.13
CA HIS D 400 -34.76 -0.96 -7.88
C HIS D 400 -35.08 -2.42 -8.15
N VAL D 401 -34.10 -3.16 -8.68
CA VAL D 401 -34.31 -4.55 -9.08
C VAL D 401 -34.56 -5.45 -7.87
N LEU D 402 -33.83 -5.21 -6.78
CA LEU D 402 -33.94 -6.05 -5.60
C LEU D 402 -35.31 -5.94 -4.93
N ILE D 403 -35.86 -4.73 -4.84
CA ILE D 403 -37.13 -4.59 -4.15
C ILE D 403 -38.29 -5.03 -5.04
N ILE D 404 -38.16 -4.87 -6.36
CA ILE D 404 -39.20 -5.36 -7.25
C ILE D 404 -39.22 -6.88 -7.28
N THR D 405 -38.04 -7.49 -7.23
CA THR D 405 -37.94 -8.94 -7.13
C THR D 405 -38.48 -9.43 -5.79
N TYR D 406 -38.21 -8.69 -4.71
CA TYR D 406 -38.77 -9.03 -3.42
C TYR D 406 -40.30 -8.93 -3.43
N ALA D 407 -40.85 -7.87 -4.00
CA ALA D 407 -42.29 -7.73 -4.09
C ALA D 407 -42.89 -8.79 -5.02
N PHE D 408 -42.14 -9.21 -6.03
CA PHE D 408 -42.62 -10.27 -6.91
C PHE D 408 -42.62 -11.62 -6.21
N MET D 409 -41.60 -11.90 -5.41
CA MET D 409 -41.54 -13.18 -4.69
C MET D 409 -42.59 -13.27 -3.59
N VAL D 410 -42.99 -12.13 -3.04
CA VAL D 410 -44.10 -12.12 -2.08
C VAL D 410 -45.41 -12.52 -2.75
N LEU D 411 -45.66 -12.00 -3.96
CA LEU D 411 -46.94 -12.28 -4.62
C LEU D 411 -47.03 -13.73 -5.06
N VAL D 412 -45.91 -14.33 -5.45
CA VAL D 412 -45.86 -15.75 -5.77
C VAL D 412 -46.17 -16.58 -4.53
N THR D 413 -45.72 -16.11 -3.36
CA THR D 413 -45.99 -16.83 -2.12
C THR D 413 -47.47 -16.85 -1.80
N MET D 414 -48.15 -15.72 -2.04
CA MET D 414 -49.60 -15.64 -1.84
C MET D 414 -50.35 -16.52 -2.83
N VAL D 415 -49.93 -16.48 -4.11
CA VAL D 415 -50.58 -17.26 -5.17
C VAL D 415 -50.49 -18.75 -4.86
N MET D 416 -49.31 -19.21 -4.45
CA MET D 416 -49.15 -20.60 -4.05
C MET D 416 -49.89 -20.90 -2.75
N ARG D 417 -50.03 -19.90 -1.88
CA ARG D 417 -50.82 -20.10 -0.66
C ARG D 417 -52.29 -20.30 -0.97
N LEU D 418 -52.81 -19.54 -1.93
CA LEU D 418 -54.23 -19.59 -2.25
C LEU D 418 -54.60 -20.88 -2.98
N ILE D 419 -53.76 -21.32 -3.91
CA ILE D 419 -54.06 -22.53 -4.67
C ILE D 419 -53.48 -23.77 -4.02
N SER D 420 -52.87 -23.63 -2.82
CA SER D 420 -52.26 -24.71 -2.04
C SER D 420 -51.12 -25.39 -2.80
N ALA D 421 -50.42 -24.64 -3.63
CA ALA D 421 -49.28 -25.19 -4.36
C ALA D 421 -48.11 -25.41 -3.41
N SER D 422 -47.49 -26.58 -3.52
CA SER D 422 -46.37 -26.90 -2.66
C SER D 422 -45.07 -26.32 -3.22
N GLY D 423 -44.14 -26.06 -2.31
CA GLY D 423 -42.90 -25.41 -2.66
C GLY D 423 -42.79 -23.96 -2.27
N GLU D 424 -43.62 -23.50 -1.32
CA GLU D 424 -43.61 -22.11 -0.85
C GLU D 424 -42.31 -21.73 -0.16
N VAL D 425 -41.47 -22.70 0.18
CA VAL D 425 -40.15 -22.38 0.73
C VAL D 425 -39.25 -21.77 -0.34
N VAL D 426 -39.53 -22.03 -1.62
CA VAL D 426 -38.73 -21.41 -2.67
C VAL D 426 -39.00 -19.94 -2.83
N PRO D 427 -40.25 -19.42 -2.93
CA PRO D 427 -40.43 -17.97 -2.98
C PRO D 427 -40.06 -17.24 -1.71
N MET D 428 -40.33 -17.83 -0.55
CA MET D 428 -40.00 -17.18 0.72
C MET D 428 -38.50 -16.99 0.89
N SER D 429 -37.71 -18.03 0.59
CA SER D 429 -36.27 -17.98 0.83
C SER D 429 -35.59 -16.96 -0.05
N PHE D 430 -36.04 -16.83 -1.29
CA PHE D 430 -35.64 -15.68 -2.11
C PHE D 430 -36.08 -14.38 -1.46
N ALA D 431 -37.31 -14.35 -0.95
CA ALA D 431 -37.84 -13.10 -0.41
C ALA D 431 -37.21 -12.73 0.93
N LEU D 432 -36.86 -13.71 1.77
CA LEU D 432 -36.19 -13.39 3.03
C LEU D 432 -34.79 -12.84 2.80
N VAL D 433 -34.06 -13.42 1.86
CA VAL D 433 -32.72 -12.93 1.53
C VAL D 433 -32.80 -11.59 0.82
N LEU D 434 -33.67 -11.48 -0.19
CA LEU D 434 -33.81 -10.22 -0.92
C LEU D 434 -34.45 -9.14 -0.05
N GLY D 435 -35.37 -9.53 0.83
CA GLY D 435 -36.04 -8.54 1.66
C GLY D 435 -35.13 -7.93 2.71
N TRP D 436 -34.27 -8.74 3.33
CA TRP D 436 -33.36 -8.18 4.32
C TRP D 436 -32.21 -7.43 3.66
N CYS D 437 -31.73 -7.88 2.51
CA CYS D 437 -30.61 -7.19 1.88
C CYS D 437 -31.02 -5.82 1.32
N ASN D 438 -32.32 -5.58 1.15
CA ASN D 438 -32.80 -4.22 0.87
C ASN D 438 -32.64 -3.29 2.06
N VAL D 439 -32.55 -3.82 3.28
CA VAL D 439 -32.36 -2.96 4.44
C VAL D 439 -30.98 -2.32 4.40
N MET D 440 -30.04 -2.95 3.70
CA MET D 440 -28.73 -2.35 3.47
C MET D 440 -28.78 -1.10 2.58
N TYR D 441 -29.86 -0.92 1.80
CA TYR D 441 -30.02 0.32 1.03
C TYR D 441 -30.07 1.55 1.91
N PHE D 442 -30.54 1.43 3.13
CA PHE D 442 -30.69 2.58 4.02
C PHE D 442 -29.42 2.89 4.80
N ALA D 443 -28.31 2.24 4.45
CA ALA D 443 -27.02 2.62 5.01
C ALA D 443 -26.52 3.96 4.49
N ARG D 444 -26.98 4.39 3.32
CA ARG D 444 -26.47 5.61 2.69
C ARG D 444 -26.89 6.87 3.42
N GLY D 445 -27.91 6.78 4.27
CA GLY D 445 -28.25 7.91 5.11
C GLY D 445 -27.14 8.26 6.07
N PHE D 446 -26.46 7.25 6.58
CA PHE D 446 -25.27 7.48 7.38
C PHE D 446 -24.07 7.66 6.47
N GLN D 447 -23.21 8.63 6.81
CA GLN D 447 -22.18 9.07 5.88
C GLN D 447 -21.08 8.04 5.72
N MET D 448 -20.68 7.39 6.82
CA MET D 448 -19.65 6.35 6.72
C MET D 448 -20.18 5.07 6.08
N LEU D 449 -21.47 4.77 6.26
CA LEU D 449 -21.99 3.47 5.86
C LEU D 449 -22.26 3.40 4.37
N GLY D 450 -22.54 4.52 3.71
CA GLY D 450 -22.95 4.57 2.33
C GLY D 450 -21.93 4.07 1.31
N PRO D 451 -20.68 4.53 1.37
CA PRO D 451 -19.67 3.94 0.48
C PRO D 451 -19.37 2.46 0.72
N PHE D 452 -19.75 1.90 1.88
CA PHE D 452 -19.60 0.46 2.06
C PHE D 452 -20.52 -0.31 1.13
N THR D 453 -21.71 0.23 0.87
CA THR D 453 -22.60 -0.38 -0.11
C THR D 453 -22.04 -0.23 -1.53
N ILE D 454 -21.28 0.84 -1.78
CA ILE D 454 -20.56 1.02 -3.05
C ILE D 454 -19.54 -0.10 -3.24
N MET D 455 -18.81 -0.43 -2.17
CA MET D 455 -17.81 -1.49 -2.19
C MET D 455 -18.41 -2.82 -2.57
N ILE D 456 -19.58 -3.13 -2.01
CA ILE D 456 -20.25 -4.41 -2.25
C ILE D 456 -20.64 -4.54 -3.73
N GLN D 457 -21.12 -3.45 -4.34
CA GLN D 457 -21.49 -3.48 -5.75
C GLN D 457 -20.27 -3.65 -6.65
N LYS D 458 -19.22 -2.89 -6.40
CA LYS D 458 -18.05 -2.92 -7.27
C LYS D 458 -17.27 -4.22 -7.14
N MET D 459 -17.28 -4.82 -5.94
CA MET D 459 -16.64 -6.12 -5.78
C MET D 459 -17.42 -7.23 -6.47
N ILE D 460 -18.75 -7.12 -6.53
CA ILE D 460 -19.52 -8.21 -7.10
C ILE D 460 -19.64 -8.07 -8.63
N PHE D 461 -19.75 -6.84 -9.15
CA PHE D 461 -19.88 -6.64 -10.59
C PHE D 461 -18.55 -6.29 -11.24
N GLY D 462 -17.50 -6.21 -10.46
CA GLY D 462 -16.17 -6.09 -10.96
C GLY D 462 -15.50 -7.41 -10.69
N ASP D 463 -14.76 -7.48 -9.59
CA ASP D 463 -13.82 -8.56 -9.31
C ASP D 463 -14.50 -9.92 -9.25
N LEU D 464 -15.76 -9.99 -8.81
CA LEU D 464 -16.42 -11.29 -8.80
C LEU D 464 -16.86 -11.71 -10.20
N MET D 465 -17.47 -10.80 -10.97
CA MET D 465 -17.94 -11.15 -12.31
C MET D 465 -16.80 -11.49 -13.25
N ARG D 466 -15.63 -10.91 -13.01
CA ARG D 466 -14.44 -11.33 -13.72
C ARG D 466 -13.99 -12.71 -13.27
N PHE D 467 -13.61 -12.84 -12.00
CA PHE D 467 -12.85 -13.98 -11.50
C PHE D 467 -13.68 -15.25 -11.36
N CYS D 468 -15.01 -15.15 -11.38
CA CYS D 468 -15.84 -16.35 -11.29
C CYS D 468 -15.70 -17.27 -12.49
N TRP D 469 -15.29 -16.74 -13.63
CA TRP D 469 -15.12 -17.56 -14.82
C TRP D 469 -13.85 -18.41 -14.72
N LEU D 470 -12.82 -17.85 -14.10
CA LEU D 470 -11.61 -18.62 -13.81
C LEU D 470 -11.89 -19.60 -12.67
N MET D 471 -12.74 -19.18 -11.73
CA MET D 471 -12.92 -19.93 -10.49
C MET D 471 -13.86 -21.12 -10.67
N ALA D 472 -14.93 -20.96 -11.44
CA ALA D 472 -15.87 -22.07 -11.67
C ALA D 472 -15.25 -23.14 -12.54
N VAL D 473 -14.36 -22.73 -13.45
CA VAL D 473 -13.70 -23.65 -14.36
C VAL D 473 -12.75 -24.58 -13.60
N VAL D 474 -12.05 -24.05 -12.60
CA VAL D 474 -11.24 -24.89 -11.70
C VAL D 474 -12.14 -25.82 -10.89
N ILE D 475 -13.28 -25.33 -10.44
CA ILE D 475 -14.23 -26.15 -9.70
C ILE D 475 -14.79 -27.27 -10.57
N LEU D 476 -15.12 -26.96 -11.83
CA LEU D 476 -15.62 -27.98 -12.75
C LEU D 476 -14.58 -29.04 -13.05
N GLY D 477 -13.31 -28.64 -13.12
CA GLY D 477 -12.26 -29.61 -13.40
C GLY D 477 -12.02 -30.56 -12.27
N PHE D 478 -11.98 -30.05 -11.05
CA PHE D 478 -11.69 -30.90 -9.91
C PHE D 478 -12.90 -31.66 -9.42
N ALA D 479 -14.11 -31.10 -9.57
CA ALA D 479 -15.29 -31.83 -9.15
C ALA D 479 -15.53 -33.02 -10.03
N SER D 480 -15.23 -32.88 -11.31
CA SER D 480 -15.26 -34.00 -12.24
C SER D 480 -14.20 -35.03 -11.87
N ALA D 481 -13.01 -34.56 -11.49
CA ALA D 481 -11.96 -35.47 -11.06
C ALA D 481 -12.32 -36.16 -9.75
N PHE D 482 -12.86 -35.40 -8.79
CA PHE D 482 -13.24 -35.96 -7.50
C PHE D 482 -14.40 -36.94 -7.62
N TYR D 483 -15.28 -36.73 -8.58
CA TYR D 483 -16.42 -37.62 -8.76
C TYR D 483 -15.98 -39.01 -9.19
N ILE D 484 -15.14 -39.09 -10.23
CA ILE D 484 -14.79 -40.38 -10.80
C ILE D 484 -13.83 -41.14 -9.90
N ILE D 485 -13.08 -40.44 -9.03
CA ILE D 485 -12.22 -41.12 -8.08
C ILE D 485 -13.03 -41.88 -7.04
N PHE D 486 -14.16 -41.33 -6.62
CA PHE D 486 -15.03 -41.98 -5.65
C PHE D 486 -16.23 -42.62 -6.31
N GLN D 487 -16.19 -42.78 -7.62
CA GLN D 487 -17.30 -43.40 -8.31
C GLN D 487 -17.32 -44.90 -8.04
N THR D 488 -16.15 -45.51 -7.89
CA THR D 488 -16.08 -46.92 -7.51
C THR D 488 -16.30 -47.12 -6.02
N GLU D 489 -15.85 -46.18 -5.19
CA GLU D 489 -15.85 -46.33 -3.75
C GLU D 489 -17.27 -46.28 -3.20
N ASP D 490 -17.44 -46.73 -1.96
CA ASP D 490 -18.77 -46.71 -1.33
C ASP D 490 -19.08 -45.35 -0.74
N PRO D 491 -20.26 -44.77 -1.01
CA PRO D 491 -20.54 -43.40 -0.55
C PRO D 491 -20.78 -43.27 0.94
N GLU D 492 -21.02 -44.36 1.66
CA GLU D 492 -21.34 -44.26 3.09
C GLU D 492 -20.17 -43.74 3.90
N GLU D 493 -18.97 -44.11 3.52
CA GLU D 493 -17.79 -43.57 4.19
C GLU D 493 -17.53 -42.13 3.79
N LEU D 494 -17.53 -41.85 2.48
CA LEU D 494 -17.20 -40.52 1.98
C LEU D 494 -18.21 -40.16 0.92
N GLY D 495 -19.26 -39.45 1.32
CA GLY D 495 -20.34 -39.10 0.45
C GLY D 495 -20.30 -37.66 0.01
N HIS D 496 -19.13 -37.04 0.01
CA HIS D 496 -18.98 -35.71 -0.53
C HIS D 496 -19.32 -35.69 -2.01
N PHE D 497 -19.04 -36.78 -2.71
CA PHE D 497 -19.08 -36.83 -4.17
C PHE D 497 -19.99 -37.94 -4.69
N TYR D 498 -21.09 -38.24 -4.00
CA TYR D 498 -21.87 -39.45 -4.31
C TYR D 498 -22.58 -39.34 -5.66
N ASP D 499 -23.04 -38.15 -6.03
CA ASP D 499 -23.44 -37.90 -7.40
C ASP D 499 -22.78 -36.62 -7.89
N TYR D 500 -22.92 -36.37 -9.19
CA TYR D 500 -22.22 -35.23 -9.79
C TYR D 500 -22.73 -33.86 -9.35
N PRO D 501 -24.03 -33.59 -9.11
CA PRO D 501 -24.37 -32.29 -8.52
C PRO D 501 -23.84 -32.07 -7.12
N MET D 502 -23.73 -33.10 -6.28
CA MET D 502 -23.14 -32.89 -4.96
C MET D 502 -21.64 -32.75 -5.06
N ALA D 503 -21.01 -33.42 -6.03
CA ALA D 503 -19.57 -33.27 -6.22
C ALA D 503 -19.21 -31.86 -6.65
N LEU D 504 -20.08 -31.22 -7.44
CA LEU D 504 -19.89 -29.81 -7.77
C LEU D 504 -20.04 -28.93 -6.53
N PHE D 505 -21.06 -29.20 -5.73
CA PHE D 505 -21.32 -28.36 -4.56
C PHE D 505 -20.26 -28.54 -3.50
N SER D 506 -19.79 -29.77 -3.29
CA SER D 506 -18.74 -30.01 -2.31
C SER D 506 -17.44 -29.36 -2.73
N THR D 507 -17.10 -29.42 -4.01
CA THR D 507 -15.83 -28.86 -4.48
C THR D 507 -15.87 -27.34 -4.44
N PHE D 508 -17.04 -26.76 -4.67
CA PHE D 508 -17.25 -25.35 -4.39
C PHE D 508 -17.01 -25.02 -2.92
N GLU D 509 -17.50 -25.86 -2.02
CA GLU D 509 -17.29 -25.64 -0.59
C GLU D 509 -15.85 -25.89 -0.18
N LEU D 510 -15.19 -26.85 -0.81
CA LEU D 510 -13.77 -27.06 -0.55
C LEU D 510 -12.92 -25.92 -1.11
N PHE D 511 -13.41 -25.25 -2.16
CA PHE D 511 -12.68 -24.13 -2.71
C PHE D 511 -12.65 -22.97 -1.72
N LEU D 512 -13.78 -22.67 -1.11
CA LEU D 512 -13.89 -21.57 -0.17
C LEU D 512 -13.46 -21.96 1.24
N THR D 513 -13.11 -23.23 1.44
CA THR D 513 -12.69 -23.81 2.72
C THR D 513 -13.73 -23.62 3.81
N ILE D 514 -15.00 -23.83 3.44
CA ILE D 514 -16.09 -23.72 4.39
C ILE D 514 -16.58 -25.07 4.90
N ILE D 515 -16.16 -26.16 4.27
CA ILE D 515 -16.30 -27.49 4.85
C ILE D 515 -14.91 -28.10 4.88
N ASP D 516 -14.74 -29.12 5.72
CA ASP D 516 -13.44 -29.75 5.87
C ASP D 516 -13.11 -30.64 4.69
N GLY D 517 -11.82 -30.88 4.51
CA GLY D 517 -11.33 -31.84 3.57
C GLY D 517 -11.84 -33.21 3.92
N PRO D 518 -12.36 -33.92 2.91
CA PRO D 518 -12.87 -35.27 3.14
C PRO D 518 -11.78 -36.24 3.60
N ALA D 519 -12.09 -36.96 4.67
CA ALA D 519 -11.14 -37.89 5.24
C ALA D 519 -11.92 -38.92 6.02
N ASN D 520 -11.45 -40.16 6.00
CA ASN D 520 -12.07 -41.18 6.82
C ASN D 520 -11.13 -41.71 7.90
N TYR D 521 -9.92 -42.13 7.51
CA TYR D 521 -8.81 -42.62 8.34
C TYR D 521 -9.07 -44.03 8.87
N ASN D 522 -10.27 -44.53 8.66
CA ASN D 522 -10.65 -45.88 9.02
C ASN D 522 -10.81 -46.76 7.79
N VAL D 523 -10.53 -46.21 6.60
CA VAL D 523 -10.64 -46.96 5.36
C VAL D 523 -9.57 -46.41 4.42
N ASP D 524 -9.27 -47.15 3.37
CA ASP D 524 -8.30 -46.70 2.38
C ASP D 524 -9.01 -45.88 1.32
N LEU D 525 -8.68 -44.60 1.25
CA LEU D 525 -9.11 -43.76 0.16
C LEU D 525 -8.28 -44.09 -1.07
N PRO D 526 -8.75 -43.74 -2.27
CA PRO D 526 -7.89 -43.90 -3.45
C PRO D 526 -6.66 -43.01 -3.38
N PHE D 527 -5.56 -43.50 -3.94
CA PHE D 527 -4.32 -42.74 -3.91
C PHE D 527 -4.40 -41.55 -4.85
N MET D 528 -5.25 -41.64 -5.85
CA MET D 528 -5.44 -40.54 -6.77
C MET D 528 -6.18 -39.38 -6.09
N TYR D 529 -6.92 -39.67 -5.01
CA TYR D 529 -7.58 -38.60 -4.26
C TYR D 529 -6.56 -37.70 -3.57
N SER D 530 -5.58 -38.29 -2.90
CA SER D 530 -4.62 -37.50 -2.13
C SER D 530 -3.77 -36.61 -3.02
N ILE D 531 -3.46 -37.08 -4.22
CA ILE D 531 -2.74 -36.26 -5.19
C ILE D 531 -3.63 -35.14 -5.71
N THR D 532 -4.88 -35.46 -6.04
CA THR D 532 -5.79 -34.48 -6.61
C THR D 532 -6.18 -33.42 -5.59
N TYR D 533 -6.44 -33.85 -4.36
CA TYR D 533 -6.87 -32.89 -3.36
C TYR D 533 -5.73 -32.00 -2.90
N ALA D 534 -4.51 -32.53 -2.88
CA ALA D 534 -3.37 -31.68 -2.61
C ALA D 534 -3.10 -30.71 -3.75
N ALA D 535 -3.32 -31.15 -4.99
CA ALA D 535 -3.26 -30.23 -6.12
C ALA D 535 -4.39 -29.21 -6.05
N PHE D 536 -5.57 -29.63 -5.60
CA PHE D 536 -6.69 -28.71 -5.46
C PHE D 536 -6.45 -27.70 -4.35
N ALA D 537 -5.87 -28.15 -3.24
CA ALA D 537 -5.73 -27.31 -2.05
C ALA D 537 -4.75 -26.18 -2.29
N ILE D 538 -3.70 -26.44 -3.08
CA ILE D 538 -2.74 -25.39 -3.40
C ILE D 538 -3.39 -24.35 -4.31
N ILE D 539 -4.09 -24.79 -5.35
CA ILE D 539 -4.73 -23.89 -6.31
C ILE D 539 -5.83 -23.09 -5.64
N ALA D 540 -6.62 -23.74 -4.80
CA ALA D 540 -7.72 -23.07 -4.13
C ALA D 540 -7.23 -22.01 -3.15
N THR D 541 -6.12 -22.23 -2.45
CA THR D 541 -5.56 -21.13 -1.65
C THR D 541 -4.95 -20.06 -2.54
N LEU D 542 -4.28 -20.46 -3.61
CA LEU D 542 -3.65 -19.51 -4.52
C LEU D 542 -4.68 -18.63 -5.22
N LEU D 543 -5.76 -19.24 -5.74
CA LEU D 543 -6.79 -18.47 -6.40
C LEU D 543 -7.59 -17.61 -5.43
N MET D 544 -7.78 -18.06 -4.18
CA MET D 544 -8.61 -17.31 -3.26
C MET D 544 -7.87 -16.11 -2.70
N LEU D 545 -6.55 -16.21 -2.52
CA LEU D 545 -5.78 -15.02 -2.14
C LEU D 545 -5.69 -14.03 -3.29
N ASN D 546 -5.72 -14.53 -4.52
CA ASN D 546 -5.76 -13.68 -5.70
C ASN D 546 -7.05 -12.88 -5.74
N LEU D 547 -8.16 -13.47 -5.32
CA LEU D 547 -9.42 -12.74 -5.24
C LEU D 547 -9.37 -11.70 -4.13
N LEU D 548 -8.54 -11.93 -3.11
CA LEU D 548 -8.38 -10.96 -2.03
C LEU D 548 -7.59 -9.75 -2.50
N ILE D 549 -6.52 -9.96 -3.25
CA ILE D 549 -5.74 -8.83 -3.75
C ILE D 549 -6.54 -8.06 -4.79
N ALA D 550 -7.36 -8.75 -5.57
CA ALA D 550 -8.24 -8.07 -6.51
C ALA D 550 -9.26 -7.22 -5.77
N MET D 551 -9.90 -7.77 -4.75
CA MET D 551 -10.77 -6.97 -3.90
C MET D 551 -10.01 -6.01 -3.00
N MET D 552 -8.69 -6.15 -2.88
CA MET D 552 -7.90 -5.13 -2.21
C MET D 552 -7.80 -3.87 -3.03
N GLY D 553 -7.44 -4.01 -4.31
CA GLY D 553 -7.31 -2.84 -5.17
C GLY D 553 -8.63 -2.13 -5.40
N ASP D 554 -9.73 -2.87 -5.29
CA ASP D 554 -11.06 -2.29 -5.51
C ASP D 554 -11.44 -1.35 -4.38
N THR D 555 -11.60 -1.89 -3.17
CA THR D 555 -12.22 -1.14 -2.09
C THR D 555 -11.29 -0.07 -1.54
N HIS D 556 -9.98 -0.26 -1.66
CA HIS D 556 -9.05 0.72 -1.12
C HIS D 556 -9.07 2.02 -1.90
N TRP D 557 -8.79 1.96 -3.19
CA TRP D 557 -8.54 3.15 -3.99
C TRP D 557 -9.77 3.65 -4.73
N ARG D 558 -10.58 2.75 -5.26
CA ARG D 558 -11.72 3.20 -6.05
C ARG D 558 -12.81 3.78 -5.17
N VAL D 559 -12.97 3.26 -3.94
CA VAL D 559 -14.09 3.61 -3.09
C VAL D 559 -13.66 4.33 -1.81
N ALA D 560 -12.75 3.73 -1.04
CA ALA D 560 -12.40 4.31 0.26
C ALA D 560 -11.57 5.57 0.12
N HIS D 561 -10.83 5.69 -0.98
CA HIS D 561 -10.17 6.97 -1.27
C HIS D 561 -11.19 8.03 -1.66
N GLU D 562 -12.27 7.64 -2.33
CA GLU D 562 -13.30 8.56 -2.81
C GLU D 562 -14.62 8.39 -2.08
N ARG D 563 -14.58 8.21 -0.76
CA ARG D 563 -15.81 7.90 -0.03
C ARG D 563 -16.73 9.11 0.07
N ASP D 564 -16.19 10.32 0.16
CA ASP D 564 -17.04 11.49 0.28
C ASP D 564 -17.71 11.84 -1.05
N GLU D 565 -17.00 11.63 -2.16
CA GLU D 565 -17.60 11.84 -3.47
C GLU D 565 -18.70 10.83 -3.75
N LEU D 566 -18.47 9.56 -3.42
CA LEU D 566 -19.45 8.53 -3.68
C LEU D 566 -20.69 8.69 -2.80
N TRP D 567 -20.49 9.13 -1.56
CA TRP D 567 -21.64 9.31 -0.68
C TRP D 567 -22.47 10.52 -1.09
N ARG D 568 -21.81 11.56 -1.61
CA ARG D 568 -22.55 12.73 -2.06
C ARG D 568 -23.36 12.41 -3.30
N ALA D 569 -22.83 11.59 -4.19
CA ALA D 569 -23.59 11.16 -5.36
C ALA D 569 -24.72 10.24 -4.97
N GLN D 570 -24.60 9.55 -3.83
CA GLN D 570 -25.72 8.78 -3.31
C GLN D 570 -26.85 9.67 -2.81
N ILE D 571 -26.50 10.81 -2.20
CA ILE D 571 -27.52 11.72 -1.66
C ILE D 571 -28.34 12.33 -2.78
N VAL D 572 -27.68 12.82 -3.82
CA VAL D 572 -28.37 13.46 -4.94
C VAL D 572 -29.29 12.45 -5.63
N ALA D 573 -28.82 11.21 -5.76
CA ALA D 573 -29.66 10.16 -6.33
C ALA D 573 -30.83 9.84 -5.42
N THR D 574 -30.61 9.81 -4.10
CA THR D 574 -31.67 9.50 -3.16
C THR D 574 -32.69 10.61 -3.09
N THR D 575 -32.21 11.87 -3.09
CA THR D 575 -33.09 13.02 -2.92
C THR D 575 -33.96 13.26 -4.16
N VAL D 576 -33.38 13.12 -5.35
CA VAL D 576 -34.13 13.26 -6.59
C VAL D 576 -35.19 12.18 -6.70
N MET D 577 -34.88 10.97 -6.22
CA MET D 577 -35.90 9.94 -6.10
C MET D 577 -36.97 10.31 -5.07
N LEU D 578 -36.56 10.91 -3.95
CA LEU D 578 -37.50 11.36 -2.95
C LEU D 578 -38.42 12.44 -3.48
N GLU D 579 -37.88 13.38 -4.26
CA GLU D 579 -38.68 14.49 -4.77
C GLU D 579 -39.75 14.02 -5.75
N ARG D 580 -39.44 13.04 -6.58
CA ARG D 580 -40.42 12.50 -7.52
C ARG D 580 -41.54 11.76 -6.81
N LYS D 581 -41.23 11.10 -5.68
CA LYS D 581 -42.16 10.19 -5.04
C LYS D 581 -42.70 10.73 -3.72
N LEU D 582 -42.80 12.04 -3.59
CA LEU D 582 -43.32 12.57 -2.35
C LEU D 582 -44.24 13.73 -2.68
N PRO D 583 -45.27 13.97 -1.86
CA PRO D 583 -46.14 15.13 -2.11
C PRO D 583 -45.44 16.44 -1.78
N ARG D 584 -46.06 17.52 -2.25
CA ARG D 584 -45.48 18.85 -2.11
C ARG D 584 -45.47 19.31 -0.67
N CYS D 585 -46.45 18.87 0.12
CA CYS D 585 -46.56 19.27 1.52
C CYS D 585 -45.36 18.83 2.33
N LEU D 586 -44.78 17.68 1.99
CA LEU D 586 -43.66 17.14 2.74
C LEU D 586 -42.34 17.81 2.35
N TRP D 587 -42.21 18.19 1.09
CA TRP D 587 -40.96 18.70 0.54
C TRP D 587 -41.05 20.18 0.16
N PRO D 588 -40.65 21.10 1.04
CA PRO D 588 -40.55 22.51 0.63
C PRO D 588 -39.37 22.76 -0.29
N ARG D 589 -39.56 23.73 -1.18
CA ARG D 589 -38.54 24.17 -2.11
C ARG D 589 -37.36 24.79 -1.35
N SER D 590 -36.15 24.46 -1.79
CA SER D 590 -34.96 24.90 -1.07
C SER D 590 -34.57 26.31 -1.47
N GLY D 591 -33.77 26.94 -0.60
CA GLY D 591 -33.43 28.33 -0.80
C GLY D 591 -34.39 29.27 -0.13
N ILE D 592 -34.32 30.54 -0.53
CA ILE D 592 -35.19 31.61 -0.05
C ILE D 592 -35.82 32.29 -1.25
N CYS D 593 -37.14 32.37 -1.26
CA CYS D 593 -37.84 32.98 -2.39
C CYS D 593 -37.75 34.50 -2.33
N GLY D 594 -37.62 35.11 -3.50
CA GLY D 594 -37.78 36.55 -3.62
C GLY D 594 -39.23 36.95 -3.65
N ARG D 595 -39.47 38.21 -4.03
CA ARG D 595 -40.74 38.95 -4.15
C ARG D 595 -41.31 39.29 -2.77
N GLU D 596 -40.79 38.67 -1.72
CA GLU D 596 -40.85 39.21 -0.38
C GLU D 596 -39.55 39.92 -0.05
N TYR D 597 -38.56 39.84 -0.95
CA TYR D 597 -37.29 40.53 -0.84
C TYR D 597 -36.90 41.24 -2.14
N GLY D 598 -37.78 41.27 -3.13
CA GLY D 598 -37.56 42.05 -4.34
C GLY D 598 -36.43 41.58 -5.23
N LEU D 599 -36.28 40.28 -5.37
CA LEU D 599 -35.20 39.72 -6.19
C LEU D 599 -35.69 39.01 -7.44
N GLY D 600 -37.00 38.96 -7.66
CA GLY D 600 -37.59 38.08 -8.63
C GLY D 600 -38.44 37.03 -7.96
N ASP D 601 -39.03 36.17 -8.76
CA ASP D 601 -39.77 35.05 -8.21
C ASP D 601 -38.88 33.83 -8.01
N ARG D 602 -37.58 33.98 -8.27
CA ARG D 602 -36.61 32.91 -8.23
C ARG D 602 -36.26 32.54 -6.79
N TRP D 603 -35.79 31.31 -6.60
CA TRP D 603 -35.44 30.80 -5.29
C TRP D 603 -33.94 30.88 -5.10
N PHE D 604 -33.50 31.74 -4.17
CA PHE D 604 -32.10 32.07 -4.01
C PHE D 604 -31.51 31.36 -2.80
N LEU D 605 -30.26 30.92 -2.93
CA LEU D 605 -29.52 30.32 -1.84
C LEU D 605 -28.39 31.24 -1.40
N ARG D 606 -28.36 31.59 -0.13
CA ARG D 606 -27.34 32.47 0.40
C ARG D 606 -26.22 31.68 1.07
N VAL D 607 -24.98 31.96 0.69
CA VAL D 607 -23.81 31.29 1.25
C VAL D 607 -22.84 32.33 1.79
N GLU D 608 -22.52 32.25 3.08
CA GLU D 608 -21.53 33.11 3.71
C GLU D 608 -20.22 32.36 3.89
N ASP D 609 -19.14 32.90 3.31
CA ASP D 609 -17.85 32.21 3.31
C ASP D 609 -16.75 33.19 3.65
N ARG D 610 -15.58 32.66 4.01
CA ARG D 610 -14.42 33.45 4.40
C ARG D 610 -13.40 33.43 3.25
N GLN D 611 -13.13 34.62 2.70
CA GLN D 611 -12.33 34.73 1.48
C GLN D 611 -10.85 34.49 1.74
N ASP D 612 -10.41 34.62 2.99
CA ASP D 612 -9.01 34.41 3.38
C ASP D 612 -8.42 33.06 2.97
CAA Y01 E . -6.81 -7.36 48.24
CBA Y01 E . -6.21 -6.10 47.61
CAB Y01 E . -5.00 -5.62 48.42
CAN Y01 E . -5.84 -6.37 46.11
CAJ Y01 E . -5.44 -5.07 45.37
CAO Y01 E . -6.55 -4.58 44.37
CBB Y01 E . -5.92 -4.06 43.00
CAC Y01 E . -5.72 -5.37 42.21
CBE Y01 E . -6.65 -3.04 42.23
CAP Y01 E . -7.49 -2.21 43.19
CAQ Y01 E . -7.68 -0.63 42.56
CBG Y01 E . -6.57 -0.45 41.35
CBI Y01 E . -5.66 -1.88 41.49
CAE Y01 E . -4.40 -1.75 42.39
CAU Y01 E . -5.30 -2.34 40.30
CAS Y01 E . -5.17 -1.48 39.17
CBF Y01 E . -5.69 -0.10 39.42
CBD Y01 E . -6.87 -0.09 40.30
CAK Y01 E . -7.64 0.77 40.21
CAI Y01 E . -7.34 2.06 39.44
CAZ Y01 E . -6.40 1.91 38.36
CAV Y01 E . -7.00 2.66 36.68
CBH Y01 E . -5.73 0.89 38.26
CAD Y01 E . -4.25 1.29 38.12
CAT Y01 E . -6.32 -0.22 36.93
CAR Y01 E . -7.08 0.43 35.68
CBC Y01 E . -6.70 1.80 35.50
OAW Y01 E . -7.16 2.15 34.08
CAY Y01 E . -8.13 3.16 33.74
OAG Y01 E . -9.23 2.91 34.01
CAM Y01 E . -7.68 4.42 32.97
CAL Y01 E . -8.66 4.90 31.88
CAX Y01 E . -8.16 4.53 30.47
OAH Y01 E . -8.94 3.97 29.67
OAF Y01 E . -7.01 4.80 30.09
CAA Y01 F . -18.60 -12.77 28.61
CBA Y01 F . -18.72 -11.86 27.41
CAB Y01 F . -20.18 -11.83 26.94
CAN Y01 F . -18.19 -10.43 27.74
CAJ Y01 F . -18.32 -9.44 26.53
CAO Y01 F . -16.91 -8.98 25.98
CBB Y01 F . -16.76 -7.43 25.59
CAC Y01 F . -17.90 -6.59 26.20
CBE Y01 F . -15.49 -6.78 25.96
CAP Y01 F . -14.43 -7.77 26.45
CAQ Y01 F . -13.16 -7.77 25.30
CBG Y01 F . -13.10 -6.21 24.77
CBI Y01 F . -14.76 -5.86 24.74
CAE Y01 F . -15.42 -6.23 23.36
CAU Y01 F . -15.04 -4.60 25.04
CAS Y01 F . -14.02 -3.61 25.19
CBF Y01 F . -12.75 -4.14 24.63
CBD Y01 F . -12.40 -5.43 25.23
CAK Y01 F . -11.28 -5.74 25.28
CAI Y01 F . -10.17 -4.72 25.05
CAZ Y01 F . -10.50 -3.59 24.26
CAV Y01 F . -9.19 -2.22 24.20
CBH Y01 F . -11.65 -3.23 24.17
CAD Y01 F . -12.03 -3.13 22.68
CAT Y01 F . -11.92 -1.69 25.06
CAR Y01 F . -10.86 -0.51 24.80
CBC Y01 F . -9.66 -0.84 24.02
OAW Y01 F . -8.42 0.02 24.12
CAY Y01 F . -8.26 1.43 24.48
OAG Y01 F . -8.90 1.92 25.32
CAM Y01 F . -7.17 2.28 23.79
CAL Y01 F . -7.32 3.77 24.15
CAX Y01 F . -6.67 4.22 25.47
OAH Y01 F . -7.32 4.19 26.54
OAF Y01 F . -5.48 4.62 25.47
C310 POV G . -27.56 -10.99 36.60
C311 POV G . -26.23 -10.21 36.62
C312 POV G . -25.88 -9.65 35.22
C313 POV G . -26.15 -8.13 35.10
C33 POV G . -30.49 -18.22 36.43
C34 POV G . -29.71 -17.24 35.51
C35 POV G . -29.50 -15.85 36.15
C36 POV G . -29.46 -14.73 35.08
C37 POV G . -28.89 -13.39 35.61
C38 POV G . -27.75 -13.56 36.65
C39 POV G . -27.53 -12.28 37.48
N POV H . -42.82 -22.08 16.00
P POV H . -38.97 -20.54 17.90
C1 POV H . -38.39 -18.03 17.92
C2 POV H . -38.72 -16.71 18.61
C3 POV H . -39.83 -16.04 17.81
C310 POV H . -33.70 -6.64 14.95
C11 POV H . -41.16 -20.24 16.51
O11 POV H . -39.33 -18.99 18.36
C12 POV H . -42.22 -21.23 17.08
O12 POV H . -39.91 -20.90 16.60
C13 POV H . -44.22 -22.32 16.40
O13 POV H . -37.51 -20.58 17.49
C14 POV H . -42.88 -21.59 14.60
O14 POV H . -39.23 -21.51 19.04
C15 POV H . -42.07 -23.34 15.96
C21 POV H . -37.15 -15.43 19.81
O21 POV H . -37.57 -15.92 18.55
C22 POV H . -36.78 -13.93 19.96
O22 POV H . -37.06 -16.16 20.74
C23 POV H . -36.24 -13.38 18.62
C24 POV H . -34.69 -13.41 18.62
C25 POV H . -34.09 -12.02 18.34
C26 POV H . -33.06 -11.63 19.42
C27 POV H . -31.60 -11.93 18.97
C28 POV H . -31.21 -11.13 17.70
C31 POV H . -39.88 -14.73 15.88
O31 POV H . -39.33 -15.85 16.50
C32 POV H . -39.23 -13.35 16.07
O32 POV H . -40.83 -14.83 15.20
C33 POV H . -38.05 -13.14 15.09
C34 POV H . -38.47 -12.25 13.90
C35 POV H . -37.30 -11.41 13.35
C36 POV H . -36.34 -10.92 14.45
C37 POV H . -36.18 -9.40 14.44
C38 POV H . -34.80 -8.95 14.95
C39 POV H . -34.20 -7.83 14.09
C213 POV I . -32.27 0.93 8.61
C214 POV I . -30.86 1.50 8.91
C215 POV I . -29.76 0.84 8.06
C216 POV I . -28.78 0.00 8.91
C217 POV I . -28.37 -1.31 8.20
C218 POV I . -27.47 -1.06 6.98
C310 POV J . -17.39 -14.49 49.26
C311 POV J . -17.93 -14.93 47.87
C312 POV J . -17.29 -14.13 46.72
C313 POV J . -17.81 -14.62 45.34
C314 POV J . -17.08 -13.88 44.21
C315 POV J . -15.56 -14.11 44.24
C316 POV J . -15.17 -15.36 43.42
C38 POV J . -19.77 -14.74 50.17
C39 POV J . -18.27 -15.01 50.41
MG MG K . -12.14 2.66 12.90
C213 POV L . 0.89 -6.87 32.87
C214 POV L . 1.75 -6.60 31.62
C215 POV L . 0.90 -6.43 30.33
C216 POV L . 1.11 -7.58 29.33
C217 POV L . -0.20 -8.01 28.65
C218 POV L . -0.74 -6.95 27.67
CAA Y01 M . -20.29 -17.40 -9.58
CBA Y01 M . -19.50 -17.83 -8.34
CAB Y01 M . -18.68 -16.66 -7.77
CAN Y01 M . -18.61 -19.11 -8.55
CAJ Y01 M . -19.09 -20.06 -9.67
CAO Y01 M . -19.56 -21.44 -9.08
CBB Y01 M . -21.13 -21.61 -8.78
CAC Y01 M . -21.89 -20.75 -9.82
CBE Y01 M . -21.64 -23.01 -8.80
CAP Y01 M . -20.54 -23.93 -8.29
CAQ Y01 M . -21.29 -25.46 -8.14
CBG Y01 M . -22.80 -25.13 -7.53
CBI Y01 M . -22.94 -23.44 -7.79
CAE Y01 M . -22.60 -22.57 -6.54
CAU Y01 M . -24.11 -23.12 -8.33
CAS Y01 M . -25.26 -23.98 -8.24
CBF Y01 M . -24.94 -25.18 -7.42
CBD Y01 M . -23.68 -25.82 -7.82
CAK Y01 M . -23.53 -26.94 -7.57
CAI Y01 M . -24.66 -27.84 -7.13
CAZ Y01 M . -25.74 -27.14 -6.51
CAV Y01 M . -27.18 -28.32 -6.13
CBH Y01 M . -26.05 -26.05 -6.90
CAD Y01 M . -26.51 -25.12 -5.76
CAT Y01 M . -27.24 -26.20 -8.23
CAR Y01 M . -28.52 -27.13 -7.91
CBC Y01 M . -28.49 -27.93 -6.66
OAW Y01 M . -29.47 -29.10 -6.67
CAY Y01 M . -29.23 -30.24 -5.77
OAG Y01 M . -28.78 -31.24 -6.23
CAM Y01 M . -29.60 -30.23 -4.25
CAL Y01 M . -29.43 -31.64 -3.62
CAX Y01 M . -30.77 -32.26 -3.20
OAH Y01 M . -30.79 -33.22 -2.39
OAF Y01 M . -31.84 -31.83 -3.68
MG MG N . -14.65 -29.26 10.84
CAA Y01 O . -22.26 -6.82 16.34
CBA Y01 O . -21.54 -7.93 15.59
CAB Y01 O . -20.17 -7.46 15.04
CAN Y01 O . -22.39 -8.64 14.48
CAJ Y01 O . -23.91 -8.58 14.71
CAO Y01 O . -24.52 -10.01 15.00
CBB Y01 O . -24.74 -10.40 16.54
CAC Y01 O . -25.04 -9.10 17.32
CBE Y01 O . -25.79 -11.42 16.81
CAP Y01 O . -25.84 -12.39 15.63
CAQ Y01 O . -26.90 -13.63 16.15
CBG Y01 O . -26.52 -13.88 17.73
CBI Y01 O . -25.59 -12.50 18.11
CAE Y01 O . -24.05 -12.71 18.06
CAU Y01 O . -25.97 -11.96 19.26
CAS Y01 O . -26.71 -12.69 20.26
CBF Y01 O . -26.86 -14.11 19.83
CBD Y01 O . -27.35 -14.22 18.46
CAK Y01 O . -27.91 -15.19 18.15
CAI Y01 O . -28.41 -16.21 19.15
CAZ Y01 O . -27.70 -16.19 20.38
CAV Y01 O . -28.49 -17.36 21.64
CBH Y01 O . -27.28 -15.15 20.83
CAD Y01 O . -25.94 -15.30 21.54
CAT Y01 O . -28.55 -14.39 21.84
CAR Y01 O . -29.19 -15.35 22.98
CBC Y01 O . -28.85 -16.78 22.94
OAW Y01 O . -29.82 -17.66 23.71
CAY Y01 O . -29.92 -19.09 23.37
OAG Y01 O . -30.85 -19.46 22.74
CAM Y01 O . -28.90 -20.18 23.85
CAL Y01 O . -29.38 -21.62 23.54
CAX Y01 O . -29.74 -22.41 24.81
OAH Y01 O . -29.80 -23.66 24.78
OAF Y01 O . -29.97 -21.81 25.90
CAA Y01 P . 28.20 -39.08 10.44
CBA Y01 P . 28.71 -37.70 9.99
CAB Y01 P . 29.82 -37.87 8.95
CAN Y01 P . 27.53 -36.83 9.46
CAJ Y01 P . 27.96 -35.36 9.19
CAO Y01 P . 27.26 -34.34 10.16
CBB Y01 P . 26.83 -33.00 9.41
CAC Y01 P . 25.43 -33.37 8.88
CBE Y01 P . 26.85 -31.77 10.21
CAP Y01 P . 27.99 -31.88 11.23
CAQ Y01 P . 28.58 -30.31 11.63
CBG Y01 P . 27.94 -29.29 10.49
CBI Y01 P . 27.27 -30.36 9.35
CAE Y01 P . 28.28 -30.82 8.26
CAU Y01 P . 26.19 -29.88 8.78
CAS Y01 P . 25.93 -28.48 8.72
CBF Y01 P . 26.93 -27.69 9.53
CBD Y01 P . 27.32 -28.37 10.77
CAK Y01 P . 27.65 -27.73 11.67
CAI Y01 P . 28.02 -26.25 11.55
CAZ Y01 P . 27.44 -25.55 10.43
CAV Y01 P . 26.70 -23.82 10.85
CBH Y01 P . 26.80 -26.19 9.59
CAD Y01 P . 27.28 -25.78 8.18
CAT Y01 P . 25.01 -26.03 9.80
CAR Y01 P . 24.46 -24.81 10.68
CBC Y01 P . 25.30 -23.68 10.37
OAW Y01 P . 24.48 -22.41 10.59
CAY Y01 P . 24.60 -21.53 11.74
OAG Y01 P . 24.42 -21.95 12.81
CAM Y01 P . 24.93 -20.05 11.45
CAL Y01 P . 24.39 -18.98 12.42
CAX Y01 P . 23.18 -18.24 11.85
OAH Y01 P . 22.14 -18.13 12.55
OAF Y01 P . 23.22 -17.73 10.71
CAA Y01 Q . 8.45 -29.93 19.05
CBA Y01 Q . 8.19 -28.44 19.09
CAB Y01 Q . 7.45 -28.12 20.41
CAN Y01 Q . 9.51 -27.60 18.99
CAJ Y01 Q . 9.27 -26.07 19.25
CAO Y01 Q . 9.30 -25.19 17.94
CBB Y01 Q . 10.17 -23.84 17.99
CAC Y01 Q . 10.97 -23.73 19.31
CBE Y01 Q . 11.14 -23.61 16.90
CAP Y01 Q . 11.06 -24.68 15.80
CAQ Y01 Q . 10.64 -23.88 14.34
CBG Y01 Q . 11.17 -22.32 14.47
CBI Y01 Q . 11.03 -22.09 16.14
CAE Y01 Q . 9.67 -21.42 16.57
CAU Y01 Q . 12.04 -21.39 16.66
CAS Y01 Q . 13.01 -20.72 15.85
CBF Y01 Q . 12.49 -20.66 14.45
CBD Y01 Q . 12.14 -21.98 13.94
CAK Y01 Q . 12.10 -22.14 12.79
CAI Y01 Q . 12.81 -21.21 11.82
CAZ Y01 Q . 12.95 -19.86 12.29
CAV Y01 Q . 14.04 -18.76 11.17
CBH Y01 Q . 12.97 -19.61 13.47
CAD Y01 Q . 11.92 -18.53 13.79
CAT Y01 Q . 14.61 -19.13 14.02
CAR Y01 Q . 15.39 -18.07 13.07
CBC Y01 Q . 14.73 -17.66 11.82
OAW Y01 Q . 15.47 -16.91 10.71
CAY Y01 Q . 16.79 -16.28 10.69
OAG Y01 Q . 17.64 -16.64 11.41
CAM Y01 Q . 17.12 -15.14 9.69
CAL Y01 Q . 18.34 -14.31 10.14
CAX Y01 Q . 19.73 -14.89 9.84
OAH Y01 Q . 20.30 -15.66 10.67
OAF Y01 Q . 20.35 -14.60 8.79
CAA Y01 R . 2.85 -17.38 22.36
CBA Y01 R . 1.65 -17.60 21.44
CAB Y01 R . 1.85 -16.84 20.10
CAN Y01 R . 0.27 -17.26 22.11
CAJ Y01 R . 0.27 -17.55 23.64
CAO Y01 R . -0.57 -18.82 24.03
CBB Y01 R . 0.23 -20.18 24.34
CAC Y01 R . 1.59 -19.76 24.94
CBE Y01 R . -0.44 -21.13 25.25
CAP Y01 R . -1.95 -21.00 25.07
CAQ Y01 R . -2.62 -22.31 25.96
CBG Y01 R . -1.60 -23.57 25.69
CBI Y01 R . -0.22 -22.82 25.02
CAE Y01 R . -0.09 -22.88 23.46
CAU Y01 R . 0.90 -23.22 25.60
CAS Y01 R . 0.99 -24.47 26.33
CBF Y01 R . -0.31 -25.21 26.22
CBD Y01 R . -1.46 -24.36 26.54
CAK Y01 R . -2.44 -24.86 26.91
CAI Y01 R . -2.50 -26.31 27.32
CAZ Y01 R . -1.47 -27.12 26.75
CAV Y01 R . -1.52 -28.87 27.47
CBH Y01 R . -0.38 -26.65 26.57
CAD Y01 R . 0.28 -27.18 25.28
CAT Y01 R . 0.62 -26.88 28.03
CAR Y01 R . 0.67 -28.39 28.61
CBC Y01 R . -0.26 -29.38 28.04
OAW Y01 R . -0.49 -30.59 28.93
CAY Y01 R . -1.71 -31.39 28.75
OAG Y01 R . -2.59 -31.26 29.52
CAM Y01 R . -1.87 -32.47 27.62
CAL Y01 R . -3.17 -33.29 27.81
CAX Y01 R . -2.89 -34.76 28.17
OAH Y01 R . -3.79 -35.63 28.01
OAF Y01 R . -1.77 -35.10 28.62
C310 POV S . 13.62 -34.65 29.06
C311 POV S . 14.41 -34.03 27.89
C312 POV S . 13.86 -32.65 27.50
C313 POV S . 14.75 -31.48 28.00
C33 POV S . 8.07 -39.87 30.73
C34 POV S . 8.22 -38.48 30.04
C35 POV S . 9.66 -37.91 30.14
C36 POV S . 9.66 -36.36 30.17
C37 POV S . 11.04 -35.74 29.88
C38 POV S . 11.88 -36.53 28.83
C39 POV S . 13.39 -36.18 28.91
N POV T . -11.36 -29.05 40.20
P POV T . -8.29 -29.09 36.83
C1 POV T . -6.47 -27.23 36.69
C2 POV T . -5.14 -26.81 37.29
C3 POV T . -5.44 -25.83 38.42
C310 POV T . 0.00 -16.76 33.67
C11 POV T . -9.45 -28.01 38.90
O11 POV T . -6.96 -28.30 37.45
C12 POV T . -9.91 -29.16 39.85
O12 POV T . -9.62 -28.47 37.57
C13 POV T . -11.49 -29.57 41.58
O13 POV T . -8.38 -28.82 35.34
C14 POV T . -12.03 -27.73 40.20
O14 POV T . -8.18 -30.58 37.10
C15 POV T . -12.12 -29.90 39.26
C21 POV T . -3.11 -26.63 36.10
O21 POV T . -4.42 -26.13 36.31
C22 POV T . -1.93 -25.64 36.00
O22 POV T . -2.92 -27.80 35.98
C23 POV T . -2.40 -24.30 35.42
C24 POV T . -2.13 -24.24 33.91
C25 POV T . -1.29 -23.02 33.51
C26 POV T . -0.06 -23.43 32.66
C27 POV T . -0.31 -23.27 31.14
C28 POV T . -0.65 -21.80 30.77
C31 POV T . -5.93 -23.54 38.50
O31 POV T . -6.16 -24.76 37.85
C32 POV T . -4.75 -22.65 38.08
O32 POV T . -6.67 -23.19 39.36
C33 POV T . -5.13 -21.76 36.89
C34 POV T . -5.42 -20.31 37.33
C35 POV T . -5.02 -19.27 36.27
C36 POV T . -3.73 -19.64 35.53
C37 POV T . -2.68 -18.51 35.60
C38 POV T . -1.75 -18.50 34.36
C39 POV T . -1.52 -17.07 33.86
C310 POV U . 22.13 -45.47 19.69
C311 POV U . 20.74 -44.86 19.99
C312 POV U . 20.60 -43.44 19.42
C313 POV U . 19.22 -42.82 19.67
C314 POV U . 19.12 -41.44 18.99
C315 POV U . 19.20 -41.54 17.46
C316 POV U . 17.82 -41.81 16.82
C38 POV U . 22.11 -46.38 22.07
C39 POV U . 22.46 -46.68 20.59
MG MG V . 8.50 -7.63 13.61
CAA Y01 W . -13.78 -33.86 -32.84
CBA Y01 W . -13.08 -32.54 -33.16
CAB Y01 W . -13.72 -31.88 -34.38
CAN Y01 W . -13.09 -31.60 -31.91
CAJ Y01 W . -12.21 -30.34 -32.13
CAO Y01 W . -10.89 -30.37 -31.27
CBB Y01 W . -10.56 -28.96 -30.64
CAC Y01 W . -11.40 -28.98 -29.35
CBE Y01 W . -9.14 -28.62 -30.41
CAP Y01 W . -8.31 -29.31 -31.50
CAQ Y01 W . -6.85 -28.43 -31.74
CBG Y01 W . -7.10 -26.94 -31.06
CBI Y01 W . -8.74 -27.00 -30.64
CAE Y01 W . -9.69 -26.50 -31.77
CAU Y01 W . -8.99 -26.33 -29.53
CAS Y01 W . -8.15 -25.27 -29.08
CBF Y01 W . -6.87 -25.18 -29.88
CBD Y01 W . -6.35 -26.49 -30.30
CAK Y01 W . -5.22 -26.62 -30.50
CAI Y01 W . -4.29 -25.43 -30.64
CAZ Y01 W . -4.68 -24.24 -29.94
CAV Y01 W . -3.32 -23.47 -28.82
CBH Y01 W . -5.83 -24.15 -29.48
CAD Y01 W . -6.47 -22.85 -29.99
CAT Y01 W . -5.89 -24.36 -27.67
CAR Y01 W . -4.61 -23.99 -26.81
CBC Y01 W . -3.84 -23.00 -27.51
OAW Y01 W . -2.93 -22.36 -26.46
CAY Y01 W . -1.51 -22.43 -26.48
OAG Y01 W . -1.04 -23.49 -26.30
CAM Y01 W . -0.69 -21.13 -26.67
CAL Y01 W . 0.61 -21.04 -25.82
CAX Y01 W . 0.42 -20.19 -24.56
OAH Y01 W . 0.79 -20.64 -23.45
OAF Y01 W . -0.07 -19.03 -24.62
CAA Y01 X . -5.04 -34.31 -11.10
CBA Y01 X . -3.98 -33.35 -10.58
CAB Y01 X . -2.90 -34.17 -9.89
CAN Y01 X . -3.35 -32.49 -11.74
CAJ Y01 X . -2.16 -31.60 -11.25
CAO Y01 X . -2.49 -30.06 -11.27
CBB Y01 X . -1.39 -29.08 -11.92
CAC Y01 X . -0.23 -29.87 -12.55
CBE Y01 X . -1.85 -28.11 -12.93
CAP Y01 X . -3.36 -28.14 -13.13
CAQ Y01 X . -3.95 -26.58 -12.75
CBG Y01 X . -2.73 -25.51 -13.00
CBI Y01 X . -1.40 -26.50 -12.65
CAE Y01 X . -0.94 -26.37 -11.15
CAU Y01 X . -0.36 -26.29 -13.46
CAS Y01 X . -0.31 -25.19 -14.39
CBF Y01 X . -1.38 -24.21 -14.01
CBD Y01 X . -2.69 -24.84 -13.96
CAK Y01 X . -3.63 -24.18 -14.10
CAI Y01 X . -3.55 -22.82 -14.79
CAZ Y01 X . -2.31 -22.14 -14.63
CAV Y01 X . -2.14 -20.55 -15.66
CBH Y01 X . -1.29 -22.77 -14.43
CAD Y01 X . -0.59 -22.20 -13.18
CAT Y01 X . -0.23 -22.76 -15.89
CAR Y01 X . -0.01 -21.35 -16.62
CBC Y01 X . -0.80 -20.21 -16.14
OAW Y01 X . -1.02 -19.00 -17.04
CAY Y01 X . -0.20 -18.43 -18.10
OAG Y01 X . 0.39 -19.11 -18.84
CAM Y01 X . -0.16 -16.89 -18.33
CAL Y01 X . 0.95 -16.55 -19.35
CAX Y01 X . 0.54 -16.62 -20.82
OAH Y01 X . 0.68 -17.69 -21.46
OAF Y01 X . 0.11 -15.59 -21.40
C310 POV Y . -0.19 -44.34 -15.96
C311 POV Y . -0.46 -43.04 -16.76
C312 POV Y . 0.10 -41.80 -16.03
C313 POV Y . 1.40 -41.27 -16.66
C33 POV Y . -3.55 -49.51 -11.21
C34 POV Y . -3.09 -48.03 -11.20
C35 POV Y . -2.36 -47.62 -12.50
C36 POV Y . -1.29 -46.54 -12.24
C37 POV Y . -0.83 -45.81 -13.53
C38 POV Y . -1.94 -45.62 -14.59
C39 POV Y . -1.37 -45.34 -15.99
N POV Z . 6.93 -49.34 10.56
P POV Z . 5.15 -46.83 7.20
C1 POV Z . 6.59 -45.38 5.67
C2 POV Z . 7.58 -45.38 4.51
C3 POV Z . 8.97 -45.46 5.11
C310 POV Z . 12.69 -35.39 0.75
C11 POV Z . 7.12 -47.58 8.74
O11 POV Z . 6.39 -46.71 6.11
C12 POV Z . 6.90 -49.08 9.08
O12 POV Z . 5.82 -46.99 8.70
C13 POV Z . 7.52 -50.68 10.73
O13 POV Z . 4.36 -45.55 7.15
C14 POV Z . 7.69 -48.45 11.46
O14 POV Z . 4.27 -48.03 6.87
C15 POV Z . 5.54 -49.32 11.05
C21 POV Z . 7.18 -44.31 2.47
O21 POV Z . 7.42 -44.17 3.85
C22 POV Z . 7.99 -43.47 1.45
O22 POV Z . 6.33 -45.05 2.07
C23 POV Z . 8.41 -42.13 2.08
C24 POV Z . 7.41 -41.01 1.68
C25 POV Z . 8.12 -39.82 1.01
C26 POV Z . 7.44 -39.48 -0.34
C27 POV Z . 6.46 -38.29 -0.23
C28 POV Z . 7.18 -36.96 0.10
C31 POV Z . 10.47 -43.90 5.98
O31 POV Z . 9.14 -44.31 5.90
C32 POV Z . 11.03 -42.95 4.91
O32 POV Z . 11.16 -44.26 6.86
C33 POV Z . 10.67 -41.48 5.23
C34 POV Z . 11.89 -40.74 5.86
C35 POV Z . 11.93 -39.24 5.51
C36 POV Z . 11.38 -38.92 4.11
C37 POV Z . 12.39 -38.13 3.26
C38 POV Z . 11.70 -37.19 2.27
C39 POV Z . 12.39 -35.82 2.21
C213 POV AA . 19.00 -27.69 1.44
C214 POV AA . 18.46 -26.58 0.52
C215 POV AA . 17.49 -25.62 1.24
C216 POV AA . 16.05 -25.74 0.73
C217 POV AA . 15.02 -25.66 1.87
C218 POV AA . 14.86 -24.23 2.43
C310 POV BA . -12.57 -45.20 -27.01
C311 POV BA . -12.18 -45.04 -25.52
C312 POV BA . -11.72 -43.60 -25.21
C313 POV BA . -11.37 -43.41 -23.72
C314 POV BA . -10.96 -41.95 -23.46
C315 POV BA . -12.11 -40.96 -23.69
C316 POV BA . -13.07 -40.88 -22.49
C38 POV BA . -11.48 -47.52 -26.96
C39 POV BA . -12.69 -46.69 -27.42
MG MG CA . 6.30 -14.53 -8.45
CAA Y01 DA . 4.99 -27.91 -3.39
CBA Y01 DA . 3.89 -27.50 -2.41
CAB Y01 DA . 3.50 -26.01 -2.60
CAN Y01 DA . 4.21 -27.81 -0.90
CAJ Y01 DA . 5.13 -29.01 -0.69
CAO Y01 DA . 4.39 -30.20 0.01
CBB Y01 DA . 3.82 -31.35 -0.96
CAC Y01 DA . 4.78 -31.43 -2.18
CBE Y01 DA . 3.67 -32.69 -0.36
CAP Y01 DA . 3.34 -32.54 1.13
CAQ Y01 DA . 2.99 -34.13 1.65
CBG Y01 DA . 2.11 -34.79 0.41
CBI Y01 DA . 2.42 -33.72 -0.87
CAE Y01 DA . 1.30 -32.66 -1.13
CAU Y01 DA . 2.75 -34.37 -1.99
CAS Y01 DA . 2.44 -35.75 -2.20
CBF Y01 DA . 1.61 -36.27 -1.07
CBD Y01 DA . 2.19 -35.93 0.23
CAK Y01 DA . 1.88 -36.58 1.15
CAI Y01 DA . 1.28 -37.95 0.98
CAZ Y01 DA . 0.49 -38.07 -0.19
CAV Y01 DA . -0.22 -39.82 -0.35
CBH Y01 DA . 0.87 -37.55 -1.21
CAD Y01 DA . -0.29 -37.02 -2.07
CAT Y01 DA . 1.94 -38.69 -2.08
CAR Y01 DA . 1.36 -40.18 -2.28
CBC Y01 DA . 0.10 -40.54 -1.60
OAW Y01 DA . -0.14 -42.03 -1.47
CAY Y01 DA . -1.04 -42.54 -0.42
OAG Y01 DA . -0.55 -43.02 0.55
CAM Y01 DA . -2.60 -42.54 -0.55
CAL Y01 DA . -3.25 -43.33 0.62
CAX Y01 DA . -3.94 -44.62 0.14
OAH Y01 DA . -4.81 -45.17 0.86
OAF Y01 DA . -3.64 -45.12 -0.97
CAA Y01 EA . -48.79 -2.12 4.97
CBA Y01 EA . -47.99 -0.91 4.46
CAB Y01 EA . -48.54 0.38 5.08
CAN Y01 EA . -46.47 -1.10 4.76
CAJ Y01 EA . -45.61 -0.01 4.07
CAO Y01 EA . -44.76 -0.59 2.87
CBB Y01 EA . -43.30 0.03 2.84
CAC Y01 EA . -42.54 -0.87 3.83
CBE Y01 EA . -42.63 0.15 1.53
CAP Y01 EA . -43.71 0.37 0.46
CAQ Y01 EA . -43.03 1.27 -0.85
CBG Y01 EA . -41.61 1.91 -0.30
CBI Y01 EA . -41.64 1.52 1.35
CAE Y01 EA . -42.30 2.62 2.25
CAU Y01 EA . -40.45 1.23 1.82
CAS Y01 EA . -39.26 1.73 1.20
CBF Y01 EA . -39.53 2.41 -0.12
CBD Y01 EA . -40.61 1.76 -0.87
CAK Y01 EA . -40.63 1.83 -2.03
CAI Y01 EA . -39.77 2.84 -2.78
CAZ Y01 EA . -38.54 3.20 -2.13
CAV Y01 EA . -36.95 3.07 -3.22
CBH Y01 EA . -38.36 2.90 -0.94
CAD Y01 EA . -37.95 4.17 -0.18
CAT Y01 EA . -37.22 1.51 -0.73
CAR Y01 EA . -36.11 1.23 -1.85
CBC Y01 EA . -35.79 2.46 -2.52
OAW Y01 EA . -34.46 2.21 -3.22
CAY Y01 EA . -34.26 2.19 -4.64
OAG Y01 EA . -34.75 1.32 -5.22
CAM Y01 EA . -33.35 3.27 -5.27
CAL Y01 EA . -32.45 2.80 -6.43
CAX Y01 EA . -30.99 2.61 -5.99
OAH Y01 EA . -30.38 1.55 -6.28
OAF Y01 EA . -30.38 3.50 -5.37
CAA Y01 FA . -32.00 -17.16 -1.59
CBA Y01 FA . -30.77 -16.76 -2.41
CAB Y01 FA . -30.58 -17.80 -3.52
CAN Y01 FA . -30.92 -15.33 -3.01
CAJ Y01 FA . -29.72 -14.94 -3.94
CAO Y01 FA . -28.82 -13.78 -3.34
CBB Y01 FA . -28.37 -12.60 -4.34
CAC Y01 FA . -29.14 -12.68 -5.68
CBE Y01 FA . -28.50 -11.22 -3.87
CAP Y01 FA . -28.93 -11.14 -2.40
CAQ Y01 FA . -27.63 -10.38 -1.57
CBG Y01 FA . -26.91 -9.35 -2.62
CBI Y01 FA . -27.12 -10.24 -4.06
CAE Y01 FA . -25.89 -11.18 -4.38
CAU Y01 FA . -27.38 -9.48 -5.11
CAS Y01 FA . -27.28 -8.05 -5.07
CBF Y01 FA . -26.53 -7.67 -3.84
CBD Y01 FA . -27.15 -8.22 -2.64
CAK Y01 FA . -26.97 -7.70 -1.62
CAI Y01 FA . -26.50 -6.26 -1.56
CAZ Y01 FA . -25.72 -5.81 -2.66
CAV Y01 FA . -25.36 -3.94 -2.66
CBH Y01 FA . -25.83 -6.35 -3.74
CAD Y01 FA . -24.44 -6.78 -4.22
CAT Y01 FA . -26.67 -5.27 -4.91
CAR Y01 FA . -26.16 -3.75 -4.99
CBC Y01 FA . -25.18 -3.31 -3.97
OAW Y01 FA . -24.99 -1.83 -3.67
CAY Y01 FA . -25.25 -0.66 -4.48
OAG Y01 FA . -26.17 -0.59 -5.20
CAM Y01 FA . -24.34 0.59 -4.33
CAL Y01 FA . -24.65 1.62 -5.46
CAX Y01 FA . -25.81 2.57 -5.18
OAH Y01 FA . -26.98 2.26 -5.54
OAF Y01 FA . -25.61 3.67 -4.63
C310 POV GA . -41.37 -20.68 -8.42
C311 POV GA . -41.11 -19.21 -8.02
C312 POV GA . -39.64 -18.81 -8.30
C313 POV GA . -39.49 -17.92 -9.56
C33 POV GA . -42.10 -27.87 -5.50
C34 POV GA . -41.01 -26.79 -5.72
C35 POV GA . -41.52 -25.55 -6.48
C36 POV GA . -40.41 -24.90 -7.34
C37 POV GA . -40.76 -23.47 -7.80
C38 POV GA . -41.58 -22.65 -6.78
C39 POV GA . -42.29 -21.44 -7.43
N POV HA . -24.50 -42.34 -13.63
P POV HA . -25.58 -38.31 -11.79
C1 POV HA . -25.41 -36.13 -13.12
C2 POV HA . -26.06 -35.27 -14.19
C3 POV HA . -25.43 -35.68 -15.51
C310 POV HA . -21.04 -25.26 -17.96
C11 POV HA . -24.61 -39.81 -13.69
O11 POV HA . -26.04 -37.39 -13.08
C12 POV HA . -25.41 -41.14 -13.69
O12 POV HA . -24.50 -39.43 -12.33
C13 POV HA . -25.17 -43.40 -14.42
O13 POV HA . -24.90 -37.39 -10.80
C14 POV HA . -23.12 -42.26 -14.14
O14 POV HA . -26.78 -38.98 -11.15
C15 POV HA . -24.40 -42.75 -12.22
C21 POV HA . -26.87 -33.10 -13.84
O21 POV HA . -25.74 -33.94 -13.93
C22 POV HA . -26.87 -31.76 -14.60
O22 POV HA . -27.80 -33.41 -13.17
C23 POV HA . -25.43 -31.21 -14.72
C24 POV HA . -25.15 -30.18 -13.60
C25 POV HA . -24.70 -28.83 -14.17
C26 POV HA . -25.55 -27.67 -13.59
C27 POV HA . -24.85 -26.96 -12.40
C28 POV HA . -23.52 -26.27 -12.84
C31 POV HA . -23.48 -35.10 -16.66
O31 POV HA . -24.06 -35.40 -15.42
C32 POV HA . -23.49 -33.65 -17.17
O32 POV HA . -22.99 -35.96 -17.32
C33 POV HA . -22.30 -32.85 -16.58
C34 POV HA . -21.17 -32.67 -17.61
C35 POV HA . -20.35 -31.39 -17.38
C36 POV HA . -21.23 -30.21 -16.92
C37 POV HA . -21.12 -29.01 -17.87
C38 POV HA . -21.35 -27.66 -17.14
C39 POV HA . -20.33 -26.59 -17.60
C213 POV IA . -14.16 -19.89 -22.83
C214 POV IA . -14.17 -18.48 -22.20
C215 POV IA . -13.17 -18.34 -21.03
C216 POV IA . -13.86 -18.14 -19.66
C217 POV IA . -13.17 -18.93 -18.54
C218 POV IA . -11.80 -18.35 -18.17
C310 POV JA . -52.09 -14.23 2.51
C311 POV JA . -50.86 -15.14 2.29
C312 POV JA . -49.57 -14.32 2.09
C313 POV JA . -48.32 -15.21 1.93
C314 POV JA . -47.05 -14.36 1.79
C315 POV JA . -46.78 -13.51 3.04
C316 POV JA . -45.97 -14.27 4.09
C38 POV JA . -53.42 -15.88 1.07
C39 POV JA . -53.42 -15.02 2.35
MG MG KA . -14.56 -4.29 -9.26
#